data_1LMP
# 
_entry.id   1LMP 
# 
_audit_conform.dict_name       mmcif_pdbx.dic 
_audit_conform.dict_version    5.398 
_audit_conform.dict_location   http://mmcif.pdb.org/dictionaries/ascii/mmcif_pdbx.dic 
# 
loop_
_database_2.database_id 
_database_2.database_code 
_database_2.pdbx_database_accession 
_database_2.pdbx_DOI 
PDB   1LMP         pdb_00001lmp 10.2210/pdb1lmp/pdb 
WWPDB D_1000174764 ?            ?                   
# 
loop_
_pdbx_audit_revision_history.ordinal 
_pdbx_audit_revision_history.data_content_type 
_pdbx_audit_revision_history.major_revision 
_pdbx_audit_revision_history.minor_revision 
_pdbx_audit_revision_history.revision_date 
1 'Structure model' 1 0 1996-01-01 
2 'Structure model' 1 1 2008-03-24 
3 'Structure model' 1 2 2011-07-13 
4 'Structure model' 1 3 2018-04-18 
5 'Structure model' 2 0 2020-07-29 
6 'Structure model' 3 0 2023-07-26 
7 'Structure model' 3 1 2024-10-30 
# 
loop_
_pdbx_audit_revision_details.ordinal 
_pdbx_audit_revision_details.revision_ordinal 
_pdbx_audit_revision_details.data_content_type 
_pdbx_audit_revision_details.provider 
_pdbx_audit_revision_details.type 
_pdbx_audit_revision_details.description 
_pdbx_audit_revision_details.details 
1 1 'Structure model' repository 'Initial release' ?                          ? 
2 5 'Structure model' repository Remediation       'Carbohydrate remediation' ? 
3 6 'Structure model' repository Remediation       ?                          
'Coordinates and associated ncs operations (if present) transformed into standard crystal frame' 
# 
loop_
_pdbx_audit_revision_group.ordinal 
_pdbx_audit_revision_group.revision_ordinal 
_pdbx_audit_revision_group.data_content_type 
_pdbx_audit_revision_group.group 
1  2 'Structure model' 'Version format compliance' 
2  3 'Structure model' Advisory                    
3  3 'Structure model' 'Version format compliance' 
4  4 'Structure model' 'Data collection'           
5  4 'Structure model' Other                       
6  5 'Structure model' Advisory                    
7  5 'Structure model' 'Atomic model'              
8  5 'Structure model' 'Data collection'           
9  5 'Structure model' 'Database references'       
10 5 'Structure model' 'Derived calculations'      
11 5 'Structure model' 'Structure summary'         
12 6 'Structure model' Advisory                    
13 6 'Structure model' 'Atomic model'              
14 6 'Structure model' 'Data collection'           
15 6 'Structure model' 'Database references'       
16 6 'Structure model' 'Derived calculations'      
17 6 'Structure model' Other                       
18 6 'Structure model' 'Structure summary'         
19 7 'Structure model' 'Data collection'           
20 7 'Structure model' 'Structure summary'         
# 
loop_
_pdbx_audit_revision_category.ordinal 
_pdbx_audit_revision_category.revision_ordinal 
_pdbx_audit_revision_category.data_content_type 
_pdbx_audit_revision_category.category 
1  4 'Structure model' diffrn_detector               
2  4 'Structure model' pdbx_database_status          
3  5 'Structure model' atom_site                     
4  5 'Structure model' chem_comp                     
5  5 'Structure model' entity                        
6  5 'Structure model' pdbx_branch_scheme            
7  5 'Structure model' pdbx_chem_comp_identifier     
8  5 'Structure model' pdbx_entity_branch            
9  5 'Structure model' pdbx_entity_branch_descriptor 
10 5 'Structure model' pdbx_entity_branch_link       
11 5 'Structure model' pdbx_entity_branch_list       
12 5 'Structure model' pdbx_entity_nonpoly           
13 5 'Structure model' pdbx_nonpoly_scheme           
14 5 'Structure model' pdbx_struct_assembly_gen      
15 5 'Structure model' pdbx_validate_close_contact   
16 5 'Structure model' struct_asym                   
17 5 'Structure model' struct_conn                   
18 5 'Structure model' struct_ref_seq_dif            
19 5 'Structure model' struct_site                   
20 5 'Structure model' struct_site_gen               
21 6 'Structure model' atom_site                     
22 6 'Structure model' atom_sites                    
23 6 'Structure model' chem_comp                     
24 6 'Structure model' database_2                    
25 6 'Structure model' database_PDB_matrix           
26 6 'Structure model' pdbx_database_remark          
27 6 'Structure model' pdbx_validate_close_contact   
28 6 'Structure model' pdbx_validate_rmsd_angle      
29 6 'Structure model' struct_conn                   
30 7 'Structure model' chem_comp_atom                
31 7 'Structure model' chem_comp_bond                
32 7 'Structure model' pdbx_entry_details            
33 7 'Structure model' pdbx_modification_feature     
# 
loop_
_pdbx_audit_revision_item.ordinal 
_pdbx_audit_revision_item.revision_ordinal 
_pdbx_audit_revision_item.data_content_type 
_pdbx_audit_revision_item.item 
1  4 'Structure model' '_diffrn_detector.detector'                   
2  4 'Structure model' '_pdbx_database_status.process_site'          
3  5 'Structure model' '_atom_site.B_iso_or_equiv'                   
4  5 'Structure model' '_atom_site.Cartn_x'                          
5  5 'Structure model' '_atom_site.Cartn_y'                          
6  5 'Structure model' '_atom_site.Cartn_z'                          
7  5 'Structure model' '_atom_site.auth_asym_id'                     
8  5 'Structure model' '_atom_site.auth_atom_id'                     
9  5 'Structure model' '_atom_site.auth_comp_id'                     
10 5 'Structure model' '_atom_site.auth_seq_id'                      
11 5 'Structure model' '_atom_site.label_asym_id'                    
12 5 'Structure model' '_atom_site.label_atom_id'                    
13 5 'Structure model' '_atom_site.label_comp_id'                    
14 5 'Structure model' '_atom_site.label_entity_id'                  
15 5 'Structure model' '_atom_site.type_symbol'                      
16 5 'Structure model' '_chem_comp.name'                             
17 5 'Structure model' '_chem_comp.type'                             
18 5 'Structure model' '_pdbx_struct_assembly_gen.asym_id_list'      
19 5 'Structure model' '_pdbx_validate_close_contact.auth_asym_id_1' 
20 5 'Structure model' '_pdbx_validate_close_contact.auth_asym_id_2' 
21 5 'Structure model' '_pdbx_validate_close_contact.auth_atom_id_1' 
22 5 'Structure model' '_pdbx_validate_close_contact.auth_atom_id_2' 
23 5 'Structure model' '_pdbx_validate_close_contact.auth_comp_id_1' 
24 5 'Structure model' '_pdbx_validate_close_contact.auth_comp_id_2' 
25 5 'Structure model' '_pdbx_validate_close_contact.auth_seq_id_1'  
26 5 'Structure model' '_pdbx_validate_close_contact.auth_seq_id_2'  
27 5 'Structure model' '_struct_conn.pdbx_dist_value'                
28 5 'Structure model' '_struct_conn.pdbx_leaving_atom_flag'         
29 5 'Structure model' '_struct_conn.ptnr1_auth_asym_id'             
30 5 'Structure model' '_struct_conn.ptnr1_auth_comp_id'             
31 5 'Structure model' '_struct_conn.ptnr1_auth_seq_id'              
32 5 'Structure model' '_struct_conn.ptnr1_label_asym_id'            
33 5 'Structure model' '_struct_conn.ptnr1_label_atom_id'            
34 5 'Structure model' '_struct_conn.ptnr1_label_comp_id'            
35 5 'Structure model' '_struct_conn.ptnr2_auth_asym_id'             
36 5 'Structure model' '_struct_conn.ptnr2_auth_comp_id'             
37 5 'Structure model' '_struct_conn.ptnr2_auth_seq_id'              
38 5 'Structure model' '_struct_conn.ptnr2_label_asym_id'            
39 5 'Structure model' '_struct_conn.ptnr2_label_atom_id'            
40 5 'Structure model' '_struct_conn.ptnr2_label_comp_id'            
41 5 'Structure model' '_struct_ref_seq_dif.details'                 
42 6 'Structure model' '_atom_site.Cartn_x'                          
43 6 'Structure model' '_atom_site.Cartn_y'                          
44 6 'Structure model' '_atom_sites.fract_transf_matrix[1][1]'       
45 6 'Structure model' '_atom_sites.fract_transf_matrix[1][2]'       
46 6 'Structure model' '_atom_sites.fract_transf_matrix[2][1]'       
47 6 'Structure model' '_atom_sites.fract_transf_matrix[2][2]'       
48 6 'Structure model' '_chem_comp.pdbx_synonyms'                    
49 6 'Structure model' '_database_2.pdbx_DOI'                        
50 6 'Structure model' '_database_2.pdbx_database_accession'         
51 6 'Structure model' '_database_PDB_matrix.origx[1][1]'            
52 6 'Structure model' '_database_PDB_matrix.origx[1][2]'            
53 6 'Structure model' '_database_PDB_matrix.origx[2][1]'            
54 6 'Structure model' '_database_PDB_matrix.origx[2][2]'            
55 6 'Structure model' '_pdbx_validate_close_contact.dist'           
56 6 'Structure model' '_pdbx_validate_rmsd_angle.angle_deviation'   
57 6 'Structure model' '_pdbx_validate_rmsd_angle.angle_value'       
58 6 'Structure model' '_struct_conn.pdbx_dist_value'                
# 
_pdbx_database_status.status_code                     REL 
_pdbx_database_status.entry_id                        1LMP 
_pdbx_database_status.recvd_initial_deposition_date   1994-10-25 
_pdbx_database_status.deposit_site                    ? 
_pdbx_database_status.process_site                    BNL 
_pdbx_database_status.status_code_sf                  REL 
_pdbx_database_status.status_code_mr                  ? 
_pdbx_database_status.SG_entry                        ? 
_pdbx_database_status.pdb_format_compatible           Y 
_pdbx_database_status.status_code_cs                  ? 
_pdbx_database_status.methods_development_category    ? 
_pdbx_database_status.status_code_nmr_data            ? 
# 
loop_
_audit_author.name 
_audit_author.pdbx_ordinal 
'Karlsen, S.' 1 
'Hough, E.'   2 
# 
loop_
_citation.id 
_citation.title 
_citation.journal_abbrev 
_citation.journal_volume 
_citation.page_first 
_citation.page_last 
_citation.year 
_citation.journal_id_ASTM 
_citation.country 
_citation.journal_id_ISSN 
_citation.journal_id_CSD 
_citation.book_publisher 
_citation.pdbx_database_id_PubMed 
_citation.pdbx_database_id_DOI 
primary 
;Crystal structures of three complexes between chito-oligosaccharides and lysozyme from the rainbow trout. How distorted is the NAG sugar in site D?
;
'Acta Crystallogr.,Sect.D' 51  962 978 1995 ABCRE6 DK 0907-4449 0766 ? 15299765 10.1107/S0907444995005105 
1       'The Refined Crystal Structure of Lysozyme from Rainbow Trout (Oncorhynchus Mykiss)' 'To be Published'          ?   ?   ? 
?    ?      ?  ?         0353 ? ?        ?                         
2       'Purification and Characterization of Two Lysozymes from Rainbow Trout (Salmo Gairdneri)' Eur.J.Biochem.             173 
269 ?   1988 EJBCAI IX 0014-2956 0262 ? ?        ?                         
# 
loop_
_citation_author.citation_id 
_citation_author.name 
_citation_author.ordinal 
_citation_author.identifier_ORCID 
primary 'Karlsen, S.'    1  ? 
primary 'Hough, E.'      2  ? 
1       'Karlsen, S.'    3  ? 
1       'Eliassen, B.E.' 4  ? 
1       'Hansen, L.Kr.'  5  ? 
1       'Larsen, R.L.'   6  ? 
1       'Riise, B.W.'    7  ? 
1       'Smalaas, A.O.'  8  ? 
1       'Hough, E.'      9  ? 
1       'Grinde, B.'     10 ? 
2       'Grinde, B.'     11 ? 
2       'Jolles, J.'     12 ? 
2       'Jolles, P.'     13 ? 
# 
loop_
_entity.id 
_entity.type 
_entity.src_method 
_entity.pdbx_description 
_entity.formula_weight 
_entity.pdbx_number_of_molecules 
_entity.pdbx_ec 
_entity.pdbx_mutation 
_entity.pdbx_fragment 
_entity.details 
1 polymer  nat LYSOZYME 14303.068 1   3.2.1.17 ? ? ? 
2 branched man 
;2-acetamido-2-deoxy-beta-D-glucopyranose-(1-4)-2-acetamido-2-deoxy-beta-D-glucopyranose-(1-4)-2-acetamido-2-deoxy-alpha-D-glucopyranose
;
627.594   1   ?        ? ? ? 
3 water    nat water 18.015    117 ?        ? ? ? 
# 
_entity_name_com.entity_id   1 
_entity_name_com.name        'MUCOPEPTIDE N-ACETYLMURAMYLHYDROLASE' 
# 
_entity_poly.entity_id                      1 
_entity_poly.type                           'polypeptide(L)' 
_entity_poly.nstd_linkage                   no 
_entity_poly.nstd_monomer                   no 
_entity_poly.pdbx_seq_one_letter_code       
;KVYDRCELARALKASGMDGYAGNSLPNWVCLSKWESSYNTQATNRNTDGSTDYGIFQINSRYWCDDGRTPGAKNVCGIRC
SQLLTDDLTVAIRCAKRVVLDPNGIGAWVAWRLHCQNQDLRSYVAGCGV
;
_entity_poly.pdbx_seq_one_letter_code_can   
;KVYDRCELARALKASGMDGYAGNSLPNWVCLSKWESSYNTQATNRNTDGSTDYGIFQINSRYWCDDGRTPGAKNVCGIRC
SQLLTDDLTVAIRCAKRVVLDPNGIGAWVAWRLHCQNQDLRSYVAGCGV
;
_entity_poly.pdbx_strand_id                 A 
_entity_poly.pdbx_target_identifier         ? 
# 
_pdbx_entity_nonpoly.entity_id   3 
_pdbx_entity_nonpoly.name        water 
_pdbx_entity_nonpoly.comp_id     HOH 
# 
loop_
_entity_poly_seq.entity_id 
_entity_poly_seq.num 
_entity_poly_seq.mon_id 
_entity_poly_seq.hetero 
1 1   LYS n 
1 2   VAL n 
1 3   TYR n 
1 4   ASP n 
1 5   ARG n 
1 6   CYS n 
1 7   GLU n 
1 8   LEU n 
1 9   ALA n 
1 10  ARG n 
1 11  ALA n 
1 12  LEU n 
1 13  LYS n 
1 14  ALA n 
1 15  SER n 
1 16  GLY n 
1 17  MET n 
1 18  ASP n 
1 19  GLY n 
1 20  TYR n 
1 21  ALA n 
1 22  GLY n 
1 23  ASN n 
1 24  SER n 
1 25  LEU n 
1 26  PRO n 
1 27  ASN n 
1 28  TRP n 
1 29  VAL n 
1 30  CYS n 
1 31  LEU n 
1 32  SER n 
1 33  LYS n 
1 34  TRP n 
1 35  GLU n 
1 36  SER n 
1 37  SER n 
1 38  TYR n 
1 39  ASN n 
1 40  THR n 
1 41  GLN n 
1 42  ALA n 
1 43  THR n 
1 44  ASN n 
1 45  ARG n 
1 46  ASN n 
1 47  THR n 
1 48  ASP n 
1 49  GLY n 
1 50  SER n 
1 51  THR n 
1 52  ASP n 
1 53  TYR n 
1 54  GLY n 
1 55  ILE n 
1 56  PHE n 
1 57  GLN n 
1 58  ILE n 
1 59  ASN n 
1 60  SER n 
1 61  ARG n 
1 62  TYR n 
1 63  TRP n 
1 64  CYS n 
1 65  ASP n 
1 66  ASP n 
1 67  GLY n 
1 68  ARG n 
1 69  THR n 
1 70  PRO n 
1 71  GLY n 
1 72  ALA n 
1 73  LYS n 
1 74  ASN n 
1 75  VAL n 
1 76  CYS n 
1 77  GLY n 
1 78  ILE n 
1 79  ARG n 
1 80  CYS n 
1 81  SER n 
1 82  GLN n 
1 83  LEU n 
1 84  LEU n 
1 85  THR n 
1 86  ASP n 
1 87  ASP n 
1 88  LEU n 
1 89  THR n 
1 90  VAL n 
1 91  ALA n 
1 92  ILE n 
1 93  ARG n 
1 94  CYS n 
1 95  ALA n 
1 96  LYS n 
1 97  ARG n 
1 98  VAL n 
1 99  VAL n 
1 100 LEU n 
1 101 ASP n 
1 102 PRO n 
1 103 ASN n 
1 104 GLY n 
1 105 ILE n 
1 106 GLY n 
1 107 ALA n 
1 108 TRP n 
1 109 VAL n 
1 110 ALA n 
1 111 TRP n 
1 112 ARG n 
1 113 LEU n 
1 114 HIS n 
1 115 CYS n 
1 116 GLN n 
1 117 ASN n 
1 118 GLN n 
1 119 ASP n 
1 120 LEU n 
1 121 ARG n 
1 122 SER n 
1 123 TYR n 
1 124 VAL n 
1 125 ALA n 
1 126 GLY n 
1 127 CYS n 
1 128 GLY n 
1 129 VAL n 
# 
_entity_src_nat.entity_id                  1 
_entity_src_nat.pdbx_src_id                1 
_entity_src_nat.pdbx_alt_source_flag       sample 
_entity_src_nat.pdbx_beg_seq_num           ? 
_entity_src_nat.pdbx_end_seq_num           ? 
_entity_src_nat.common_name                'rainbow trout' 
_entity_src_nat.pdbx_organism_scientific   'Oncorhynchus mykiss' 
_entity_src_nat.pdbx_ncbi_taxonomy_id      8022 
_entity_src_nat.genus                      Oncorhynchus 
_entity_src_nat.species                    ? 
_entity_src_nat.strain                     ? 
_entity_src_nat.tissue                     ? 
_entity_src_nat.tissue_fraction            ? 
_entity_src_nat.pdbx_secretion             ? 
_entity_src_nat.pdbx_fragment              ? 
_entity_src_nat.pdbx_variant               ? 
_entity_src_nat.pdbx_cell_line             ? 
_entity_src_nat.pdbx_atcc                  ? 
_entity_src_nat.pdbx_cellular_location     ? 
_entity_src_nat.pdbx_organ                 KIDNEY 
_entity_src_nat.pdbx_organelle             ? 
_entity_src_nat.pdbx_cell                  ? 
_entity_src_nat.pdbx_plasmid_name          ? 
_entity_src_nat.pdbx_plasmid_details       ? 
_entity_src_nat.details                    ? 
# 
_pdbx_entity_branch.entity_id   2 
_pdbx_entity_branch.type        oligosaccharide 
# 
loop_
_pdbx_entity_branch_descriptor.ordinal 
_pdbx_entity_branch_descriptor.entity_id 
_pdbx_entity_branch_descriptor.descriptor 
_pdbx_entity_branch_descriptor.type 
_pdbx_entity_branch_descriptor.program 
_pdbx_entity_branch_descriptor.program_version 
1 2 DGlcpNAcb1-4DGlcpNAcb1-4DGlcpNAca1-ROH                                                 'Glycam Condensed Sequence' GMML       
1.0   
2 2 'WURCS=2.0/2,3,2/[a2122h-1a_1-5_2*NCC/3=O][a2122h-1b_1-5_2*NCC/3=O]/1-2-2/a4-b1_b4-c1' WURCS                       PDB2Glycan 
1.1.0 
3 2 '[][a-D-GlcpNAc]{[(4+1)][b-D-GlcpNAc]{[(4+1)][b-D-GlcpNAc]{}}}'                        LINUCS                      PDB-CARE   
?     
# 
loop_
_pdbx_entity_branch_link.link_id 
_pdbx_entity_branch_link.entity_id 
_pdbx_entity_branch_link.entity_branch_list_num_1 
_pdbx_entity_branch_link.comp_id_1 
_pdbx_entity_branch_link.atom_id_1 
_pdbx_entity_branch_link.leaving_atom_id_1 
_pdbx_entity_branch_link.entity_branch_list_num_2 
_pdbx_entity_branch_link.comp_id_2 
_pdbx_entity_branch_link.atom_id_2 
_pdbx_entity_branch_link.leaving_atom_id_2 
_pdbx_entity_branch_link.value_order 
_pdbx_entity_branch_link.details 
1 2 2 NAG C1 O1 1 NDG O4 HO4 sing ? 
2 2 3 NAG C1 O1 2 NAG O4 HO4 sing ? 
# 
loop_
_chem_comp.id 
_chem_comp.type 
_chem_comp.mon_nstd_flag 
_chem_comp.name 
_chem_comp.pdbx_synonyms 
_chem_comp.formula 
_chem_comp.formula_weight 
ALA 'L-peptide linking'           y ALANINE                                   ? 'C3 H7 N O2'     89.093  
ARG 'L-peptide linking'           y ARGININE                                  ? 'C6 H15 N4 O2 1' 175.209 
ASN 'L-peptide linking'           y ASPARAGINE                                ? 'C4 H8 N2 O3'    132.118 
ASP 'L-peptide linking'           y 'ASPARTIC ACID'                           ? 'C4 H7 N O4'     133.103 
CYS 'L-peptide linking'           y CYSTEINE                                  ? 'C3 H7 N O2 S'   121.158 
GLN 'L-peptide linking'           y GLUTAMINE                                 ? 'C5 H10 N2 O3'   146.144 
GLU 'L-peptide linking'           y 'GLUTAMIC ACID'                           ? 'C5 H9 N O4'     147.129 
GLY 'peptide linking'             y GLYCINE                                   ? 'C2 H5 N O2'     75.067  
HIS 'L-peptide linking'           y HISTIDINE                                 ? 'C6 H10 N3 O2 1' 156.162 
HOH non-polymer                   . WATER                                     ? 'H2 O'           18.015  
ILE 'L-peptide linking'           y ISOLEUCINE                                ? 'C6 H13 N O2'    131.173 
LEU 'L-peptide linking'           y LEUCINE                                   ? 'C6 H13 N O2'    131.173 
LYS 'L-peptide linking'           y LYSINE                                    ? 'C6 H15 N2 O2 1' 147.195 
MET 'L-peptide linking'           y METHIONINE                                ? 'C5 H11 N O2 S'  149.211 
NAG 'D-saccharide, beta linking'  . 2-acetamido-2-deoxy-beta-D-glucopyranose  
;N-acetyl-beta-D-glucosamine; 2-acetamido-2-deoxy-beta-D-glucose; 2-acetamido-2-deoxy-D-glucose; 2-acetamido-2-deoxy-glucose; N-ACETYL-D-GLUCOSAMINE
;
'C8 H15 N O6'    221.208 
NDG 'D-saccharide, alpha linking' . 2-acetamido-2-deoxy-alpha-D-glucopyranose 
;N-acetyl-alpha-D-glucosamine; 2-acetamido-2-deoxy-alpha-D-glucose; 2-acetamido-2-deoxy-D-glucose; 2-acetamido-2-deoxy-glucose; 2-(ACETYLAMINO)-2-DEOXY-A-D-GLUCOPYRANOSE
;
'C8 H15 N O6'    221.208 
PHE 'L-peptide linking'           y PHENYLALANINE                             ? 'C9 H11 N O2'    165.189 
PRO 'L-peptide linking'           y PROLINE                                   ? 'C5 H9 N O2'     115.130 
SER 'L-peptide linking'           y SERINE                                    ? 'C3 H7 N O3'     105.093 
THR 'L-peptide linking'           y THREONINE                                 ? 'C4 H9 N O3'     119.119 
TRP 'L-peptide linking'           y TRYPTOPHAN                                ? 'C11 H12 N2 O2'  204.225 
TYR 'L-peptide linking'           y TYROSINE                                  ? 'C9 H11 N O3'    181.189 
VAL 'L-peptide linking'           y VALINE                                    ? 'C5 H11 N O2'    117.146 
# 
loop_
_pdbx_chem_comp_identifier.comp_id 
_pdbx_chem_comp_identifier.type 
_pdbx_chem_comp_identifier.program 
_pdbx_chem_comp_identifier.program_version 
_pdbx_chem_comp_identifier.identifier 
NAG 'CONDENSED IUPAC CARBOHYDRATE SYMBOL' GMML     1.0 DGlcpNAcb                      
NAG 'COMMON NAME'                         GMML     1.0 N-acetyl-b-D-glucopyranosamine 
NAG 'IUPAC CARBOHYDRATE SYMBOL'           PDB-CARE 1.0 b-D-GlcpNAc                    
NAG 'SNFG CARBOHYDRATE SYMBOL'            GMML     1.0 GlcNAc                         
NDG 'CONDENSED IUPAC CARBOHYDRATE SYMBOL' GMML     1.0 DGlcpNAca                      
NDG 'COMMON NAME'                         GMML     1.0 N-acetyl-a-D-glucopyranosamine 
NDG 'IUPAC CARBOHYDRATE SYMBOL'           PDB-CARE 1.0 a-D-GlcpNAc                    
NDG 'SNFG CARBOHYDRATE SYMBOL'            GMML     1.0 GlcNAc                         
# 
loop_
_pdbx_poly_seq_scheme.asym_id 
_pdbx_poly_seq_scheme.entity_id 
_pdbx_poly_seq_scheme.seq_id 
_pdbx_poly_seq_scheme.mon_id 
_pdbx_poly_seq_scheme.ndb_seq_num 
_pdbx_poly_seq_scheme.pdb_seq_num 
_pdbx_poly_seq_scheme.auth_seq_num 
_pdbx_poly_seq_scheme.pdb_mon_id 
_pdbx_poly_seq_scheme.auth_mon_id 
_pdbx_poly_seq_scheme.pdb_strand_id 
_pdbx_poly_seq_scheme.pdb_ins_code 
_pdbx_poly_seq_scheme.hetero 
A 1 1   LYS 1   1   1   LYS LYS A . n 
A 1 2   VAL 2   2   2   VAL VAL A . n 
A 1 3   TYR 3   3   3   TYR TYR A . n 
A 1 4   ASP 4   4   4   ASP ASP A . n 
A 1 5   ARG 5   5   5   ARG ARG A . n 
A 1 6   CYS 6   6   6   CYS CYS A . n 
A 1 7   GLU 7   7   7   GLU GLU A . n 
A 1 8   LEU 8   8   8   LEU LEU A . n 
A 1 9   ALA 9   9   9   ALA ALA A . n 
A 1 10  ARG 10  10  10  ARG ARG A . n 
A 1 11  ALA 11  11  11  ALA ALA A . n 
A 1 12  LEU 12  12  12  LEU LEU A . n 
A 1 13  LYS 13  13  13  LYS LYS A . n 
A 1 14  ALA 14  14  14  ALA ALA A . n 
A 1 15  SER 15  15  15  SER SER A . n 
A 1 16  GLY 16  16  16  GLY GLY A . n 
A 1 17  MET 17  17  17  MET MET A . n 
A 1 18  ASP 18  18  18  ASP ASP A . n 
A 1 19  GLY 19  19  19  GLY GLY A . n 
A 1 20  TYR 20  20  20  TYR TYR A . n 
A 1 21  ALA 21  21  21  ALA ALA A . n 
A 1 22  GLY 22  22  22  GLY GLY A . n 
A 1 23  ASN 23  23  23  ASN ASN A . n 
A 1 24  SER 24  24  24  SER SER A . n 
A 1 25  LEU 25  25  25  LEU LEU A . n 
A 1 26  PRO 26  26  26  PRO PRO A . n 
A 1 27  ASN 27  27  27  ASN ASN A . n 
A 1 28  TRP 28  28  28  TRP TRP A . n 
A 1 29  VAL 29  29  29  VAL VAL A . n 
A 1 30  CYS 30  30  30  CYS CYS A . n 
A 1 31  LEU 31  31  31  LEU LEU A . n 
A 1 32  SER 32  32  32  SER SER A . n 
A 1 33  LYS 33  33  33  LYS LYS A . n 
A 1 34  TRP 34  34  34  TRP TRP A . n 
A 1 35  GLU 35  35  35  GLU GLU A . n 
A 1 36  SER 36  36  36  SER SER A . n 
A 1 37  SER 37  37  37  SER SER A . n 
A 1 38  TYR 38  38  38  TYR TYR A . n 
A 1 39  ASN 39  39  39  ASN ASN A . n 
A 1 40  THR 40  40  40  THR THR A . n 
A 1 41  GLN 41  41  41  GLN GLN A . n 
A 1 42  ALA 42  42  42  ALA ALA A . n 
A 1 43  THR 43  43  43  THR THR A . n 
A 1 44  ASN 44  44  44  ASN ASN A . n 
A 1 45  ARG 45  45  45  ARG ARG A . n 
A 1 46  ASN 46  46  46  ASN ASN A . n 
A 1 47  THR 47  47  47  THR THR A . n 
A 1 48  ASP 48  48  48  ASP ASP A . n 
A 1 49  GLY 49  49  49  GLY GLY A . n 
A 1 50  SER 50  50  50  SER SER A . n 
A 1 51  THR 51  51  51  THR THR A . n 
A 1 52  ASP 52  52  52  ASP ASP A . n 
A 1 53  TYR 53  53  53  TYR TYR A . n 
A 1 54  GLY 54  54  54  GLY GLY A . n 
A 1 55  ILE 55  55  55  ILE ILE A . n 
A 1 56  PHE 56  56  56  PHE PHE A . n 
A 1 57  GLN 57  57  57  GLN GLN A . n 
A 1 58  ILE 58  58  58  ILE ILE A . n 
A 1 59  ASN 59  59  59  ASN ASN A . n 
A 1 60  SER 60  60  60  SER SER A . n 
A 1 61  ARG 61  61  61  ARG ARG A . n 
A 1 62  TYR 62  62  62  TYR TYR A . n 
A 1 63  TRP 63  63  63  TRP TRP A . n 
A 1 64  CYS 64  64  64  CYS CYS A . n 
A 1 65  ASP 65  65  65  ASP ASP A . n 
A 1 66  ASP 66  66  66  ASP ASP A . n 
A 1 67  GLY 67  67  67  GLY GLY A . n 
A 1 68  ARG 68  68  68  ARG ARG A . n 
A 1 69  THR 69  69  69  THR THR A . n 
A 1 70  PRO 70  70  70  PRO PRO A . n 
A 1 71  GLY 71  71  71  GLY GLY A . n 
A 1 72  ALA 72  72  72  ALA ALA A . n 
A 1 73  LYS 73  73  73  LYS LYS A . n 
A 1 74  ASN 74  74  74  ASN ASN A . n 
A 1 75  VAL 75  75  75  VAL VAL A . n 
A 1 76  CYS 76  76  76  CYS CYS A . n 
A 1 77  GLY 77  77  77  GLY GLY A . n 
A 1 78  ILE 78  78  78  ILE ILE A . n 
A 1 79  ARG 79  79  79  ARG ARG A . n 
A 1 80  CYS 80  80  80  CYS CYS A . n 
A 1 81  SER 81  81  81  SER SER A . n 
A 1 82  GLN 82  82  82  GLN GLN A . n 
A 1 83  LEU 83  83  83  LEU LEU A . n 
A 1 84  LEU 84  84  84  LEU LEU A . n 
A 1 85  THR 85  85  85  THR THR A . n 
A 1 86  ASP 86  86  86  ASP ASP A . n 
A 1 87  ASP 87  87  87  ASP ASP A . n 
A 1 88  LEU 88  88  88  LEU LEU A . n 
A 1 89  THR 89  89  89  THR THR A . n 
A 1 90  VAL 90  90  90  VAL VAL A . n 
A 1 91  ALA 91  91  91  ALA ALA A . n 
A 1 92  ILE 92  92  92  ILE ILE A . n 
A 1 93  ARG 93  93  93  ARG ARG A . n 
A 1 94  CYS 94  94  94  CYS CYS A . n 
A 1 95  ALA 95  95  95  ALA ALA A . n 
A 1 96  LYS 96  96  96  LYS LYS A . n 
A 1 97  ARG 97  97  97  ARG ARG A . n 
A 1 98  VAL 98  98  98  VAL VAL A . n 
A 1 99  VAL 99  99  99  VAL VAL A . n 
A 1 100 LEU 100 100 100 LEU LEU A . n 
A 1 101 ASP 101 101 101 ASP ASP A . n 
A 1 102 PRO 102 102 102 PRO PRO A . n 
A 1 103 ASN 103 103 103 ASN ASN A . n 
A 1 104 GLY 104 104 104 GLY GLY A . n 
A 1 105 ILE 105 105 105 ILE ILE A . n 
A 1 106 GLY 106 106 106 GLY GLY A . n 
A 1 107 ALA 107 107 107 ALA ALA A . n 
A 1 108 TRP 108 108 108 TRP TRP A . n 
A 1 109 VAL 109 109 109 VAL VAL A . n 
A 1 110 ALA 110 110 110 ALA ALA A . n 
A 1 111 TRP 111 111 111 TRP TRP A . n 
A 1 112 ARG 112 112 112 ARG ARG A . n 
A 1 113 LEU 113 113 113 LEU LEU A . n 
A 1 114 HIS 114 114 114 HIS HIS A . n 
A 1 115 CYS 115 115 115 CYS CYS A . n 
A 1 116 GLN 116 116 116 GLN GLN A . n 
A 1 117 ASN 117 117 117 ASN ASN A . n 
A 1 118 GLN 118 118 118 GLN GLN A . n 
A 1 119 ASP 119 119 119 ASP ASP A . n 
A 1 120 LEU 120 120 120 LEU LEU A . n 
A 1 121 ARG 121 121 121 ARG ARG A . n 
A 1 122 SER 122 122 122 SER SER A . n 
A 1 123 TYR 123 123 123 TYR TYR A . n 
A 1 124 VAL 124 124 124 VAL VAL A . n 
A 1 125 ALA 125 125 125 ALA ALA A . n 
A 1 126 GLY 126 126 126 GLY GLY A . n 
A 1 127 CYS 127 127 127 CYS CYS A . n 
A 1 128 GLY 128 128 128 GLY GLY A . n 
A 1 129 VAL 129 129 129 VAL VAL A . n 
# 
loop_
_pdbx_branch_scheme.asym_id 
_pdbx_branch_scheme.entity_id 
_pdbx_branch_scheme.mon_id 
_pdbx_branch_scheme.num 
_pdbx_branch_scheme.pdb_asym_id 
_pdbx_branch_scheme.pdb_mon_id 
_pdbx_branch_scheme.pdb_seq_num 
_pdbx_branch_scheme.auth_asym_id 
_pdbx_branch_scheme.auth_mon_id 
_pdbx_branch_scheme.auth_seq_num 
_pdbx_branch_scheme.hetero 
B 2 NDG 1 B NDG 1 ? NAG 132 n 
B 2 NAG 2 B NAG 2 ? NAG 131 n 
B 2 NAG 3 B NAG 3 ? NAG 130 n 
# 
loop_
_pdbx_nonpoly_scheme.asym_id 
_pdbx_nonpoly_scheme.entity_id 
_pdbx_nonpoly_scheme.mon_id 
_pdbx_nonpoly_scheme.ndb_seq_num 
_pdbx_nonpoly_scheme.pdb_seq_num 
_pdbx_nonpoly_scheme.auth_seq_num 
_pdbx_nonpoly_scheme.pdb_mon_id 
_pdbx_nonpoly_scheme.auth_mon_id 
_pdbx_nonpoly_scheme.pdb_strand_id 
_pdbx_nonpoly_scheme.pdb_ins_code 
C 3 HOH 1   133 133 HOH HOH A . 
C 3 HOH 2   134 134 HOH HOH A . 
C 3 HOH 3   135 135 HOH HOH A . 
C 3 HOH 4   136 136 HOH HOH A . 
C 3 HOH 5   137 137 HOH HOH A . 
C 3 HOH 6   138 138 HOH HOH A . 
C 3 HOH 7   139 139 HOH HOH A . 
C 3 HOH 8   140 140 HOH HOH A . 
C 3 HOH 9   141 141 HOH HOH A . 
C 3 HOH 10  142 142 HOH HOH A . 
C 3 HOH 11  143 143 HOH HOH A . 
C 3 HOH 12  144 144 HOH HOH A . 
C 3 HOH 13  145 145 HOH HOH A . 
C 3 HOH 14  146 146 HOH HOH A . 
C 3 HOH 15  147 147 HOH HOH A . 
C 3 HOH 16  148 148 HOH HOH A . 
C 3 HOH 17  149 149 HOH HOH A . 
C 3 HOH 18  150 150 HOH HOH A . 
C 3 HOH 19  151 151 HOH HOH A . 
C 3 HOH 20  152 152 HOH HOH A . 
C 3 HOH 21  153 153 HOH HOH A . 
C 3 HOH 22  154 154 HOH HOH A . 
C 3 HOH 23  155 155 HOH HOH A . 
C 3 HOH 24  156 156 HOH HOH A . 
C 3 HOH 25  157 157 HOH HOH A . 
C 3 HOH 26  158 158 HOH HOH A . 
C 3 HOH 27  159 159 HOH HOH A . 
C 3 HOH 28  160 160 HOH HOH A . 
C 3 HOH 29  161 161 HOH HOH A . 
C 3 HOH 30  162 162 HOH HOH A . 
C 3 HOH 31  163 163 HOH HOH A . 
C 3 HOH 32  164 164 HOH HOH A . 
C 3 HOH 33  165 165 HOH HOH A . 
C 3 HOH 34  166 166 HOH HOH A . 
C 3 HOH 35  167 167 HOH HOH A . 
C 3 HOH 36  168 168 HOH HOH A . 
C 3 HOH 37  169 169 HOH HOH A . 
C 3 HOH 38  170 170 HOH HOH A . 
C 3 HOH 39  171 171 HOH HOH A . 
C 3 HOH 40  172 172 HOH HOH A . 
C 3 HOH 41  173 173 HOH HOH A . 
C 3 HOH 42  174 174 HOH HOH A . 
C 3 HOH 43  175 175 HOH HOH A . 
C 3 HOH 44  176 176 HOH HOH A . 
C 3 HOH 45  177 177 HOH HOH A . 
C 3 HOH 46  178 178 HOH HOH A . 
C 3 HOH 47  179 179 HOH HOH A . 
C 3 HOH 48  180 180 HOH HOH A . 
C 3 HOH 49  181 181 HOH HOH A . 
C 3 HOH 50  182 182 HOH HOH A . 
C 3 HOH 51  183 183 HOH HOH A . 
C 3 HOH 52  184 184 HOH HOH A . 
C 3 HOH 53  185 185 HOH HOH A . 
C 3 HOH 54  186 186 HOH HOH A . 
C 3 HOH 55  187 187 HOH HOH A . 
C 3 HOH 56  188 188 HOH HOH A . 
C 3 HOH 57  189 189 HOH HOH A . 
C 3 HOH 58  190 190 HOH HOH A . 
C 3 HOH 59  191 191 HOH HOH A . 
C 3 HOH 60  192 192 HOH HOH A . 
C 3 HOH 61  193 193 HOH HOH A . 
C 3 HOH 62  194 194 HOH HOH A . 
C 3 HOH 63  195 195 HOH HOH A . 
C 3 HOH 64  196 196 HOH HOH A . 
C 3 HOH 65  197 197 HOH HOH A . 
C 3 HOH 66  198 198 HOH HOH A . 
C 3 HOH 67  199 199 HOH HOH A . 
C 3 HOH 68  200 200 HOH HOH A . 
C 3 HOH 69  201 201 HOH HOH A . 
C 3 HOH 70  202 202 HOH HOH A . 
C 3 HOH 71  203 203 HOH HOH A . 
C 3 HOH 72  204 204 HOH HOH A . 
C 3 HOH 73  205 205 HOH HOH A . 
C 3 HOH 74  206 206 HOH HOH A . 
C 3 HOH 75  207 207 HOH HOH A . 
C 3 HOH 76  208 208 HOH HOH A . 
C 3 HOH 77  209 209 HOH HOH A . 
C 3 HOH 78  210 210 HOH HOH A . 
C 3 HOH 79  211 211 HOH HOH A . 
C 3 HOH 80  212 212 HOH HOH A . 
C 3 HOH 81  213 213 HOH HOH A . 
C 3 HOH 82  214 214 HOH HOH A . 
C 3 HOH 83  215 215 HOH HOH A . 
C 3 HOH 84  216 216 HOH HOH A . 
C 3 HOH 85  217 217 HOH HOH A . 
C 3 HOH 86  218 218 HOH HOH A . 
C 3 HOH 87  219 219 HOH HOH A . 
C 3 HOH 88  220 220 HOH HOH A . 
C 3 HOH 89  221 221 HOH HOH A . 
C 3 HOH 90  222 222 HOH HOH A . 
C 3 HOH 91  223 223 HOH HOH A . 
C 3 HOH 92  224 224 HOH HOH A . 
C 3 HOH 93  225 225 HOH HOH A . 
C 3 HOH 94  226 226 HOH HOH A . 
C 3 HOH 95  227 227 HOH HOH A . 
C 3 HOH 96  228 228 HOH HOH A . 
C 3 HOH 97  229 229 HOH HOH A . 
C 3 HOH 98  230 230 HOH HOH A . 
C 3 HOH 99  231 231 HOH HOH A . 
C 3 HOH 100 232 232 HOH HOH A . 
C 3 HOH 101 233 233 HOH HOH A . 
C 3 HOH 102 234 234 HOH HOH A . 
C 3 HOH 103 235 235 HOH HOH A . 
C 3 HOH 104 236 236 HOH HOH A . 
C 3 HOH 105 237 237 HOH HOH A . 
C 3 HOH 106 238 238 HOH HOH A . 
C 3 HOH 107 239 239 HOH HOH A . 
C 3 HOH 108 240 240 HOH HOH A . 
C 3 HOH 109 241 241 HOH HOH A . 
C 3 HOH 110 242 242 HOH HOH A . 
C 3 HOH 111 243 243 HOH HOH A . 
C 3 HOH 112 244 244 HOH HOH A . 
C 3 HOH 113 245 245 HOH HOH A . 
C 3 HOH 114 246 246 HOH HOH A . 
C 3 HOH 115 247 247 HOH HOH A . 
C 3 HOH 116 248 248 HOH HOH A . 
C 3 HOH 117 249 249 HOH HOH A . 
# 
loop_
_software.name 
_software.classification 
_software.version 
_software.citation_id 
_software.pdbx_ordinal 
MADNES 'data collection' . ? 1 
PROLSQ refinement        . ? 2 
MADNES 'data reduction'  . ? 3 
# 
_cell.entry_id           1LMP 
_cell.length_a           76.420 
_cell.length_b           76.420 
_cell.length_c           54.290 
_cell.angle_alpha        90.00 
_cell.angle_beta         90.00 
_cell.angle_gamma        120.00 
_cell.Z_PDB              6 
_cell.pdbx_unique_axis   ? 
# 
_symmetry.entry_id                         1LMP 
_symmetry.space_group_name_H-M             'P 31 2 1' 
_symmetry.pdbx_full_space_group_name_H-M   ? 
_symmetry.cell_setting                     ? 
_symmetry.Int_Tables_number                152 
# 
_exptl.entry_id          1LMP 
_exptl.method            'X-RAY DIFFRACTION' 
_exptl.crystals_number   ? 
# 
_exptl_crystal.id                    1 
_exptl_crystal.density_meas          ? 
_exptl_crystal.density_Matthews      3.20 
_exptl_crystal.density_percent_sol   61.55 
_exptl_crystal.description           ? 
# 
_diffrn.id                     1 
_diffrn.ambient_temp           ? 
_diffrn.ambient_temp_details   ? 
_diffrn.crystal_id             1 
# 
_diffrn_detector.diffrn_id              1 
_diffrn_detector.detector               DIFFRACTOMETER 
_diffrn_detector.type                   'ENRAF-NONIUS FAST' 
_diffrn_detector.pdbx_collection_date   1993-08 
_diffrn_detector.details                ? 
# 
_diffrn_radiation.diffrn_id                        1 
_diffrn_radiation.wavelength_id                    1 
_diffrn_radiation.pdbx_monochromatic_or_laue_m_l   M 
_diffrn_radiation.monochromator                    ? 
_diffrn_radiation.pdbx_diffrn_protocol             ? 
_diffrn_radiation.pdbx_scattering_type             x-ray 
# 
_diffrn_radiation_wavelength.id           1 
_diffrn_radiation_wavelength.wavelength   1.5418 
_diffrn_radiation_wavelength.wt           1.0 
# 
_diffrn_source.diffrn_id                   1 
_diffrn_source.source                      ? 
_diffrn_source.type                        ? 
_diffrn_source.pdbx_synchrotron_site       ? 
_diffrn_source.pdbx_synchrotron_beamline   ? 
_diffrn_source.pdbx_wavelength             ? 
_diffrn_source.pdbx_wavelength_list        1.5418 
# 
_reflns.entry_id                     1LMP 
_reflns.observed_criterion_sigma_I   3. 
_reflns.observed_criterion_sigma_F   ? 
_reflns.d_resolution_low             ? 
_reflns.d_resolution_high            ? 
_reflns.number_obs                   12175 
_reflns.number_all                   ? 
_reflns.percent_possible_obs         96.9 
_reflns.pdbx_Rmerge_I_obs            0.033 
_reflns.pdbx_Rsym_value              ? 
_reflns.pdbx_netI_over_sigmaI        ? 
_reflns.B_iso_Wilson_estimate        ? 
_reflns.pdbx_redundancy              ? 
_reflns.pdbx_ordinal                 1 
_reflns.pdbx_diffrn_id               1 
# 
_refine.entry_id                                 1LMP 
_refine.ls_number_reflns_obs                     12175 
_refine.ls_number_reflns_all                     ? 
_refine.pdbx_ls_sigma_I                          ? 
_refine.pdbx_ls_sigma_F                          3.0 
_refine.pdbx_data_cutoff_high_absF               ? 
_refine.pdbx_data_cutoff_low_absF                ? 
_refine.pdbx_data_cutoff_high_rms_absF           ? 
_refine.ls_d_res_low                             8.0 
_refine.ls_d_res_high                            2.0 
_refine.ls_percent_reflns_obs                    ? 
_refine.ls_R_factor_obs                          0.159 
_refine.ls_R_factor_all                          ? 
_refine.ls_R_factor_R_work                       ? 
_refine.ls_R_factor_R_free                       ? 
_refine.ls_R_factor_R_free_error                 ? 
_refine.ls_R_factor_R_free_error_details         ? 
_refine.ls_percent_reflns_R_free                 ? 
_refine.ls_number_reflns_R_free                  ? 
_refine.ls_number_parameters                     ? 
_refine.ls_number_restraints                     ? 
_refine.occupancy_min                            ? 
_refine.occupancy_max                            ? 
_refine.B_iso_mean                               ? 
_refine.aniso_B[1][1]                            ? 
_refine.aniso_B[2][2]                            ? 
_refine.aniso_B[3][3]                            ? 
_refine.aniso_B[1][2]                            ? 
_refine.aniso_B[1][3]                            ? 
_refine.aniso_B[2][3]                            ? 
_refine.solvent_model_details                    ? 
_refine.solvent_model_param_ksol                 ? 
_refine.solvent_model_param_bsol                 ? 
_refine.pdbx_ls_cross_valid_method               ? 
_refine.details                                  ? 
_refine.pdbx_starting_model                      ? 
_refine.pdbx_method_to_determine_struct          ? 
_refine.pdbx_isotropic_thermal_model             ? 
_refine.pdbx_stereochemistry_target_values       ? 
_refine.pdbx_stereochem_target_val_spec_case     ? 
_refine.pdbx_R_Free_selection_details            ? 
_refine.pdbx_overall_ESU_R                       ? 
_refine.pdbx_overall_ESU_R_Free                  ? 
_refine.overall_SU_ML                            ? 
_refine.overall_SU_B                             ? 
_refine.pdbx_refine_id                           'X-RAY DIFFRACTION' 
_refine.pdbx_diffrn_id                           1 
_refine.pdbx_TLS_residual_ADP_flag               ? 
_refine.correlation_coeff_Fo_to_Fc               ? 
_refine.correlation_coeff_Fo_to_Fc_free          ? 
_refine.pdbx_solvent_vdw_probe_radii             ? 
_refine.pdbx_solvent_ion_probe_radii             ? 
_refine.pdbx_solvent_shrinkage_radii             ? 
_refine.pdbx_overall_phase_error                 ? 
_refine.overall_SU_R_Cruickshank_DPI             ? 
_refine.pdbx_overall_SU_R_free_Cruickshank_DPI   ? 
_refine.pdbx_overall_SU_R_Blow_DPI               ? 
_refine.pdbx_overall_SU_R_free_Blow_DPI          ? 
# 
_refine_hist.pdbx_refine_id                   'X-RAY DIFFRACTION' 
_refine_hist.cycle_id                         LAST 
_refine_hist.pdbx_number_atoms_protein        999 
_refine_hist.pdbx_number_atoms_nucleic_acid   0 
_refine_hist.pdbx_number_atoms_ligand         43 
_refine_hist.number_atoms_solvent             117 
_refine_hist.number_atoms_total               1159 
_refine_hist.d_res_high                       2.0 
_refine_hist.d_res_low                        8.0 
# 
loop_
_refine_ls_restr.type 
_refine_ls_restr.dev_ideal 
_refine_ls_restr.dev_ideal_target 
_refine_ls_restr.weight 
_refine_ls_restr.number 
_refine_ls_restr.pdbx_refine_id 
_refine_ls_restr.pdbx_restraint_function 
p_bond_d            0.013 0.020 ? ? 'X-RAY DIFFRACTION' ? 
p_angle_d           0.047 0.040 ? ? 'X-RAY DIFFRACTION' ? 
p_angle_deg         ?     ?     ? ? 'X-RAY DIFFRACTION' ? 
p_planar_d          0.075 0.050 ? ? 'X-RAY DIFFRACTION' ? 
p_hb_or_metal_coord ?     ?     ? ? 'X-RAY DIFFRACTION' ? 
p_mcbond_it         ?     ?     ? ? 'X-RAY DIFFRACTION' ? 
p_mcangle_it        ?     ?     ? ? 'X-RAY DIFFRACTION' ? 
p_scbond_it         ?     ?     ? ? 'X-RAY DIFFRACTION' ? 
p_scangle_it        ?     ?     ? ? 'X-RAY DIFFRACTION' ? 
p_plane_restr       0.013 0.020 ? ? 'X-RAY DIFFRACTION' ? 
p_chiral_restr      0.037 0.060 ? ? 'X-RAY DIFFRACTION' ? 
p_singtor_nbd       0.183 0.030 ? ? 'X-RAY DIFFRACTION' ? 
p_multtor_nbd       0.185 0.300 ? ? 'X-RAY DIFFRACTION' ? 
p_xhyhbond_nbd      0.235 0.300 ? ? 'X-RAY DIFFRACTION' ? 
p_xyhbond_nbd       ?     ?     ? ? 'X-RAY DIFFRACTION' ? 
p_planar_tor        5.2   3.0   ? ? 'X-RAY DIFFRACTION' ? 
p_staggered_tor     18.2  15.0  ? ? 'X-RAY DIFFRACTION' ? 
p_orthonormal_tor   16.8  20.0  ? ? 'X-RAY DIFFRACTION' ? 
p_transverse_tor    ?     ?     ? ? 'X-RAY DIFFRACTION' ? 
p_special_tor       ?     ?     ? ? 'X-RAY DIFFRACTION' ? 
# 
_struct.entry_id                  1LMP 
_struct.title                     
'THE CRYSTAL STRUCTURES OF THREE COMPLEXES BETWEEN CHITOOLIGOSACCHARIDES AND LYSOZYME FROM THE RAINBOW TROUT' 
_struct.pdbx_model_details        ? 
_struct.pdbx_CASP_flag            ? 
_struct.pdbx_model_type_details   ? 
# 
_struct_keywords.entry_id        1LMP 
_struct_keywords.pdbx_keywords   'HYDROLASE (O-GLYCOSYL)' 
_struct_keywords.text            'HYDROLASE (O-GLYCOSYL)' 
# 
loop_
_struct_asym.id 
_struct_asym.pdbx_blank_PDB_chainid_flag 
_struct_asym.pdbx_modified 
_struct_asym.entity_id 
_struct_asym.details 
A N N 1 ? 
B N N 2 ? 
C N N 3 ? 
# 
_struct_ref.id                         1 
_struct_ref.db_name                    UNP 
_struct_ref.db_code                    LYC2_ONCMY 
_struct_ref.entity_id                  1 
_struct_ref.pdbx_db_accession          P11941 
_struct_ref.pdbx_align_begin           1 
_struct_ref.pdbx_seq_one_letter_code   
;MRAVVVLLLVAVASAKVYDRCELARALKASGMDGYAGNSLPNWVCLSKWESSYNTQATNRNTDGSTDYGIFQINSRYWCD
DGRTPGAKNVCGIRCSQLLTADLTVAIRCAKRVVLDPNGIGAWVAWRLHCQNQDLRSYVAGCGV
;
_struct_ref.pdbx_db_isoform            ? 
# 
_struct_ref_seq.align_id                      1 
_struct_ref_seq.ref_id                        1 
_struct_ref_seq.pdbx_PDB_id_code              1LMP 
_struct_ref_seq.pdbx_strand_id                A 
_struct_ref_seq.seq_align_beg                 1 
_struct_ref_seq.pdbx_seq_align_beg_ins_code   ? 
_struct_ref_seq.seq_align_end                 129 
_struct_ref_seq.pdbx_seq_align_end_ins_code   ? 
_struct_ref_seq.pdbx_db_accession             P11941 
_struct_ref_seq.db_align_beg                  16 
_struct_ref_seq.pdbx_db_align_beg_ins_code    ? 
_struct_ref_seq.db_align_end                  144 
_struct_ref_seq.pdbx_db_align_end_ins_code    ? 
_struct_ref_seq.pdbx_auth_seq_align_beg       1 
_struct_ref_seq.pdbx_auth_seq_align_end       129 
# 
_struct_ref_seq_dif.align_id                     1 
_struct_ref_seq_dif.pdbx_pdb_id_code             1LMP 
_struct_ref_seq_dif.mon_id                       ASP 
_struct_ref_seq_dif.pdbx_pdb_strand_id           A 
_struct_ref_seq_dif.seq_num                      86 
_struct_ref_seq_dif.pdbx_pdb_ins_code            ? 
_struct_ref_seq_dif.pdbx_seq_db_name             UNP 
_struct_ref_seq_dif.pdbx_seq_db_accession_code   P11941 
_struct_ref_seq_dif.db_mon_id                    ALA 
_struct_ref_seq_dif.pdbx_seq_db_seq_num          101 
_struct_ref_seq_dif.details                      conflict 
_struct_ref_seq_dif.pdbx_auth_seq_num            86 
_struct_ref_seq_dif.pdbx_ordinal                 1 
# 
_pdbx_struct_assembly.id                   1 
_pdbx_struct_assembly.details              author_defined_assembly 
_pdbx_struct_assembly.method_details       ? 
_pdbx_struct_assembly.oligomeric_details   monomeric 
_pdbx_struct_assembly.oligomeric_count     1 
# 
_pdbx_struct_assembly_gen.assembly_id       1 
_pdbx_struct_assembly_gen.oper_expression   1 
_pdbx_struct_assembly_gen.asym_id_list      A,B,C 
# 
_pdbx_struct_oper_list.id                   1 
_pdbx_struct_oper_list.type                 'identity operation' 
_pdbx_struct_oper_list.name                 1_555 
_pdbx_struct_oper_list.symmetry_operation   x,y,z 
_pdbx_struct_oper_list.matrix[1][1]         1.0000000000 
_pdbx_struct_oper_list.matrix[1][2]         0.0000000000 
_pdbx_struct_oper_list.matrix[1][3]         0.0000000000 
_pdbx_struct_oper_list.vector[1]            0.0000000000 
_pdbx_struct_oper_list.matrix[2][1]         0.0000000000 
_pdbx_struct_oper_list.matrix[2][2]         1.0000000000 
_pdbx_struct_oper_list.matrix[2][3]         0.0000000000 
_pdbx_struct_oper_list.vector[2]            0.0000000000 
_pdbx_struct_oper_list.matrix[3][1]         0.0000000000 
_pdbx_struct_oper_list.matrix[3][2]         0.0000000000 
_pdbx_struct_oper_list.matrix[3][3]         1.0000000000 
_pdbx_struct_oper_list.vector[3]            0.0000000000 
# 
_struct_biol.id   1 
# 
loop_
_struct_conf.conf_type_id 
_struct_conf.id 
_struct_conf.pdbx_PDB_helix_id 
_struct_conf.beg_label_comp_id 
_struct_conf.beg_label_asym_id 
_struct_conf.beg_label_seq_id 
_struct_conf.pdbx_beg_PDB_ins_code 
_struct_conf.end_label_comp_id 
_struct_conf.end_label_asym_id 
_struct_conf.end_label_seq_id 
_struct_conf.pdbx_end_PDB_ins_code 
_struct_conf.beg_auth_comp_id 
_struct_conf.beg_auth_asym_id 
_struct_conf.beg_auth_seq_id 
_struct_conf.end_auth_comp_id 
_struct_conf.end_auth_asym_id 
_struct_conf.end_auth_seq_id 
_struct_conf.pdbx_PDB_helix_class 
_struct_conf.details 
_struct_conf.pdbx_PDB_helix_length 
HELX_P HELX_P1 1 ARG A 5   ? ALA A 14  ? ARG A 5   ALA A 14  1 ? 10 
HELX_P HELX_P2 2 TYR A 20  ? GLY A 22  ? TYR A 20  GLY A 22  5 ? 3  
HELX_P HELX_P3 3 LEU A 25  ? SER A 36  ? LEU A 25  SER A 36  1 ? 12 
HELX_P HELX_P4 4 CYS A 80  ? LEU A 83  ? CYS A 80  LEU A 83  5 ? 4  
HELX_P HELX_P5 5 THR A 89  ? LEU A 100 ? THR A 89  LEU A 100 1 ? 12 
HELX_P HELX_P6 6 GLY A 104 ? ALA A 107 ? GLY A 104 ALA A 107 5 ? 4  
HELX_P HELX_P7 7 VAL A 109 ? HIS A 114 ? VAL A 109 HIS A 114 1 ? 6  
HELX_P HELX_P8 8 ARG A 121 ? VAL A 124 ? ARG A 121 VAL A 124 1 ? 4  
# 
_struct_conf_type.id          HELX_P 
_struct_conf_type.criteria    ? 
_struct_conf_type.reference   ? 
# 
loop_
_struct_conn.id 
_struct_conn.conn_type_id 
_struct_conn.pdbx_leaving_atom_flag 
_struct_conn.pdbx_PDB_id 
_struct_conn.ptnr1_label_asym_id 
_struct_conn.ptnr1_label_comp_id 
_struct_conn.ptnr1_label_seq_id 
_struct_conn.ptnr1_label_atom_id 
_struct_conn.pdbx_ptnr1_label_alt_id 
_struct_conn.pdbx_ptnr1_PDB_ins_code 
_struct_conn.pdbx_ptnr1_standard_comp_id 
_struct_conn.ptnr1_symmetry 
_struct_conn.ptnr2_label_asym_id 
_struct_conn.ptnr2_label_comp_id 
_struct_conn.ptnr2_label_seq_id 
_struct_conn.ptnr2_label_atom_id 
_struct_conn.pdbx_ptnr2_label_alt_id 
_struct_conn.pdbx_ptnr2_PDB_ins_code 
_struct_conn.ptnr1_auth_asym_id 
_struct_conn.ptnr1_auth_comp_id 
_struct_conn.ptnr1_auth_seq_id 
_struct_conn.ptnr2_auth_asym_id 
_struct_conn.ptnr2_auth_comp_id 
_struct_conn.ptnr2_auth_seq_id 
_struct_conn.ptnr2_symmetry 
_struct_conn.pdbx_ptnr3_label_atom_id 
_struct_conn.pdbx_ptnr3_label_seq_id 
_struct_conn.pdbx_ptnr3_label_comp_id 
_struct_conn.pdbx_ptnr3_label_asym_id 
_struct_conn.pdbx_ptnr3_label_alt_id 
_struct_conn.pdbx_ptnr3_PDB_ins_code 
_struct_conn.details 
_struct_conn.pdbx_dist_value 
_struct_conn.pdbx_value_order 
_struct_conn.pdbx_role 
disulf1 disulf ?    ? A CYS 6  SG ? ? ? 1_555 A CYS 127 SG ? ? A CYS 6  A CYS 127 1_555 ? ? ? ? ? ? ? 2.000 ? ? 
disulf2 disulf ?    ? A CYS 30 SG ? ? ? 1_555 A CYS 115 SG ? ? A CYS 30 A CYS 115 1_555 ? ? ? ? ? ? ? 2.009 ? ? 
disulf3 disulf ?    ? A CYS 64 SG ? ? ? 1_555 A CYS 80  SG ? ? A CYS 64 A CYS 80  1_555 ? ? ? ? ? ? ? 2.026 ? ? 
disulf4 disulf ?    ? A CYS 76 SG ? ? ? 1_555 A CYS 94  SG ? ? A CYS 76 A CYS 94  1_555 ? ? ? ? ? ? ? 2.015 ? ? 
covale1 covale both ? B NDG .  O4 ? ? ? 1_555 B NAG .   C1 ? ? B NDG 1  B NAG 2   1_555 ? ? ? ? ? ? ? 1.408 ? ? 
covale2 covale both ? B NAG .  O4 ? ? ? 1_555 B NAG .   C1 ? ? B NAG 2  B NAG 3   1_555 ? ? ? ? ? ? ? 1.391 ? ? 
# 
loop_
_struct_conn_type.id 
_struct_conn_type.criteria 
_struct_conn_type.reference 
disulf ? ? 
covale ? ? 
# 
loop_
_pdbx_modification_feature.ordinal 
_pdbx_modification_feature.label_comp_id 
_pdbx_modification_feature.label_asym_id 
_pdbx_modification_feature.label_seq_id 
_pdbx_modification_feature.label_alt_id 
_pdbx_modification_feature.modified_residue_label_comp_id 
_pdbx_modification_feature.modified_residue_label_asym_id 
_pdbx_modification_feature.modified_residue_label_seq_id 
_pdbx_modification_feature.modified_residue_label_alt_id 
_pdbx_modification_feature.auth_comp_id 
_pdbx_modification_feature.auth_asym_id 
_pdbx_modification_feature.auth_seq_id 
_pdbx_modification_feature.PDB_ins_code 
_pdbx_modification_feature.symmetry 
_pdbx_modification_feature.modified_residue_auth_comp_id 
_pdbx_modification_feature.modified_residue_auth_asym_id 
_pdbx_modification_feature.modified_residue_auth_seq_id 
_pdbx_modification_feature.modified_residue_PDB_ins_code 
_pdbx_modification_feature.modified_residue_symmetry 
_pdbx_modification_feature.comp_id_linking_atom 
_pdbx_modification_feature.modified_residue_id_linking_atom 
_pdbx_modification_feature.modified_residue_id 
_pdbx_modification_feature.ref_pcm_id 
_pdbx_modification_feature.ref_comp_id 
_pdbx_modification_feature.type 
_pdbx_modification_feature.category 
1 CYS A 6  ? CYS A 127 ? CYS A 6  ? 1_555 CYS A 127 ? 1_555 SG SG . . . None 'Disulfide bridge' 
2 CYS A 30 ? CYS A 115 ? CYS A 30 ? 1_555 CYS A 115 ? 1_555 SG SG . . . None 'Disulfide bridge' 
3 CYS A 64 ? CYS A 80  ? CYS A 64 ? 1_555 CYS A 80  ? 1_555 SG SG . . . None 'Disulfide bridge' 
4 CYS A 76 ? CYS A 94  ? CYS A 76 ? 1_555 CYS A 94  ? 1_555 SG SG . . . None 'Disulfide bridge' 
# 
_struct_sheet.id               A 
_struct_sheet.type             ? 
_struct_sheet.number_strands   2 
_struct_sheet.details          ? 
# 
_struct_sheet_order.sheet_id     A 
_struct_sheet_order.range_id_1   1 
_struct_sheet_order.range_id_2   2 
_struct_sheet_order.offset       ? 
_struct_sheet_order.sense        anti-parallel 
# 
loop_
_struct_sheet_range.sheet_id 
_struct_sheet_range.id 
_struct_sheet_range.beg_label_comp_id 
_struct_sheet_range.beg_label_asym_id 
_struct_sheet_range.beg_label_seq_id 
_struct_sheet_range.pdbx_beg_PDB_ins_code 
_struct_sheet_range.end_label_comp_id 
_struct_sheet_range.end_label_asym_id 
_struct_sheet_range.end_label_seq_id 
_struct_sheet_range.pdbx_end_PDB_ins_code 
_struct_sheet_range.beg_auth_comp_id 
_struct_sheet_range.beg_auth_asym_id 
_struct_sheet_range.beg_auth_seq_id 
_struct_sheet_range.end_auth_comp_id 
_struct_sheet_range.end_auth_asym_id 
_struct_sheet_range.end_auth_seq_id 
A 1 THR A 43 ? ARG A 45 ? THR A 43 ARG A 45 
A 2 THR A 51 ? TYR A 53 ? THR A 51 TYR A 53 
# 
_pdbx_struct_sheet_hbond.sheet_id                A 
_pdbx_struct_sheet_hbond.range_id_1              1 
_pdbx_struct_sheet_hbond.range_id_2              2 
_pdbx_struct_sheet_hbond.range_1_label_atom_id   O 
_pdbx_struct_sheet_hbond.range_1_label_comp_id   ASN 
_pdbx_struct_sheet_hbond.range_1_label_asym_id   A 
_pdbx_struct_sheet_hbond.range_1_label_seq_id    44 
_pdbx_struct_sheet_hbond.range_1_PDB_ins_code    ? 
_pdbx_struct_sheet_hbond.range_1_auth_atom_id    O 
_pdbx_struct_sheet_hbond.range_1_auth_comp_id    ASN 
_pdbx_struct_sheet_hbond.range_1_auth_asym_id    A 
_pdbx_struct_sheet_hbond.range_1_auth_seq_id     44 
_pdbx_struct_sheet_hbond.range_2_label_atom_id   N 
_pdbx_struct_sheet_hbond.range_2_label_comp_id   ASP 
_pdbx_struct_sheet_hbond.range_2_label_asym_id   A 
_pdbx_struct_sheet_hbond.range_2_label_seq_id    52 
_pdbx_struct_sheet_hbond.range_2_PDB_ins_code    ? 
_pdbx_struct_sheet_hbond.range_2_auth_atom_id    N 
_pdbx_struct_sheet_hbond.range_2_auth_comp_id    ASP 
_pdbx_struct_sheet_hbond.range_2_auth_asym_id    A 
_pdbx_struct_sheet_hbond.range_2_auth_seq_id     52 
# 
_pdbx_entry_details.entry_id                   1LMP 
_pdbx_entry_details.compound_details           ? 
_pdbx_entry_details.source_details             ? 
_pdbx_entry_details.nonpolymer_details         ? 
_pdbx_entry_details.sequence_details           ? 
_pdbx_entry_details.has_ligand_of_interest     ? 
_pdbx_entry_details.has_protein_modification   Y 
# 
loop_
_pdbx_validate_close_contact.id 
_pdbx_validate_close_contact.PDB_model_num 
_pdbx_validate_close_contact.auth_atom_id_1 
_pdbx_validate_close_contact.auth_asym_id_1 
_pdbx_validate_close_contact.auth_comp_id_1 
_pdbx_validate_close_contact.auth_seq_id_1 
_pdbx_validate_close_contact.PDB_ins_code_1 
_pdbx_validate_close_contact.label_alt_id_1 
_pdbx_validate_close_contact.auth_atom_id_2 
_pdbx_validate_close_contact.auth_asym_id_2 
_pdbx_validate_close_contact.auth_comp_id_2 
_pdbx_validate_close_contact.auth_seq_id_2 
_pdbx_validate_close_contact.PDB_ins_code_2 
_pdbx_validate_close_contact.label_alt_id_2 
_pdbx_validate_close_contact.dist 
1 1 O4  B NDG 1  ? ? O5  B NAG 2   ? ? 2.11 
2 1 C4  B NDG 1  ? ? C1  B NAG 2   ? ? 2.14 
3 1 OE1 A GLU 35 ? ? O   A HOH 244 ? ? 2.15 
4 1 NH1 A ARG 45 ? ? NH2 A ARG 68  ? ? 2.19 
# 
loop_
_pdbx_validate_symm_contact.id 
_pdbx_validate_symm_contact.PDB_model_num 
_pdbx_validate_symm_contact.auth_atom_id_1 
_pdbx_validate_symm_contact.auth_asym_id_1 
_pdbx_validate_symm_contact.auth_comp_id_1 
_pdbx_validate_symm_contact.auth_seq_id_1 
_pdbx_validate_symm_contact.PDB_ins_code_1 
_pdbx_validate_symm_contact.label_alt_id_1 
_pdbx_validate_symm_contact.site_symmetry_1 
_pdbx_validate_symm_contact.auth_atom_id_2 
_pdbx_validate_symm_contact.auth_asym_id_2 
_pdbx_validate_symm_contact.auth_comp_id_2 
_pdbx_validate_symm_contact.auth_seq_id_2 
_pdbx_validate_symm_contact.PDB_ins_code_2 
_pdbx_validate_symm_contact.label_alt_id_2 
_pdbx_validate_symm_contact.site_symmetry_2 
_pdbx_validate_symm_contact.dist 
1 1 O A HOH 143 ? ? 1_555 O A HOH 143 ? ? 4_556 1.47 
2 1 O A HOH 170 ? ? 1_555 O A HOH 170 ? ? 4_556 1.51 
3 1 O A SER 81  ? ? 1_555 O A HOH 170 ? ? 4_556 2.01 
4 1 O A HOH 175 ? ? 1_555 O A HOH 235 ? ? 4_556 2.17 
# 
loop_
_pdbx_validate_rmsd_angle.id 
_pdbx_validate_rmsd_angle.PDB_model_num 
_pdbx_validate_rmsd_angle.auth_atom_id_1 
_pdbx_validate_rmsd_angle.auth_asym_id_1 
_pdbx_validate_rmsd_angle.auth_comp_id_1 
_pdbx_validate_rmsd_angle.auth_seq_id_1 
_pdbx_validate_rmsd_angle.PDB_ins_code_1 
_pdbx_validate_rmsd_angle.label_alt_id_1 
_pdbx_validate_rmsd_angle.auth_atom_id_2 
_pdbx_validate_rmsd_angle.auth_asym_id_2 
_pdbx_validate_rmsd_angle.auth_comp_id_2 
_pdbx_validate_rmsd_angle.auth_seq_id_2 
_pdbx_validate_rmsd_angle.PDB_ins_code_2 
_pdbx_validate_rmsd_angle.label_alt_id_2 
_pdbx_validate_rmsd_angle.auth_atom_id_3 
_pdbx_validate_rmsd_angle.auth_asym_id_3 
_pdbx_validate_rmsd_angle.auth_comp_id_3 
_pdbx_validate_rmsd_angle.auth_seq_id_3 
_pdbx_validate_rmsd_angle.PDB_ins_code_3 
_pdbx_validate_rmsd_angle.label_alt_id_3 
_pdbx_validate_rmsd_angle.angle_value 
_pdbx_validate_rmsd_angle.angle_target_value 
_pdbx_validate_rmsd_angle.angle_deviation 
_pdbx_validate_rmsd_angle.angle_standard_deviation 
_pdbx_validate_rmsd_angle.linker_flag 
1  1 CB A ASP 4   ? ? CG A ASP 4   ? ? OD1 A ASP 4   ? ? 112.00 118.30 -6.30 0.90 N 
2  1 CB A ASP 4   ? ? CG A ASP 4   ? ? OD2 A ASP 4   ? ? 123.97 118.30 5.67  0.90 N 
3  1 NE A ARG 5   ? ? CZ A ARG 5   ? ? NH2 A ARG 5   ? ? 117.14 120.30 -3.16 0.50 N 
4  1 CB A ASP 18  ? ? CG A ASP 18  ? ? OD1 A ASP 18  ? ? 124.33 118.30 6.03  0.90 N 
5  1 NE A ARG 45  ? ? CZ A ARG 45  ? ? NH2 A ARG 45  ? ? 116.92 120.30 -3.38 0.50 N 
6  1 CB A ASP 48  ? ? CG A ASP 48  ? ? OD1 A ASP 48  ? ? 124.75 118.30 6.45  0.90 N 
7  1 CB A ASP 48  ? ? CG A ASP 48  ? ? OD2 A ASP 48  ? ? 112.45 118.30 -5.85 0.90 N 
8  1 NE A ARG 61  ? ? CZ A ARG 61  ? ? NH2 A ARG 61  ? ? 116.75 120.30 -3.55 0.50 N 
9  1 CB A TYR 62  ? ? CG A TYR 62  ? ? CD2 A TYR 62  ? ? 116.34 121.00 -4.66 0.60 N 
10 1 CB A ASP 86  ? ? CG A ASP 86  ? ? OD1 A ASP 86  ? ? 127.48 118.30 9.18  0.90 N 
11 1 NE A ARG 93  ? ? CZ A ARG 93  ? ? NH2 A ARG 93  ? ? 116.98 120.30 -3.32 0.50 N 
12 1 NE A ARG 97  ? ? CZ A ARG 97  ? ? NH1 A ARG 97  ? ? 125.47 120.30 5.17  0.50 N 
13 1 NE A ARG 97  ? ? CZ A ARG 97  ? ? NH2 A ARG 97  ? ? 115.72 120.30 -4.58 0.50 N 
14 1 CD A ARG 121 ? ? NE A ARG 121 ? ? CZ  A ARG 121 ? ? 133.82 123.60 10.22 1.40 N 
15 1 NE A ARG 121 ? ? CZ A ARG 121 ? ? NH1 A ARG 121 ? ? 126.12 120.30 5.82  0.50 N 
# 
loop_
_pdbx_validate_planes.id 
_pdbx_validate_planes.PDB_model_num 
_pdbx_validate_planes.auth_comp_id 
_pdbx_validate_planes.auth_asym_id 
_pdbx_validate_planes.auth_seq_id 
_pdbx_validate_planes.PDB_ins_code 
_pdbx_validate_planes.label_alt_id 
_pdbx_validate_planes.rmsd 
_pdbx_validate_planes.type 
1 1 ARG A 10 ? ? 0.113 'SIDE CHAIN' 
2 1 ARG A 45 ? ? 0.090 'SIDE CHAIN' 
3 1 ARG A 61 ? ? 0.171 'SIDE CHAIN' 
4 1 ARG A 79 ? ? 0.128 'SIDE CHAIN' 
# 
loop_
_chem_comp_atom.comp_id 
_chem_comp_atom.atom_id 
_chem_comp_atom.type_symbol 
_chem_comp_atom.pdbx_aromatic_flag 
_chem_comp_atom.pdbx_stereo_config 
_chem_comp_atom.pdbx_ordinal 
ALA N    N N N 1   
ALA CA   C N S 2   
ALA C    C N N 3   
ALA O    O N N 4   
ALA CB   C N N 5   
ALA OXT  O N N 6   
ALA H    H N N 7   
ALA H2   H N N 8   
ALA HA   H N N 9   
ALA HB1  H N N 10  
ALA HB2  H N N 11  
ALA HB3  H N N 12  
ALA HXT  H N N 13  
ARG N    N N N 14  
ARG CA   C N S 15  
ARG C    C N N 16  
ARG O    O N N 17  
ARG CB   C N N 18  
ARG CG   C N N 19  
ARG CD   C N N 20  
ARG NE   N N N 21  
ARG CZ   C N N 22  
ARG NH1  N N N 23  
ARG NH2  N N N 24  
ARG OXT  O N N 25  
ARG H    H N N 26  
ARG H2   H N N 27  
ARG HA   H N N 28  
ARG HB2  H N N 29  
ARG HB3  H N N 30  
ARG HG2  H N N 31  
ARG HG3  H N N 32  
ARG HD2  H N N 33  
ARG HD3  H N N 34  
ARG HE   H N N 35  
ARG HH11 H N N 36  
ARG HH12 H N N 37  
ARG HH21 H N N 38  
ARG HH22 H N N 39  
ARG HXT  H N N 40  
ASN N    N N N 41  
ASN CA   C N S 42  
ASN C    C N N 43  
ASN O    O N N 44  
ASN CB   C N N 45  
ASN CG   C N N 46  
ASN OD1  O N N 47  
ASN ND2  N N N 48  
ASN OXT  O N N 49  
ASN H    H N N 50  
ASN H2   H N N 51  
ASN HA   H N N 52  
ASN HB2  H N N 53  
ASN HB3  H N N 54  
ASN HD21 H N N 55  
ASN HD22 H N N 56  
ASN HXT  H N N 57  
ASP N    N N N 58  
ASP CA   C N S 59  
ASP C    C N N 60  
ASP O    O N N 61  
ASP CB   C N N 62  
ASP CG   C N N 63  
ASP OD1  O N N 64  
ASP OD2  O N N 65  
ASP OXT  O N N 66  
ASP H    H N N 67  
ASP H2   H N N 68  
ASP HA   H N N 69  
ASP HB2  H N N 70  
ASP HB3  H N N 71  
ASP HD2  H N N 72  
ASP HXT  H N N 73  
CYS N    N N N 74  
CYS CA   C N R 75  
CYS C    C N N 76  
CYS O    O N N 77  
CYS CB   C N N 78  
CYS SG   S N N 79  
CYS OXT  O N N 80  
CYS H    H N N 81  
CYS H2   H N N 82  
CYS HA   H N N 83  
CYS HB2  H N N 84  
CYS HB3  H N N 85  
CYS HG   H N N 86  
CYS HXT  H N N 87  
GLN N    N N N 88  
GLN CA   C N S 89  
GLN C    C N N 90  
GLN O    O N N 91  
GLN CB   C N N 92  
GLN CG   C N N 93  
GLN CD   C N N 94  
GLN OE1  O N N 95  
GLN NE2  N N N 96  
GLN OXT  O N N 97  
GLN H    H N N 98  
GLN H2   H N N 99  
GLN HA   H N N 100 
GLN HB2  H N N 101 
GLN HB3  H N N 102 
GLN HG2  H N N 103 
GLN HG3  H N N 104 
GLN HE21 H N N 105 
GLN HE22 H N N 106 
GLN HXT  H N N 107 
GLU N    N N N 108 
GLU CA   C N S 109 
GLU C    C N N 110 
GLU O    O N N 111 
GLU CB   C N N 112 
GLU CG   C N N 113 
GLU CD   C N N 114 
GLU OE1  O N N 115 
GLU OE2  O N N 116 
GLU OXT  O N N 117 
GLU H    H N N 118 
GLU H2   H N N 119 
GLU HA   H N N 120 
GLU HB2  H N N 121 
GLU HB3  H N N 122 
GLU HG2  H N N 123 
GLU HG3  H N N 124 
GLU HE2  H N N 125 
GLU HXT  H N N 126 
GLY N    N N N 127 
GLY CA   C N N 128 
GLY C    C N N 129 
GLY O    O N N 130 
GLY OXT  O N N 131 
GLY H    H N N 132 
GLY H2   H N N 133 
GLY HA2  H N N 134 
GLY HA3  H N N 135 
GLY HXT  H N N 136 
HIS N    N N N 137 
HIS CA   C N S 138 
HIS C    C N N 139 
HIS O    O N N 140 
HIS CB   C N N 141 
HIS CG   C Y N 142 
HIS ND1  N Y N 143 
HIS CD2  C Y N 144 
HIS CE1  C Y N 145 
HIS NE2  N Y N 146 
HIS OXT  O N N 147 
HIS H    H N N 148 
HIS H2   H N N 149 
HIS HA   H N N 150 
HIS HB2  H N N 151 
HIS HB3  H N N 152 
HIS HD1  H N N 153 
HIS HD2  H N N 154 
HIS HE1  H N N 155 
HIS HE2  H N N 156 
HIS HXT  H N N 157 
HOH O    O N N 158 
HOH H1   H N N 159 
HOH H2   H N N 160 
ILE N    N N N 161 
ILE CA   C N S 162 
ILE C    C N N 163 
ILE O    O N N 164 
ILE CB   C N S 165 
ILE CG1  C N N 166 
ILE CG2  C N N 167 
ILE CD1  C N N 168 
ILE OXT  O N N 169 
ILE H    H N N 170 
ILE H2   H N N 171 
ILE HA   H N N 172 
ILE HB   H N N 173 
ILE HG12 H N N 174 
ILE HG13 H N N 175 
ILE HG21 H N N 176 
ILE HG22 H N N 177 
ILE HG23 H N N 178 
ILE HD11 H N N 179 
ILE HD12 H N N 180 
ILE HD13 H N N 181 
ILE HXT  H N N 182 
LEU N    N N N 183 
LEU CA   C N S 184 
LEU C    C N N 185 
LEU O    O N N 186 
LEU CB   C N N 187 
LEU CG   C N N 188 
LEU CD1  C N N 189 
LEU CD2  C N N 190 
LEU OXT  O N N 191 
LEU H    H N N 192 
LEU H2   H N N 193 
LEU HA   H N N 194 
LEU HB2  H N N 195 
LEU HB3  H N N 196 
LEU HG   H N N 197 
LEU HD11 H N N 198 
LEU HD12 H N N 199 
LEU HD13 H N N 200 
LEU HD21 H N N 201 
LEU HD22 H N N 202 
LEU HD23 H N N 203 
LEU HXT  H N N 204 
LYS N    N N N 205 
LYS CA   C N S 206 
LYS C    C N N 207 
LYS O    O N N 208 
LYS CB   C N N 209 
LYS CG   C N N 210 
LYS CD   C N N 211 
LYS CE   C N N 212 
LYS NZ   N N N 213 
LYS OXT  O N N 214 
LYS H    H N N 215 
LYS H2   H N N 216 
LYS HA   H N N 217 
LYS HB2  H N N 218 
LYS HB3  H N N 219 
LYS HG2  H N N 220 
LYS HG3  H N N 221 
LYS HD2  H N N 222 
LYS HD3  H N N 223 
LYS HE2  H N N 224 
LYS HE3  H N N 225 
LYS HZ1  H N N 226 
LYS HZ2  H N N 227 
LYS HZ3  H N N 228 
LYS HXT  H N N 229 
MET N    N N N 230 
MET CA   C N S 231 
MET C    C N N 232 
MET O    O N N 233 
MET CB   C N N 234 
MET CG   C N N 235 
MET SD   S N N 236 
MET CE   C N N 237 
MET OXT  O N N 238 
MET H    H N N 239 
MET H2   H N N 240 
MET HA   H N N 241 
MET HB2  H N N 242 
MET HB3  H N N 243 
MET HG2  H N N 244 
MET HG3  H N N 245 
MET HE1  H N N 246 
MET HE2  H N N 247 
MET HE3  H N N 248 
MET HXT  H N N 249 
NAG C1   C N R 250 
NAG C2   C N R 251 
NAG C3   C N R 252 
NAG C4   C N S 253 
NAG C5   C N R 254 
NAG C6   C N N 255 
NAG C7   C N N 256 
NAG C8   C N N 257 
NAG N2   N N N 258 
NAG O1   O N N 259 
NAG O3   O N N 260 
NAG O4   O N N 261 
NAG O5   O N N 262 
NAG O6   O N N 263 
NAG O7   O N N 264 
NAG H1   H N N 265 
NAG H2   H N N 266 
NAG H3   H N N 267 
NAG H4   H N N 268 
NAG H5   H N N 269 
NAG H61  H N N 270 
NAG H62  H N N 271 
NAG H81  H N N 272 
NAG H82  H N N 273 
NAG H83  H N N 274 
NAG HN2  H N N 275 
NAG HO1  H N N 276 
NAG HO3  H N N 277 
NAG HO4  H N N 278 
NAG HO6  H N N 279 
NDG C1   C N S 280 
NDG C2   C N R 281 
NDG C3   C N R 282 
NDG C4   C N S 283 
NDG C5   C N R 284 
NDG C6   C N N 285 
NDG C7   C N N 286 
NDG C8   C N N 287 
NDG O5   O N N 288 
NDG O3   O N N 289 
NDG O4   O N N 290 
NDG O6   O N N 291 
NDG O7   O N N 292 
NDG N2   N N N 293 
NDG O1   O N N 294 
NDG H1   H N N 295 
NDG H2   H N N 296 
NDG H3   H N N 297 
NDG H4   H N N 298 
NDG H5   H N N 299 
NDG H61  H N N 300 
NDG H62  H N N 301 
NDG H81  H N N 302 
NDG H82  H N N 303 
NDG H83  H N N 304 
NDG HO3  H N N 305 
NDG HO4  H N N 306 
NDG HO6  H N N 307 
NDG HN2  H N N 308 
NDG HO1  H N N 309 
PHE N    N N N 310 
PHE CA   C N S 311 
PHE C    C N N 312 
PHE O    O N N 313 
PHE CB   C N N 314 
PHE CG   C Y N 315 
PHE CD1  C Y N 316 
PHE CD2  C Y N 317 
PHE CE1  C Y N 318 
PHE CE2  C Y N 319 
PHE CZ   C Y N 320 
PHE OXT  O N N 321 
PHE H    H N N 322 
PHE H2   H N N 323 
PHE HA   H N N 324 
PHE HB2  H N N 325 
PHE HB3  H N N 326 
PHE HD1  H N N 327 
PHE HD2  H N N 328 
PHE HE1  H N N 329 
PHE HE2  H N N 330 
PHE HZ   H N N 331 
PHE HXT  H N N 332 
PRO N    N N N 333 
PRO CA   C N S 334 
PRO C    C N N 335 
PRO O    O N N 336 
PRO CB   C N N 337 
PRO CG   C N N 338 
PRO CD   C N N 339 
PRO OXT  O N N 340 
PRO H    H N N 341 
PRO HA   H N N 342 
PRO HB2  H N N 343 
PRO HB3  H N N 344 
PRO HG2  H N N 345 
PRO HG3  H N N 346 
PRO HD2  H N N 347 
PRO HD3  H N N 348 
PRO HXT  H N N 349 
SER N    N N N 350 
SER CA   C N S 351 
SER C    C N N 352 
SER O    O N N 353 
SER CB   C N N 354 
SER OG   O N N 355 
SER OXT  O N N 356 
SER H    H N N 357 
SER H2   H N N 358 
SER HA   H N N 359 
SER HB2  H N N 360 
SER HB3  H N N 361 
SER HG   H N N 362 
SER HXT  H N N 363 
THR N    N N N 364 
THR CA   C N S 365 
THR C    C N N 366 
THR O    O N N 367 
THR CB   C N R 368 
THR OG1  O N N 369 
THR CG2  C N N 370 
THR OXT  O N N 371 
THR H    H N N 372 
THR H2   H N N 373 
THR HA   H N N 374 
THR HB   H N N 375 
THR HG1  H N N 376 
THR HG21 H N N 377 
THR HG22 H N N 378 
THR HG23 H N N 379 
THR HXT  H N N 380 
TRP N    N N N 381 
TRP CA   C N S 382 
TRP C    C N N 383 
TRP O    O N N 384 
TRP CB   C N N 385 
TRP CG   C Y N 386 
TRP CD1  C Y N 387 
TRP CD2  C Y N 388 
TRP NE1  N Y N 389 
TRP CE2  C Y N 390 
TRP CE3  C Y N 391 
TRP CZ2  C Y N 392 
TRP CZ3  C Y N 393 
TRP CH2  C Y N 394 
TRP OXT  O N N 395 
TRP H    H N N 396 
TRP H2   H N N 397 
TRP HA   H N N 398 
TRP HB2  H N N 399 
TRP HB3  H N N 400 
TRP HD1  H N N 401 
TRP HE1  H N N 402 
TRP HE3  H N N 403 
TRP HZ2  H N N 404 
TRP HZ3  H N N 405 
TRP HH2  H N N 406 
TRP HXT  H N N 407 
TYR N    N N N 408 
TYR CA   C N S 409 
TYR C    C N N 410 
TYR O    O N N 411 
TYR CB   C N N 412 
TYR CG   C Y N 413 
TYR CD1  C Y N 414 
TYR CD2  C Y N 415 
TYR CE1  C Y N 416 
TYR CE2  C Y N 417 
TYR CZ   C Y N 418 
TYR OH   O N N 419 
TYR OXT  O N N 420 
TYR H    H N N 421 
TYR H2   H N N 422 
TYR HA   H N N 423 
TYR HB2  H N N 424 
TYR HB3  H N N 425 
TYR HD1  H N N 426 
TYR HD2  H N N 427 
TYR HE1  H N N 428 
TYR HE2  H N N 429 
TYR HH   H N N 430 
TYR HXT  H N N 431 
VAL N    N N N 432 
VAL CA   C N S 433 
VAL C    C N N 434 
VAL O    O N N 435 
VAL CB   C N N 436 
VAL CG1  C N N 437 
VAL CG2  C N N 438 
VAL OXT  O N N 439 
VAL H    H N N 440 
VAL H2   H N N 441 
VAL HA   H N N 442 
VAL HB   H N N 443 
VAL HG11 H N N 444 
VAL HG12 H N N 445 
VAL HG13 H N N 446 
VAL HG21 H N N 447 
VAL HG22 H N N 448 
VAL HG23 H N N 449 
VAL HXT  H N N 450 
# 
loop_
_chem_comp_bond.comp_id 
_chem_comp_bond.atom_id_1 
_chem_comp_bond.atom_id_2 
_chem_comp_bond.value_order 
_chem_comp_bond.pdbx_aromatic_flag 
_chem_comp_bond.pdbx_stereo_config 
_chem_comp_bond.pdbx_ordinal 
ALA N   CA   sing N N 1   
ALA N   H    sing N N 2   
ALA N   H2   sing N N 3   
ALA CA  C    sing N N 4   
ALA CA  CB   sing N N 5   
ALA CA  HA   sing N N 6   
ALA C   O    doub N N 7   
ALA C   OXT  sing N N 8   
ALA CB  HB1  sing N N 9   
ALA CB  HB2  sing N N 10  
ALA CB  HB3  sing N N 11  
ALA OXT HXT  sing N N 12  
ARG N   CA   sing N N 13  
ARG N   H    sing N N 14  
ARG N   H2   sing N N 15  
ARG CA  C    sing N N 16  
ARG CA  CB   sing N N 17  
ARG CA  HA   sing N N 18  
ARG C   O    doub N N 19  
ARG C   OXT  sing N N 20  
ARG CB  CG   sing N N 21  
ARG CB  HB2  sing N N 22  
ARG CB  HB3  sing N N 23  
ARG CG  CD   sing N N 24  
ARG CG  HG2  sing N N 25  
ARG CG  HG3  sing N N 26  
ARG CD  NE   sing N N 27  
ARG CD  HD2  sing N N 28  
ARG CD  HD3  sing N N 29  
ARG NE  CZ   sing N N 30  
ARG NE  HE   sing N N 31  
ARG CZ  NH1  sing N N 32  
ARG CZ  NH2  doub N N 33  
ARG NH1 HH11 sing N N 34  
ARG NH1 HH12 sing N N 35  
ARG NH2 HH21 sing N N 36  
ARG NH2 HH22 sing N N 37  
ARG OXT HXT  sing N N 38  
ASN N   CA   sing N N 39  
ASN N   H    sing N N 40  
ASN N   H2   sing N N 41  
ASN CA  C    sing N N 42  
ASN CA  CB   sing N N 43  
ASN CA  HA   sing N N 44  
ASN C   O    doub N N 45  
ASN C   OXT  sing N N 46  
ASN CB  CG   sing N N 47  
ASN CB  HB2  sing N N 48  
ASN CB  HB3  sing N N 49  
ASN CG  OD1  doub N N 50  
ASN CG  ND2  sing N N 51  
ASN ND2 HD21 sing N N 52  
ASN ND2 HD22 sing N N 53  
ASN OXT HXT  sing N N 54  
ASP N   CA   sing N N 55  
ASP N   H    sing N N 56  
ASP N   H2   sing N N 57  
ASP CA  C    sing N N 58  
ASP CA  CB   sing N N 59  
ASP CA  HA   sing N N 60  
ASP C   O    doub N N 61  
ASP C   OXT  sing N N 62  
ASP CB  CG   sing N N 63  
ASP CB  HB2  sing N N 64  
ASP CB  HB3  sing N N 65  
ASP CG  OD1  doub N N 66  
ASP CG  OD2  sing N N 67  
ASP OD2 HD2  sing N N 68  
ASP OXT HXT  sing N N 69  
CYS N   CA   sing N N 70  
CYS N   H    sing N N 71  
CYS N   H2   sing N N 72  
CYS CA  C    sing N N 73  
CYS CA  CB   sing N N 74  
CYS CA  HA   sing N N 75  
CYS C   O    doub N N 76  
CYS C   OXT  sing N N 77  
CYS CB  SG   sing N N 78  
CYS CB  HB2  sing N N 79  
CYS CB  HB3  sing N N 80  
CYS SG  HG   sing N N 81  
CYS OXT HXT  sing N N 82  
GLN N   CA   sing N N 83  
GLN N   H    sing N N 84  
GLN N   H2   sing N N 85  
GLN CA  C    sing N N 86  
GLN CA  CB   sing N N 87  
GLN CA  HA   sing N N 88  
GLN C   O    doub N N 89  
GLN C   OXT  sing N N 90  
GLN CB  CG   sing N N 91  
GLN CB  HB2  sing N N 92  
GLN CB  HB3  sing N N 93  
GLN CG  CD   sing N N 94  
GLN CG  HG2  sing N N 95  
GLN CG  HG3  sing N N 96  
GLN CD  OE1  doub N N 97  
GLN CD  NE2  sing N N 98  
GLN NE2 HE21 sing N N 99  
GLN NE2 HE22 sing N N 100 
GLN OXT HXT  sing N N 101 
GLU N   CA   sing N N 102 
GLU N   H    sing N N 103 
GLU N   H2   sing N N 104 
GLU CA  C    sing N N 105 
GLU CA  CB   sing N N 106 
GLU CA  HA   sing N N 107 
GLU C   O    doub N N 108 
GLU C   OXT  sing N N 109 
GLU CB  CG   sing N N 110 
GLU CB  HB2  sing N N 111 
GLU CB  HB3  sing N N 112 
GLU CG  CD   sing N N 113 
GLU CG  HG2  sing N N 114 
GLU CG  HG3  sing N N 115 
GLU CD  OE1  doub N N 116 
GLU CD  OE2  sing N N 117 
GLU OE2 HE2  sing N N 118 
GLU OXT HXT  sing N N 119 
GLY N   CA   sing N N 120 
GLY N   H    sing N N 121 
GLY N   H2   sing N N 122 
GLY CA  C    sing N N 123 
GLY CA  HA2  sing N N 124 
GLY CA  HA3  sing N N 125 
GLY C   O    doub N N 126 
GLY C   OXT  sing N N 127 
GLY OXT HXT  sing N N 128 
HIS N   CA   sing N N 129 
HIS N   H    sing N N 130 
HIS N   H2   sing N N 131 
HIS CA  C    sing N N 132 
HIS CA  CB   sing N N 133 
HIS CA  HA   sing N N 134 
HIS C   O    doub N N 135 
HIS C   OXT  sing N N 136 
HIS CB  CG   sing N N 137 
HIS CB  HB2  sing N N 138 
HIS CB  HB3  sing N N 139 
HIS CG  ND1  sing Y N 140 
HIS CG  CD2  doub Y N 141 
HIS ND1 CE1  doub Y N 142 
HIS ND1 HD1  sing N N 143 
HIS CD2 NE2  sing Y N 144 
HIS CD2 HD2  sing N N 145 
HIS CE1 NE2  sing Y N 146 
HIS CE1 HE1  sing N N 147 
HIS NE2 HE2  sing N N 148 
HIS OXT HXT  sing N N 149 
HOH O   H1   sing N N 150 
HOH O   H2   sing N N 151 
ILE N   CA   sing N N 152 
ILE N   H    sing N N 153 
ILE N   H2   sing N N 154 
ILE CA  C    sing N N 155 
ILE CA  CB   sing N N 156 
ILE CA  HA   sing N N 157 
ILE C   O    doub N N 158 
ILE C   OXT  sing N N 159 
ILE CB  CG1  sing N N 160 
ILE CB  CG2  sing N N 161 
ILE CB  HB   sing N N 162 
ILE CG1 CD1  sing N N 163 
ILE CG1 HG12 sing N N 164 
ILE CG1 HG13 sing N N 165 
ILE CG2 HG21 sing N N 166 
ILE CG2 HG22 sing N N 167 
ILE CG2 HG23 sing N N 168 
ILE CD1 HD11 sing N N 169 
ILE CD1 HD12 sing N N 170 
ILE CD1 HD13 sing N N 171 
ILE OXT HXT  sing N N 172 
LEU N   CA   sing N N 173 
LEU N   H    sing N N 174 
LEU N   H2   sing N N 175 
LEU CA  C    sing N N 176 
LEU CA  CB   sing N N 177 
LEU CA  HA   sing N N 178 
LEU C   O    doub N N 179 
LEU C   OXT  sing N N 180 
LEU CB  CG   sing N N 181 
LEU CB  HB2  sing N N 182 
LEU CB  HB3  sing N N 183 
LEU CG  CD1  sing N N 184 
LEU CG  CD2  sing N N 185 
LEU CG  HG   sing N N 186 
LEU CD1 HD11 sing N N 187 
LEU CD1 HD12 sing N N 188 
LEU CD1 HD13 sing N N 189 
LEU CD2 HD21 sing N N 190 
LEU CD2 HD22 sing N N 191 
LEU CD2 HD23 sing N N 192 
LEU OXT HXT  sing N N 193 
LYS N   CA   sing N N 194 
LYS N   H    sing N N 195 
LYS N   H2   sing N N 196 
LYS CA  C    sing N N 197 
LYS CA  CB   sing N N 198 
LYS CA  HA   sing N N 199 
LYS C   O    doub N N 200 
LYS C   OXT  sing N N 201 
LYS CB  CG   sing N N 202 
LYS CB  HB2  sing N N 203 
LYS CB  HB3  sing N N 204 
LYS CG  CD   sing N N 205 
LYS CG  HG2  sing N N 206 
LYS CG  HG3  sing N N 207 
LYS CD  CE   sing N N 208 
LYS CD  HD2  sing N N 209 
LYS CD  HD3  sing N N 210 
LYS CE  NZ   sing N N 211 
LYS CE  HE2  sing N N 212 
LYS CE  HE3  sing N N 213 
LYS NZ  HZ1  sing N N 214 
LYS NZ  HZ2  sing N N 215 
LYS NZ  HZ3  sing N N 216 
LYS OXT HXT  sing N N 217 
MET N   CA   sing N N 218 
MET N   H    sing N N 219 
MET N   H2   sing N N 220 
MET CA  C    sing N N 221 
MET CA  CB   sing N N 222 
MET CA  HA   sing N N 223 
MET C   O    doub N N 224 
MET C   OXT  sing N N 225 
MET CB  CG   sing N N 226 
MET CB  HB2  sing N N 227 
MET CB  HB3  sing N N 228 
MET CG  SD   sing N N 229 
MET CG  HG2  sing N N 230 
MET CG  HG3  sing N N 231 
MET SD  CE   sing N N 232 
MET CE  HE1  sing N N 233 
MET CE  HE2  sing N N 234 
MET CE  HE3  sing N N 235 
MET OXT HXT  sing N N 236 
NAG C1  C2   sing N N 237 
NAG C1  O1   sing N N 238 
NAG C1  O5   sing N N 239 
NAG C1  H1   sing N N 240 
NAG C2  C3   sing N N 241 
NAG C2  N2   sing N N 242 
NAG C2  H2   sing N N 243 
NAG C3  C4   sing N N 244 
NAG C3  O3   sing N N 245 
NAG C3  H3   sing N N 246 
NAG C4  C5   sing N N 247 
NAG C4  O4   sing N N 248 
NAG C4  H4   sing N N 249 
NAG C5  C6   sing N N 250 
NAG C5  O5   sing N N 251 
NAG C5  H5   sing N N 252 
NAG C6  O6   sing N N 253 
NAG C6  H61  sing N N 254 
NAG C6  H62  sing N N 255 
NAG C7  C8   sing N N 256 
NAG C7  N2   sing N N 257 
NAG C7  O7   doub N N 258 
NAG C8  H81  sing N N 259 
NAG C8  H82  sing N N 260 
NAG C8  H83  sing N N 261 
NAG N2  HN2  sing N N 262 
NAG O1  HO1  sing N N 263 
NAG O3  HO3  sing N N 264 
NAG O4  HO4  sing N N 265 
NAG O6  HO6  sing N N 266 
NDG C1  C2   sing N N 267 
NDG C1  O5   sing N N 268 
NDG C1  O1   sing N N 269 
NDG C1  H1   sing N N 270 
NDG C2  C3   sing N N 271 
NDG C2  N2   sing N N 272 
NDG C2  H2   sing N N 273 
NDG C3  C4   sing N N 274 
NDG C3  O3   sing N N 275 
NDG C3  H3   sing N N 276 
NDG C4  C5   sing N N 277 
NDG C4  O4   sing N N 278 
NDG C4  H4   sing N N 279 
NDG C5  C6   sing N N 280 
NDG C5  O5   sing N N 281 
NDG C5  H5   sing N N 282 
NDG C6  O6   sing N N 283 
NDG C6  H61  sing N N 284 
NDG C6  H62  sing N N 285 
NDG C7  C8   sing N N 286 
NDG C7  O7   doub N N 287 
NDG C7  N2   sing N N 288 
NDG C8  H81  sing N N 289 
NDG C8  H82  sing N N 290 
NDG C8  H83  sing N N 291 
NDG O3  HO3  sing N N 292 
NDG O4  HO4  sing N N 293 
NDG O6  HO6  sing N N 294 
NDG N2  HN2  sing N N 295 
NDG O1  HO1  sing N N 296 
PHE N   CA   sing N N 297 
PHE N   H    sing N N 298 
PHE N   H2   sing N N 299 
PHE CA  C    sing N N 300 
PHE CA  CB   sing N N 301 
PHE CA  HA   sing N N 302 
PHE C   O    doub N N 303 
PHE C   OXT  sing N N 304 
PHE CB  CG   sing N N 305 
PHE CB  HB2  sing N N 306 
PHE CB  HB3  sing N N 307 
PHE CG  CD1  doub Y N 308 
PHE CG  CD2  sing Y N 309 
PHE CD1 CE1  sing Y N 310 
PHE CD1 HD1  sing N N 311 
PHE CD2 CE2  doub Y N 312 
PHE CD2 HD2  sing N N 313 
PHE CE1 CZ   doub Y N 314 
PHE CE1 HE1  sing N N 315 
PHE CE2 CZ   sing Y N 316 
PHE CE2 HE2  sing N N 317 
PHE CZ  HZ   sing N N 318 
PHE OXT HXT  sing N N 319 
PRO N   CA   sing N N 320 
PRO N   CD   sing N N 321 
PRO N   H    sing N N 322 
PRO CA  C    sing N N 323 
PRO CA  CB   sing N N 324 
PRO CA  HA   sing N N 325 
PRO C   O    doub N N 326 
PRO C   OXT  sing N N 327 
PRO CB  CG   sing N N 328 
PRO CB  HB2  sing N N 329 
PRO CB  HB3  sing N N 330 
PRO CG  CD   sing N N 331 
PRO CG  HG2  sing N N 332 
PRO CG  HG3  sing N N 333 
PRO CD  HD2  sing N N 334 
PRO CD  HD3  sing N N 335 
PRO OXT HXT  sing N N 336 
SER N   CA   sing N N 337 
SER N   H    sing N N 338 
SER N   H2   sing N N 339 
SER CA  C    sing N N 340 
SER CA  CB   sing N N 341 
SER CA  HA   sing N N 342 
SER C   O    doub N N 343 
SER C   OXT  sing N N 344 
SER CB  OG   sing N N 345 
SER CB  HB2  sing N N 346 
SER CB  HB3  sing N N 347 
SER OG  HG   sing N N 348 
SER OXT HXT  sing N N 349 
THR N   CA   sing N N 350 
THR N   H    sing N N 351 
THR N   H2   sing N N 352 
THR CA  C    sing N N 353 
THR CA  CB   sing N N 354 
THR CA  HA   sing N N 355 
THR C   O    doub N N 356 
THR C   OXT  sing N N 357 
THR CB  OG1  sing N N 358 
THR CB  CG2  sing N N 359 
THR CB  HB   sing N N 360 
THR OG1 HG1  sing N N 361 
THR CG2 HG21 sing N N 362 
THR CG2 HG22 sing N N 363 
THR CG2 HG23 sing N N 364 
THR OXT HXT  sing N N 365 
TRP N   CA   sing N N 366 
TRP N   H    sing N N 367 
TRP N   H2   sing N N 368 
TRP CA  C    sing N N 369 
TRP CA  CB   sing N N 370 
TRP CA  HA   sing N N 371 
TRP C   O    doub N N 372 
TRP C   OXT  sing N N 373 
TRP CB  CG   sing N N 374 
TRP CB  HB2  sing N N 375 
TRP CB  HB3  sing N N 376 
TRP CG  CD1  doub Y N 377 
TRP CG  CD2  sing Y N 378 
TRP CD1 NE1  sing Y N 379 
TRP CD1 HD1  sing N N 380 
TRP CD2 CE2  doub Y N 381 
TRP CD2 CE3  sing Y N 382 
TRP NE1 CE2  sing Y N 383 
TRP NE1 HE1  sing N N 384 
TRP CE2 CZ2  sing Y N 385 
TRP CE3 CZ3  doub Y N 386 
TRP CE3 HE3  sing N N 387 
TRP CZ2 CH2  doub Y N 388 
TRP CZ2 HZ2  sing N N 389 
TRP CZ3 CH2  sing Y N 390 
TRP CZ3 HZ3  sing N N 391 
TRP CH2 HH2  sing N N 392 
TRP OXT HXT  sing N N 393 
TYR N   CA   sing N N 394 
TYR N   H    sing N N 395 
TYR N   H2   sing N N 396 
TYR CA  C    sing N N 397 
TYR CA  CB   sing N N 398 
TYR CA  HA   sing N N 399 
TYR C   O    doub N N 400 
TYR C   OXT  sing N N 401 
TYR CB  CG   sing N N 402 
TYR CB  HB2  sing N N 403 
TYR CB  HB3  sing N N 404 
TYR CG  CD1  doub Y N 405 
TYR CG  CD2  sing Y N 406 
TYR CD1 CE1  sing Y N 407 
TYR CD1 HD1  sing N N 408 
TYR CD2 CE2  doub Y N 409 
TYR CD2 HD2  sing N N 410 
TYR CE1 CZ   doub Y N 411 
TYR CE1 HE1  sing N N 412 
TYR CE2 CZ   sing Y N 413 
TYR CE2 HE2  sing N N 414 
TYR CZ  OH   sing N N 415 
TYR OH  HH   sing N N 416 
TYR OXT HXT  sing N N 417 
VAL N   CA   sing N N 418 
VAL N   H    sing N N 419 
VAL N   H2   sing N N 420 
VAL CA  C    sing N N 421 
VAL CA  CB   sing N N 422 
VAL CA  HA   sing N N 423 
VAL C   O    doub N N 424 
VAL C   OXT  sing N N 425 
VAL CB  CG1  sing N N 426 
VAL CB  CG2  sing N N 427 
VAL CB  HB   sing N N 428 
VAL CG1 HG11 sing N N 429 
VAL CG1 HG12 sing N N 430 
VAL CG1 HG13 sing N N 431 
VAL CG2 HG21 sing N N 432 
VAL CG2 HG22 sing N N 433 
VAL CG2 HG23 sing N N 434 
VAL OXT HXT  sing N N 435 
# 
loop_
_pdbx_entity_branch_list.entity_id 
_pdbx_entity_branch_list.comp_id 
_pdbx_entity_branch_list.num 
_pdbx_entity_branch_list.hetero 
2 NDG 1 n 
2 NAG 2 n 
2 NAG 3 n 
# 
_atom_sites.entry_id                    1LMP 
_atom_sites.fract_transf_matrix[1][1]   -0.01412372 
_atom_sites.fract_transf_matrix[1][2]   -0.00535433 
_atom_sites.fract_transf_matrix[1][3]   -0.00041623 
_atom_sites.fract_transf_vector[1]      0.565859 
_atom_sites.fract_transf_matrix[2][1]   -0.00587316 
_atom_sites.fract_transf_matrix[2][2]   -0.00481251 
_atom_sites.fract_transf_matrix[2][3]   -0.01306361 
_atom_sites.fract_transf_vector[2]      0.763515 
_atom_sites.fract_transf_matrix[3][1]   0.00632947 
_atom_sites.fract_transf_matrix[3][2]   -0.01696047 
_atom_sites.fract_transf_matrix[3][3]   0.00340247 
_atom_sites.fract_transf_vector[3]      0.375382 
# 
loop_
_atom_type.symbol 
C 
N 
O 
S 
# 
loop_
_atom_site.group_PDB 
_atom_site.id 
_atom_site.type_symbol 
_atom_site.label_atom_id 
_atom_site.label_alt_id 
_atom_site.label_comp_id 
_atom_site.label_asym_id 
_atom_site.label_entity_id 
_atom_site.label_seq_id 
_atom_site.pdbx_PDB_ins_code 
_atom_site.Cartn_x 
_atom_site.Cartn_y 
_atom_site.Cartn_z 
_atom_site.occupancy 
_atom_site.B_iso_or_equiv 
_atom_site.pdbx_formal_charge 
_atom_site.auth_seq_id 
_atom_site.auth_comp_id 
_atom_site.auth_asym_id 
_atom_site.auth_atom_id 
_atom_site.pdbx_PDB_model_num 
ATOM   1    N N   . LYS A 1 1   ? -4.997  4.033   12.462  1.00 18.46 ? 1   LYS A N   1 
ATOM   2    C CA  . LYS A 1 1   ? -5.234  5.453   12.168  1.00 15.65 ? 1   LYS A CA  1 
ATOM   3    C C   . LYS A 1 1   ? -5.849  5.706   10.826  1.00 17.93 ? 1   LYS A C   1 
ATOM   4    O O   . LYS A 1 1   ? -5.423  5.045   9.870   1.00 14.83 ? 1   LYS A O   1 
ATOM   5    C CB  . LYS A 1 1   ? -3.897  6.198   12.174  1.00 15.31 ? 1   LYS A CB  1 
ATOM   6    C CG  . LYS A 1 1   ? -3.858  7.628   11.626  1.00 19.38 ? 1   LYS A CG  1 
ATOM   7    C CD  . LYS A 1 1   ? -2.502  8.177   11.999  1.00 23.13 ? 1   LYS A CD  1 
ATOM   8    C CE  . LYS A 1 1   ? -2.054  9.537   11.587  1.00 26.45 ? 1   LYS A CE  1 
ATOM   9    N NZ  . LYS A 1 1   ? -2.940  10.560  12.171  1.00 23.20 ? 1   LYS A NZ  1 
ATOM   10   N N   . VAL A 1 2   ? -6.765  6.638   10.723  1.00 15.30 ? 2   VAL A N   1 
ATOM   11   C CA  . VAL A 1 2   ? -7.367  6.961   9.409   1.00 20.02 ? 2   VAL A CA  1 
ATOM   12   C C   . VAL A 1 2   ? -6.685  8.283   9.002   1.00 23.84 ? 2   VAL A C   1 
ATOM   13   O O   . VAL A 1 2   ? -6.985  9.310   9.605   1.00 24.49 ? 2   VAL A O   1 
ATOM   14   C CB  . VAL A 1 2   ? -8.896  7.036   9.360   1.00 20.68 ? 2   VAL A CB  1 
ATOM   15   C CG1 . VAL A 1 2   ? -9.286  7.418   7.945   1.00 19.15 ? 2   VAL A CG1 1 
ATOM   16   C CG2 . VAL A 1 2   ? -9.541  5.769   9.925   1.00 10.67 ? 2   VAL A CG2 1 
ATOM   17   N N   . TYR A 1 3   ? -5.772  8.219   8.053   1.00 23.36 ? 3   TYR A N   1 
ATOM   18   C CA  . TYR A 1 3   ? -5.051  9.381   7.547   1.00 14.17 ? 3   TYR A CA  1 
ATOM   19   C C   . TYR A 1 3   ? -5.940  10.247  6.667   1.00 16.95 ? 3   TYR A C   1 
ATOM   20   O O   . TYR A 1 3   ? -6.808  9.835   5.905   1.00 19.73 ? 3   TYR A O   1 
ATOM   21   C CB  . TYR A 1 3   ? -3.813  9.022   6.679   1.00 12.31 ? 3   TYR A CB  1 
ATOM   22   C CG  . TYR A 1 3   ? -2.632  8.606   7.501   1.00 14.11 ? 3   TYR A CG  1 
ATOM   23   C CD1 . TYR A 1 3   ? -2.551  7.409   8.185   1.00 13.59 ? 3   TYR A CD1 1 
ATOM   24   C CD2 . TYR A 1 3   ? -1.544  9.494   7.608   1.00 19.65 ? 3   TYR A CD2 1 
ATOM   25   C CE1 . TYR A 1 3   ? -1.437  7.047   8.965   1.00 14.59 ? 3   TYR A CE1 1 
ATOM   26   C CE2 . TYR A 1 3   ? -0.418  9.194   8.378   1.00 18.45 ? 3   TYR A CE2 1 
ATOM   27   C CZ  . TYR A 1 3   ? -0.388  7.961   9.043   1.00 21.46 ? 3   TYR A CZ  1 
ATOM   28   O OH  . TYR A 1 3   ? 0.684   7.611   9.803   1.00 22.23 ? 3   TYR A OH  1 
ATOM   29   N N   . ASP A 1 4   ? -5.656  11.508  6.707   1.00 20.20 ? 4   ASP A N   1 
ATOM   30   C CA  . ASP A 1 4   ? -6.155  12.629  5.936   1.00 22.68 ? 4   ASP A CA  1 
ATOM   31   C C   . ASP A 1 4   ? -5.372  12.501  4.625   1.00 13.41 ? 4   ASP A C   1 
ATOM   32   O O   . ASP A 1 4   ? -4.156  12.182  4.736   1.00 14.78 ? 4   ASP A O   1 
ATOM   33   C CB  . ASP A 1 4   ? -5.952  13.962  6.690   1.00 22.82 ? 4   ASP A CB  1 
ATOM   34   C CG  . ASP A 1 4   ? -5.889  15.122  5.717   1.00 24.29 ? 4   ASP A CG  1 
ATOM   35   O OD1 . ASP A 1 4   ? -7.027  15.513  5.381   1.00 44.94 ? 4   ASP A OD1 1 
ATOM   36   O OD2 . ASP A 1 4   ? -4.834  15.587  5.261   1.00 40.03 ? 4   ASP A OD2 1 
ATOM   37   N N   . ARG A 1 5   ? -5.946  12.812  3.501   1.00 16.12 ? 5   ARG A N   1 
ATOM   38   C CA  . ARG A 1 5   ? -5.256  12.727  2.218   1.00 22.57 ? 5   ARG A CA  1 
ATOM   39   C C   . ARG A 1 5   ? -3.929  13.478  2.156   1.00 27.39 ? 5   ARG A C   1 
ATOM   40   O O   . ARG A 1 5   ? -2.946  12.844  1.711   1.00 18.92 ? 5   ARG A O   1 
ATOM   41   C CB  . ARG A 1 5   ? -6.164  13.272  1.136   1.00 14.57 ? 5   ARG A CB  1 
ATOM   42   C CG  . ARG A 1 5   ? -5.536  13.308  -0.251  1.00 21.83 ? 5   ARG A CG  1 
ATOM   43   C CD  . ARG A 1 5   ? -6.604  13.769  -1.213  1.00 20.58 ? 5   ARG A CD  1 
ATOM   44   N NE  . ARG A 1 5   ? -6.985  15.166  -1.015  1.00 26.09 ? 5   ARG A NE  1 
ATOM   45   C CZ  . ARG A 1 5   ? -6.375  16.275  -1.429  1.00 24.62 ? 5   ARG A CZ  1 
ATOM   46   N NH1 . ARG A 1 5   ? -5.275  16.259  -2.159  1.00 22.32 ? 5   ARG A NH1 1 
ATOM   47   N NH2 . ARG A 1 5   ? -6.914  17.436  -1.066  1.00 23.40 ? 5   ARG A NH2 1 
ATOM   48   N N   . CYS A 1 6   ? -3.858  14.732  2.574   1.00 22.68 ? 6   CYS A N   1 
ATOM   49   C CA  . CYS A 1 6   ? -2.597  15.507  2.519   1.00 17.04 ? 6   CYS A CA  1 
ATOM   50   C C   . CYS A 1 6   ? -1.635  15.015  3.574   1.00 14.60 ? 6   CYS A C   1 
ATOM   51   O O   . CYS A 1 6   ? -0.433  15.056  3.295   1.00 17.85 ? 6   CYS A O   1 
ATOM   52   C CB  . CYS A 1 6   ? -2.871  17.016  2.620   1.00 20.63 ? 6   CYS A CB  1 
ATOM   53   S SG  . CYS A 1 6   ? -3.578  17.624  1.073   1.00 19.40 ? 6   CYS A SG  1 
ATOM   54   N N   . GLU A 1 7   ? -2.137  14.607  4.715   1.00 14.34 ? 7   GLU A N   1 
ATOM   55   C CA  . GLU A 1 7   ? -1.282  14.051  5.771   1.00 15.91 ? 7   GLU A CA  1 
ATOM   56   C C   . GLU A 1 7   ? -0.551  12.810  5.301   1.00 13.36 ? 7   GLU A C   1 
ATOM   57   O O   . GLU A 1 7   ? 0.673   12.644  5.577   1.00 13.77 ? 7   GLU A O   1 
ATOM   58   C CB  . GLU A 1 7   ? -2.151  13.755  6.980   1.00 17.03 ? 7   GLU A CB  1 
ATOM   59   C CG  . GLU A 1 7   ? -1.427  13.121  8.137   1.00 14.95 ? 7   GLU A CG  1 
ATOM   60   C CD  . GLU A 1 7   ? -2.392  12.679  9.199   1.00 27.28 ? 7   GLU A CD  1 
ATOM   61   O OE1 . GLU A 1 7   ? -3.552  12.437  8.989   1.00 21.35 ? 7   GLU A OE1 1 
ATOM   62   O OE2 . GLU A 1 7   ? -1.868  12.596  10.306  1.00 23.54 ? 7   GLU A OE2 1 
ATOM   63   N N   . LEU A 1 8   ? -1.317  11.981  4.575   1.00 11.86 ? 8   LEU A N   1 
ATOM   64   C CA  . LEU A 1 8   ? -0.706  10.778  3.973   1.00 11.28 ? 8   LEU A CA  1 
ATOM   65   C C   . LEU A 1 8   ? 0.307   11.224  2.921   1.00 12.97 ? 8   LEU A C   1 
ATOM   66   O O   . LEU A 1 8   ? 1.420   10.718  2.880   1.00 16.68 ? 8   LEU A O   1 
ATOM   67   C CB  . LEU A 1 8   ? -1.747  9.849   3.368   1.00 13.19 ? 8   LEU A CB  1 
ATOM   68   C CG  . LEU A 1 8   ? -1.206  8.563   2.736   1.00 19.14 ? 8   LEU A CG  1 
ATOM   69   C CD1 . LEU A 1 8   ? -0.565  7.686   3.795   1.00 17.13 ? 8   LEU A CD1 1 
ATOM   70   C CD2 . LEU A 1 8   ? -2.393  7.891   2.001   1.00 15.84 ? 8   LEU A CD2 1 
ATOM   71   N N   . ALA A 1 9   ? -0.085  12.163  2.052   1.00 14.21 ? 9   ALA A N   1 
ATOM   72   C CA  . ALA A 1 9   ? 0.818   12.663  0.987   1.00 15.32 ? 9   ALA A CA  1 
ATOM   73   C C   . ALA A 1 9   ? 2.126   13.138  1.605   1.00 20.76 ? 9   ALA A C   1 
ATOM   74   O O   . ALA A 1 9   ? 3.216   12.788  1.087   1.00 20.35 ? 9   ALA A O   1 
ATOM   75   C CB  . ALA A 1 9   ? 0.100   13.713  0.135   1.00 12.21 ? 9   ALA A CB  1 
ATOM   76   N N   . ARG A 1 10  ? 2.108   13.894  2.691   1.00 13.12 ? 10  ARG A N   1 
ATOM   77   C CA  . ARG A 1 10  ? 3.344   14.331  3.334   1.00 8.69  ? 10  ARG A CA  1 
ATOM   78   C C   . ARG A 1 10  ? 4.176   13.196  3.882   1.00 14.66 ? 10  ARG A C   1 
ATOM   79   O O   . ARG A 1 10  ? 5.412   13.231  3.717   1.00 16.18 ? 10  ARG A O   1 
ATOM   80   C CB  . ARG A 1 10  ? 2.944   15.349  4.433   1.00 11.95 ? 10  ARG A CB  1 
ATOM   81   C CG  . ARG A 1 10  ? 2.291   16.513  3.649   1.00 23.45 ? 10  ARG A CG  1 
ATOM   82   C CD  . ARG A 1 10  ? 2.185   17.807  4.368   1.00 44.55 ? 10  ARG A CD  1 
ATOM   83   N NE  . ARG A 1 10  ? 1.895   17.612  5.786   1.00 38.82 ? 10  ARG A NE  1 
ATOM   84   C CZ  . ARG A 1 10  ? 0.636   17.571  6.249   1.00 57.87 ? 10  ARG A CZ  1 
ATOM   85   N NH1 . ARG A 1 10  ? -0.357  18.135  5.560   1.00 24.69 ? 10  ARG A NH1 1 
ATOM   86   N NH2 . ARG A 1 10  ? 0.344   16.979  7.419   1.00 35.62 ? 10  ARG A NH2 1 
ATOM   87   N N   . ALA A 1 11  ? 3.596   12.237  4.588   1.00 20.04 ? 11  ALA A N   1 
ATOM   88   C CA  . ALA A 1 11  ? 4.309   11.091  5.148   1.00 15.30 ? 11  ALA A CA  1 
ATOM   89   C C   . ALA A 1 11  ? 4.924   10.255  4.016   1.00 20.91 ? 11  ALA A C   1 
ATOM   90   O O   . ALA A 1 11  ? 6.067   9.779   4.186   1.00 16.15 ? 11  ALA A O   1 
ATOM   91   C CB  . ALA A 1 11  ? 3.390   10.263  6.046   1.00 11.27 ? 11  ALA A CB  1 
ATOM   92   N N   . LEU A 1 12  ? 4.276   10.073  2.877   1.00 14.33 ? 12  LEU A N   1 
ATOM   93   C CA  . LEU A 1 12  ? 4.841   9.312   1.755   1.00 17.22 ? 12  LEU A CA  1 
ATOM   94   C C   . LEU A 1 12  ? 6.030   10.044  1.116   1.00 12.82 ? 12  LEU A C   1 
ATOM   95   O O   . LEU A 1 12  ? 7.077   9.460   0.786   1.00 17.90 ? 12  LEU A O   1 
ATOM   96   C CB  . LEU A 1 12  ? 3.694   8.976   0.744   1.00 9.99  ? 12  LEU A CB  1 
ATOM   97   C CG  . LEU A 1 12  ? 2.567   8.052   1.231   1.00 19.97 ? 12  LEU A CG  1 
ATOM   98   C CD1 . LEU A 1 12  ? 1.510   7.842   0.161   1.00 19.86 ? 12  LEU A CD1 1 
ATOM   99   C CD2 . LEU A 1 12  ? 3.232   6.742   1.690   1.00 16.73 ? 12  LEU A CD2 1 
ATOM   100  N N   . LYS A 1 13  ? 5.801   11.333  0.905   1.00 13.83 ? 13  LYS A N   1 
ATOM   101  C CA  . LYS A 1 13  ? 6.854   12.189  0.315   1.00 16.29 ? 13  LYS A CA  1 
ATOM   102  C C   . LYS A 1 13  ? 8.096   12.161  1.223   1.00 22.44 ? 13  LYS A C   1 
ATOM   103  O O   . LYS A 1 13  ? 9.234   11.980  0.758   1.00 16.93 ? 13  LYS A O   1 
ATOM   104  C CB  . LYS A 1 13  ? 6.354   13.593  0.072   1.00 23.15 ? 13  LYS A CB  1 
ATOM   105  C CG  . LYS A 1 13  ? 7.344   14.672  -0.332  1.00 22.03 ? 13  LYS A CG  1 
ATOM   106  C CD  . LYS A 1 13  ? 8.109   14.347  -1.592  1.00 36.34 ? 13  LYS A CD  1 
ATOM   107  C CE  . LYS A 1 13  ? 8.489   15.487  -2.513  1.00 34.01 ? 13  LYS A CE  1 
ATOM   108  N NZ  . LYS A 1 13  ? 7.540   16.627  -2.381  1.00 65.12 ? 13  LYS A NZ  1 
ATOM   109  N N   . ALA A 1 14  ? 7.946   12.313  2.517   1.00 18.73 ? 14  ALA A N   1 
ATOM   110  C CA  . ALA A 1 14  ? 8.978   12.311  3.550   1.00 23.65 ? 14  ALA A CA  1 
ATOM   111  C C   . ALA A 1 14  ? 9.706   10.985  3.566   1.00 17.69 ? 14  ALA A C   1 
ATOM   112  O O   . ALA A 1 14  ? 10.892  10.968  3.925   1.00 23.46 ? 14  ALA A O   1 
ATOM   113  C CB  . ALA A 1 14  ? 8.425   12.566  4.961   1.00 16.71 ? 14  ALA A CB  1 
ATOM   114  N N   . SER A 1 15  ? 9.062   9.891   3.205   1.00 18.66 ? 15  SER A N   1 
ATOM   115  C CA  . SER A 1 15  ? 9.618   8.526   3.217   1.00 19.35 ? 15  SER A CA  1 
ATOM   116  C C   . SER A 1 15  ? 10.225  8.020   1.915   1.00 17.79 ? 15  SER A C   1 
ATOM   117  O O   . SER A 1 15  ? 10.536  6.821   1.890   1.00 25.00 ? 15  SER A O   1 
ATOM   118  C CB  . SER A 1 15  ? 8.530   7.510   3.602   1.00 24.47 ? 15  SER A CB  1 
ATOM   119  O OG  . SER A 1 15  ? 8.285   7.728   4.981   1.00 37.07 ? 15  SER A OG  1 
ATOM   120  N N   . GLY A 1 16  ? 10.342  8.872   0.940   1.00 19.45 ? 16  GLY A N   1 
ATOM   121  C CA  . GLY A 1 16  ? 10.947  8.622   -0.337  1.00 16.50 ? 16  GLY A CA  1 
ATOM   122  C C   . GLY A 1 16  ? 10.105  7.892   -1.357  1.00 21.68 ? 16  GLY A C   1 
ATOM   123  O O   . GLY A 1 16  ? 10.722  7.350   -2.308  1.00 20.53 ? 16  GLY A O   1 
ATOM   124  N N   . MET A 1 17  ? 8.791   7.937   -1.136  1.00 21.90 ? 17  MET A N   1 
ATOM   125  C CA  . MET A 1 17  ? 7.868   7.262   -2.098  1.00 13.23 ? 17  MET A CA  1 
ATOM   126  C C   . MET A 1 17  ? 7.677   8.062   -3.381  1.00 19.76 ? 17  MET A C   1 
ATOM   127  O O   . MET A 1 17  ? 7.256   7.454   -4.380  1.00 21.08 ? 17  MET A O   1 
ATOM   128  C CB  . MET A 1 17  ? 6.479   6.953   -1.529  1.00 10.50 ? 17  MET A CB  1 
ATOM   129  C CG  . MET A 1 17  ? 6.652   6.044   -0.303  1.00 17.31 ? 17  MET A CG  1 
ATOM   130  S SD  . MET A 1 17  ? 7.117   4.423   -0.920  1.00 30.13 ? 17  MET A SD  1 
ATOM   131  C CE  . MET A 1 17  ? 5.568   3.583   -1.144  1.00 29.67 ? 17  MET A CE  1 
ATOM   132  N N   . ASP A 1 18  ? 7.961   9.360   -3.434  1.00 22.04 ? 18  ASP A N   1 
ATOM   133  C CA  . ASP A 1 18  ? 7.741   10.111  -4.697  1.00 16.68 ? 18  ASP A CA  1 
ATOM   134  C C   . ASP A 1 18  ? 8.801   9.706   -5.729  1.00 29.72 ? 18  ASP A C   1 
ATOM   135  O O   . ASP A 1 18  ? 9.943   10.157  -5.641  1.00 25.38 ? 18  ASP A O   1 
ATOM   136  C CB  . ASP A 1 18  ? 7.647   11.599  -4.374  1.00 18.74 ? 18  ASP A CB  1 
ATOM   137  C CG  . ASP A 1 18  ? 7.228   12.362  -5.620  1.00 34.76 ? 18  ASP A CG  1 
ATOM   138  O OD1 . ASP A 1 18  ? 6.675   11.845  -6.607  1.00 22.73 ? 18  ASP A OD1 1 
ATOM   139  O OD2 . ASP A 1 18  ? 7.490   13.578  -5.623  1.00 31.88 ? 18  ASP A OD2 1 
ATOM   140  N N   . GLY A 1 19  ? 8.457   8.858   -6.692  1.00 23.44 ? 19  GLY A N   1 
ATOM   141  C CA  . GLY A 1 19  ? 9.390   8.411   -7.723  1.00 20.18 ? 19  GLY A CA  1 
ATOM   142  C C   . GLY A 1 19  ? 9.988   7.048   -7.423  1.00 19.60 ? 19  GLY A C   1 
ATOM   143  O O   . GLY A 1 19  ? 10.839  6.629   -8.229  1.00 26.69 ? 19  GLY A O   1 
ATOM   144  N N   . TYR A 1 20  ? 9.567   6.389   -6.341  1.00 16.96 ? 20  TYR A N   1 
ATOM   145  C CA  . TYR A 1 20  ? 10.155  5.084   -5.991  1.00 17.33 ? 20  TYR A CA  1 
ATOM   146  C C   . TYR A 1 20  ? 9.851   4.097   -7.120  1.00 18.43 ? 20  TYR A C   1 
ATOM   147  O O   . TYR A 1 20  ? 8.667   3.921   -7.435  1.00 18.22 ? 20  TYR A O   1 
ATOM   148  C CB  . TYR A 1 20  ? 9.675   4.562   -4.617  1.00 12.58 ? 20  TYR A CB  1 
ATOM   149  C CG  . TYR A 1 20  ? 10.631  3.443   -4.198  1.00 13.24 ? 20  TYR A CG  1 
ATOM   150  C CD1 . TYR A 1 20  ? 11.821  3.733   -3.562  1.00 17.66 ? 20  TYR A CD1 1 
ATOM   151  C CD2 . TYR A 1 20  ? 10.338  2.099   -4.486  1.00 16.33 ? 20  TYR A CD2 1 
ATOM   152  C CE1 . TYR A 1 20  ? 12.706  2.716   -3.217  1.00 20.69 ? 20  TYR A CE1 1 
ATOM   153  C CE2 . TYR A 1 20  ? 11.225  1.077   -4.152  1.00 20.26 ? 20  TYR A CE2 1 
ATOM   154  C CZ  . TYR A 1 20  ? 12.425  1.395   -3.504  1.00 21.29 ? 20  TYR A CZ  1 
ATOM   155  O OH  . TYR A 1 20  ? 13.305  0.422   -3.143  1.00 27.09 ? 20  TYR A OH  1 
ATOM   156  N N   . ALA A 1 21  ? 10.870  3.496   -7.694  1.00 21.02 ? 21  ALA A N   1 
ATOM   157  C CA  . ALA A 1 21  ? 10.808  2.550   -8.813  1.00 14.59 ? 21  ALA A CA  1 
ATOM   158  C C   . ALA A 1 21  ? 10.016  3.166   -9.986  1.00 26.05 ? 21  ALA A C   1 
ATOM   159  O O   . ALA A 1 21  ? 9.313   2.506   -10.774 1.00 24.30 ? 21  ALA A O   1 
ATOM   160  C CB  . ALA A 1 21  ? 10.242  1.226   -8.327  1.00 20.86 ? 21  ALA A CB  1 
ATOM   161  N N   . GLY A 1 22  ? 10.137  4.489   -10.105 1.00 19.35 ? 22  GLY A N   1 
ATOM   162  C CA  . GLY A 1 22  ? 9.474   5.305   -11.119 1.00 16.32 ? 22  GLY A CA  1 
ATOM   163  C C   . GLY A 1 22  ? 8.013   5.646   -10.914 1.00 29.12 ? 22  GLY A C   1 
ATOM   164  O O   . GLY A 1 22  ? 7.313   6.017   -11.884 1.00 23.30 ? 22  GLY A O   1 
ATOM   165  N N   . ASN A 1 23  ? 7.441   5.525   -9.742  1.00 19.67 ? 23  ASN A N   1 
ATOM   166  C CA  . ASN A 1 23  ? 6.041   5.778   -9.391  1.00 19.85 ? 23  ASN A CA  1 
ATOM   167  C C   . ASN A 1 23  ? 5.895   7.088   -8.634  1.00 18.50 ? 23  ASN A C   1 
ATOM   168  O O   . ASN A 1 23  ? 6.286   7.132   -7.441  1.00 20.81 ? 23  ASN A O   1 
ATOM   169  C CB  . ASN A 1 23  ? 5.488   4.616   -8.545  1.00 18.98 ? 23  ASN A CB  1 
ATOM   170  C CG  . ASN A 1 23  ? 5.565   3.327   -9.355  1.00 23.62 ? 23  ASN A CG  1 
ATOM   171  O OD1 . ASN A 1 23  ? 6.310   2.385   -9.081  1.00 24.10 ? 23  ASN A OD1 1 
ATOM   172  N ND2 . ASN A 1 23  ? 4.808   3.363   -10.414 1.00 18.56 ? 23  ASN A ND2 1 
ATOM   173  N N   . SER A 1 24  ? 5.397   8.100   -9.281  1.00 19.76 ? 24  SER A N   1 
ATOM   174  C CA  . SER A 1 24  ? 5.216   9.425   -8.663  1.00 22.86 ? 24  SER A CA  1 
ATOM   175  C C   . SER A 1 24  ? 4.219   9.314   -7.514  1.00 17.74 ? 24  SER A C   1 
ATOM   176  O O   . SER A 1 24  ? 3.370   8.431   -7.526  1.00 16.59 ? 24  SER A O   1 
ATOM   177  C CB  . SER A 1 24  ? 4.796   10.452  -9.701  1.00 22.63 ? 24  SER A CB  1 
ATOM   178  O OG  . SER A 1 24  ? 3.490   10.161  -10.198 1.00 23.48 ? 24  SER A OG  1 
ATOM   179  N N   . LEU A 1 25  ? 4.322   10.253  -6.586  1.00 15.58 ? 25  LEU A N   1 
ATOM   180  C CA  . LEU A 1 25  ? 3.490   10.325  -5.393  1.00 15.40 ? 25  LEU A CA  1 
ATOM   181  C C   . LEU A 1 25  ? 1.999   10.152  -5.594  1.00 15.36 ? 25  LEU A C   1 
ATOM   182  O O   . LEU A 1 25  ? 1.392   9.401   -4.792  1.00 15.67 ? 25  LEU A O   1 
ATOM   183  C CB  . LEU A 1 25  ? 3.852   11.690  -4.680  1.00 14.88 ? 25  LEU A CB  1 
ATOM   184  C CG  . LEU A 1 25  ? 3.249   11.866  -3.282  1.00 18.70 ? 25  LEU A CG  1 
ATOM   185  C CD1 . LEU A 1 25  ? 3.810   10.827  -2.313  1.00 15.67 ? 25  LEU A CD1 1 
ATOM   186  C CD2 . LEU A 1 25  ? 3.532   13.286  -2.773  1.00 17.13 ? 25  LEU A CD2 1 
ATOM   187  N N   . PRO A 1 26  ? 1.400   10.815  -6.559  1.00 21.37 ? 26  PRO A N   1 
ATOM   188  C CA  . PRO A 1 26  ? -0.043  10.685  -6.785  1.00 18.87 ? 26  PRO A CA  1 
ATOM   189  C C   . PRO A 1 26  ? -0.483  9.227   -7.019  1.00 20.05 ? 26  PRO A C   1 
ATOM   190  O O   . PRO A 1 26  ? -1.634  8.921   -6.697  1.00 14.84 ? 26  PRO A O   1 
ATOM   191  C CB  . PRO A 1 26  ? -0.397  11.632  -7.934  1.00 22.73 ? 26  PRO A CB  1 
ATOM   192  C CG  . PRO A 1 26  ? 0.789   12.533  -8.012  1.00 18.42 ? 26  PRO A CG  1 
ATOM   193  C CD  . PRO A 1 26  ? 1.994   11.729  -7.545  1.00 16.61 ? 26  PRO A CD  1 
ATOM   194  N N   . ASN A 1 27  ? 0.360   8.349   -7.525  1.00 17.22 ? 27  ASN A N   1 
ATOM   195  C CA  . ASN A 1 27  ? 0.104   6.923   -7.755  1.00 13.27 ? 27  ASN A CA  1 
ATOM   196  C C   . ASN A 1 27  ? -0.208  6.235   -6.441  1.00 10.15 ? 27  ASN A C   1 
ATOM   197  O O   . ASN A 1 27  ? -1.200  5.535   -6.312  1.00 15.05 ? 27  ASN A O   1 
ATOM   198  C CB  . ASN A 1 27  ? 1.291   6.235   -8.477  1.00 13.80 ? 27  ASN A CB  1 
ATOM   199  C CG  . ASN A 1 27  ? 1.144   6.665   -9.940  1.00 24.88 ? 27  ASN A CG  1 
ATOM   200  O OD1 . ASN A 1 27  ? 0.229   6.171   -10.632 1.00 20.38 ? 27  ASN A OD1 1 
ATOM   201  N ND2 . ASN A 1 27  ? 1.939   7.591   -10.409 1.00 23.80 ? 27  ASN A ND2 1 
ATOM   202  N N   . TRP A 1 28  ? 0.686   6.532   -5.509  1.00 15.92 ? 28  TRP A N   1 
ATOM   203  C CA  . TRP A 1 28  ? 0.654   5.999   -4.121  1.00 13.94 ? 28  TRP A CA  1 
ATOM   204  C C   . TRP A 1 28  ? -0.517  6.536   -3.310  1.00 15.40 ? 28  TRP A C   1 
ATOM   205  O O   . TRP A 1 28  ? -1.087  5.726   -2.566  1.00 14.86 ? 28  TRP A O   1 
ATOM   206  C CB  . TRP A 1 28  ? 1.937   6.277   -3.372  1.00 13.16 ? 28  TRP A CB  1 
ATOM   207  C CG  . TRP A 1 28  ? 3.163   5.746   -4.044  1.00 16.33 ? 28  TRP A CG  1 
ATOM   208  C CD1 . TRP A 1 28  ? 4.145   6.425   -4.707  1.00 14.77 ? 28  TRP A CD1 1 
ATOM   209  C CD2 . TRP A 1 28  ? 3.531   4.360   -4.092  1.00 17.90 ? 28  TRP A CD2 1 
ATOM   210  N NE1 . TRP A 1 28  ? 5.087   5.547   -5.178  1.00 19.67 ? 28  TRP A NE1 1 
ATOM   211  C CE2 . TRP A 1 28  ? 4.747   4.282   -4.809  1.00 23.79 ? 28  TRP A CE2 1 
ATOM   212  C CE3 . TRP A 1 28  ? 2.913   3.192   -3.605  1.00 16.35 ? 28  TRP A CE3 1 
ATOM   213  C CZ2 . TRP A 1 28  ? 5.382   3.066   -5.042  1.00 29.57 ? 28  TRP A CZ2 1 
ATOM   214  C CZ3 . TRP A 1 28  ? 3.555   1.971   -3.830  1.00 18.00 ? 28  TRP A CZ3 1 
ATOM   215  C CH2 . TRP A 1 28  ? 4.761   1.929   -4.533  1.00 15.42 ? 28  TRP A CH2 1 
ATOM   216  N N   . VAL A 1 29  ? -0.878  7.791   -3.396  1.00 18.40 ? 29  VAL A N   1 
ATOM   217  C CA  . VAL A 1 29  ? -2.045  8.357   -2.693  1.00 13.46 ? 29  VAL A CA  1 
ATOM   218  C C   . VAL A 1 29  ? -3.320  7.767   -3.315  1.00 14.97 ? 29  VAL A C   1 
ATOM   219  O O   . VAL A 1 29  ? -4.235  7.349   -2.590  1.00 15.39 ? 29  VAL A O   1 
ATOM   220  C CB  . VAL A 1 29  ? -2.078  9.893   -2.689  1.00 13.48 ? 29  VAL A CB  1 
ATOM   221  C CG1 . VAL A 1 29  ? -3.339  10.422  -2.008  1.00 12.84 ? 29  VAL A CG1 1 
ATOM   222  C CG2 . VAL A 1 29  ? -0.832  10.474  -2.084  1.00 14.46 ? 29  VAL A CG2 1 
ATOM   223  N N   . CYS A 1 30  ? -3.414  7.681   -4.637  1.00 16.14 ? 30  CYS A N   1 
ATOM   224  C CA  . CYS A 1 30  ? -4.593  7.088   -5.317  1.00 13.89 ? 30  CYS A CA  1 
ATOM   225  C C   . CYS A 1 30  ? -4.816  5.644   -4.902  1.00 15.23 ? 30  CYS A C   1 
ATOM   226  O O   . CYS A 1 30  ? -5.962  5.248   -4.585  1.00 16.41 ? 30  CYS A O   1 
ATOM   227  C CB  . CYS A 1 30  ? -4.461  7.237   -6.846  1.00 13.86 ? 30  CYS A CB  1 
ATOM   228  S SG  . CYS A 1 30  ? -5.822  6.519   -7.788  1.00 20.39 ? 30  CYS A SG  1 
ATOM   229  N N   . LEU A 1 31  ? -3.769  4.810   -4.904  1.00 12.96 ? 31  LEU A N   1 
ATOM   230  C CA  . LEU A 1 31  ? -4.015  3.386   -4.553  1.00 21.55 ? 31  LEU A CA  1 
ATOM   231  C C   . LEU A 1 31  ? -4.380  3.254   -3.076  1.00 13.97 ? 31  LEU A C   1 
ATOM   232  O O   . LEU A 1 31  ? -5.138  2.325   -2.787  1.00 17.80 ? 31  LEU A O   1 
ATOM   233  C CB  . LEU A 1 31  ? -2.813  2.572   -4.983  1.00 21.46 ? 31  LEU A CB  1 
ATOM   234  C CG  . LEU A 1 31  ? -1.603  2.216   -4.194  1.00 22.89 ? 31  LEU A CG  1 
ATOM   235  C CD1 . LEU A 1 31  ? -1.750  1.256   -3.014  1.00 18.01 ? 31  LEU A CD1 1 
ATOM   236  C CD2 . LEU A 1 31  ? -0.641  1.525   -5.208  1.00 21.95 ? 31  LEU A CD2 1 
ATOM   237  N N   . SER A 1 32  ? -3.819  4.072   -2.192  1.00 15.12 ? 32  SER A N   1 
ATOM   238  C CA  . SER A 1 32  ? -4.138  4.013   -0.747  1.00 17.16 ? 32  SER A CA  1 
ATOM   239  C C   . SER A 1 32  ? -5.633  4.335   -0.518  1.00 17.69 ? 32  SER A C   1 
ATOM   240  O O   . SER A 1 32  ? -6.397  3.697   0.217   1.00 17.21 ? 32  SER A O   1 
ATOM   241  C CB  . SER A 1 32  ? -3.277  4.946   0.094   1.00 12.42 ? 32  SER A CB  1 
ATOM   242  O OG  . SER A 1 32  ? -1.924  4.646   0.025   1.00 16.87 ? 32  SER A OG  1 
ATOM   243  N N   . LYS A 1 33  ? -6.115  5.381   -1.198  1.00 14.38 ? 33  LYS A N   1 
ATOM   244  C CA  . LYS A 1 33  ? -7.514  5.792   -1.170  1.00 14.46 ? 33  LYS A CA  1 
ATOM   245  C C   . LYS A 1 33  ? -8.481  4.669   -1.609  1.00 20.46 ? 33  LYS A C   1 
ATOM   246  O O   . LYS A 1 33  ? -9.450  4.383   -0.879  1.00 17.19 ? 33  LYS A O   1 
ATOM   247  C CB  . LYS A 1 33  ? -7.751  7.027   -2.047  1.00 18.49 ? 33  LYS A CB  1 
ATOM   248  C CG  . LYS A 1 33  ? -9.140  7.606   -1.710  1.00 24.81 ? 33  LYS A CG  1 
ATOM   249  C CD  . LYS A 1 33  ? -10.057 7.450   -2.893  1.00 33.05 ? 33  LYS A CD  1 
ATOM   250  C CE  . LYS A 1 33  ? -11.272 8.354   -2.683  1.00 57.02 ? 33  LYS A CE  1 
ATOM   251  N NZ  . LYS A 1 33  ? -12.479 7.493   -2.859  1.00 45.77 ? 33  LYS A NZ  1 
ATOM   252  N N   . TRP A 1 34  ? -8.222  4.028   -2.751  1.00 14.53 ? 34  TRP A N   1 
ATOM   253  C CA  . TRP A 1 34  ? -9.092  2.978   -3.289  1.00 13.49 ? 34  TRP A CA  1 
ATOM   254  C C   . TRP A 1 34  ? -8.929  1.666   -2.554  1.00 22.95 ? 34  TRP A C   1 
ATOM   255  O O   . TRP A 1 34  ? -9.954  0.973   -2.464  1.00 30.70 ? 34  TRP A O   1 
ATOM   256  C CB  . TRP A 1 34  ? -8.847  2.777   -4.791  1.00 16.57 ? 34  TRP A CB  1 
ATOM   257  C CG  . TRP A 1 34  ? -9.263  4.045   -5.454  1.00 13.87 ? 34  TRP A CG  1 
ATOM   258  C CD1 . TRP A 1 34  ? -8.563  5.109   -5.949  1.00 17.30 ? 34  TRP A CD1 1 
ATOM   259  C CD2 . TRP A 1 34  ? -10.648 4.376   -5.627  1.00 19.89 ? 34  TRP A CD2 1 
ATOM   260  N NE1 . TRP A 1 34  ? -9.416  6.064   -6.441  1.00 23.40 ? 34  TRP A NE1 1 
ATOM   261  C CE2 . TRP A 1 34  ? -10.695 5.644   -6.265  1.00 18.07 ? 34  TRP A CE2 1 
ATOM   262  C CE3 . TRP A 1 34  ? -11.836 3.679   -5.339  1.00 26.52 ? 34  TRP A CE3 1 
ATOM   263  C CZ2 . TRP A 1 34  ? -11.928 6.197   -6.595  1.00 37.31 ? 34  TRP A CZ2 1 
ATOM   264  C CZ3 . TRP A 1 34  ? -13.040 4.267   -5.658  1.00 40.23 ? 34  TRP A CZ3 1 
ATOM   265  C CH2 . TRP A 1 34  ? -13.088 5.508   -6.277  1.00 34.72 ? 34  TRP A CH2 1 
ATOM   266  N N   . GLU A 1 35  ? -7.734  1.359   -2.097  1.00 17.64 ? 35  GLU A N   1 
ATOM   267  C CA  . GLU A 1 35  ? -7.487  0.106   -1.381  1.00 18.73 ? 35  GLU A CA  1 
ATOM   268  C C   . GLU A 1 35  ? -8.017  0.115   0.045   1.00 18.86 ? 35  GLU A C   1 
ATOM   269  O O   . GLU A 1 35  ? -8.654  -0.867  0.458   1.00 17.23 ? 35  GLU A O   1 
ATOM   270  C CB  . GLU A 1 35  ? -5.987  -0.238  -1.309  1.00 13.16 ? 35  GLU A CB  1 
ATOM   271  C CG  . GLU A 1 35  ? -5.254  -0.716  -2.555  1.00 15.09 ? 35  GLU A CG  1 
ATOM   272  C CD  . GLU A 1 35  ? -5.685  -2.094  -3.019  1.00 22.23 ? 35  GLU A CD  1 
ATOM   273  O OE1 . GLU A 1 35  ? -6.521  -2.795  -2.471  1.00 20.04 ? 35  GLU A OE1 1 
ATOM   274  O OE2 . GLU A 1 35  ? -5.092  -2.487  -4.024  1.00 20.77 ? 35  GLU A OE2 1 
ATOM   275  N N   . SER A 1 36  ? -7.779  1.139   0.836   1.00 17.58 ? 36  SER A N   1 
ATOM   276  C CA  . SER A 1 36  ? -8.192  1.136   2.229   1.00 17.66 ? 36  SER A CA  1 
ATOM   277  C C   . SER A 1 36  ? -8.939  2.341   2.746   1.00 19.50 ? 36  SER A C   1 
ATOM   278  O O   . SER A 1 36  ? -9.251  2.321   3.949   1.00 18.49 ? 36  SER A O   1 
ATOM   279  C CB  . SER A 1 36  ? -6.874  1.036   3.038   1.00 15.60 ? 36  SER A CB  1 
ATOM   280  O OG  . SER A 1 36  ? -6.207  2.260   2.761   1.00 13.21 ? 36  SER A OG  1 
ATOM   281  N N   . SER A 1 37  ? -9.168  3.331   1.915   1.00 16.77 ? 37  SER A N   1 
ATOM   282  C CA  . SER A 1 37  ? -9.781  4.600   2.327   1.00 15.41 ? 37  SER A CA  1 
ATOM   283  C C   . SER A 1 37  ? -8.881  5.255   3.367   1.00 20.35 ? 37  SER A C   1 
ATOM   284  O O   . SER A 1 37  ? -9.365  5.854   4.338   1.00 18.87 ? 37  SER A O   1 
ATOM   285  C CB  . SER A 1 37  ? -11.177 4.474   2.919   1.00 32.23 ? 37  SER A CB  1 
ATOM   286  O OG  . SER A 1 37  ? -11.944 3.666   2.085   1.00 29.24 ? 37  SER A OG  1 
ATOM   287  N N   . TYR A 1 38  ? -7.583  5.039   3.196   1.00 17.05 ? 38  TYR A N   1 
ATOM   288  C CA  . TYR A 1 38  ? -6.579  5.591   4.098   1.00 18.35 ? 38  TYR A CA  1 
ATOM   289  C C   . TYR A 1 38  ? -6.551  5.078   5.536   1.00 18.07 ? 38  TYR A C   1 
ATOM   290  O O   . TYR A 1 38  ? -6.042  5.756   6.444   1.00 12.36 ? 38  TYR A O   1 
ATOM   291  C CB  . TYR A 1 38  ? -6.811  7.108   4.164   1.00 16.26 ? 38  TYR A CB  1 
ATOM   292  C CG  . TYR A 1 38  ? -6.831  7.816   2.842   1.00 15.65 ? 38  TYR A CG  1 
ATOM   293  C CD1 . TYR A 1 38  ? -5.778  7.743   1.948   1.00 23.28 ? 38  TYR A CD1 1 
ATOM   294  C CD2 . TYR A 1 38  ? -7.943  8.588   2.491   1.00 19.32 ? 38  TYR A CD2 1 
ATOM   295  C CE1 . TYR A 1 38  ? -5.804  8.416   0.722   1.00 14.60 ? 38  TYR A CE1 1 
ATOM   296  C CE2 . TYR A 1 38  ? -7.959  9.303   1.297   1.00 24.47 ? 38  TYR A CE2 1 
ATOM   297  C CZ  . TYR A 1 38  ? -6.895  9.218   0.416   1.00 22.07 ? 38  TYR A CZ  1 
ATOM   298  O OH  . TYR A 1 38  ? -6.910  9.928   -0.751  1.00 24.28 ? 38  TYR A OH  1 
ATOM   299  N N   . ASN A 1 39  ? -7.086  3.902   5.746   1.00 15.97 ? 39  ASN A N   1 
ATOM   300  C CA  . ASN A 1 39  ? -7.137  3.342   7.108   1.00 13.21 ? 39  ASN A CA  1 
ATOM   301  C C   . ASN A 1 39  ? -6.026  2.309   7.256   1.00 14.83 ? 39  ASN A C   1 
ATOM   302  O O   . ASN A 1 39  ? -6.068  1.293   6.528   1.00 14.96 ? 39  ASN A O   1 
ATOM   303  C CB  . ASN A 1 39  ? -8.587  2.855   7.354   1.00 15.35 ? 39  ASN A CB  1 
ATOM   304  C CG  . ASN A 1 39  ? -8.797  2.263   8.758   1.00 12.41 ? 39  ASN A CG  1 
ATOM   305  O OD1 . ASN A 1 39  ? -8.068  2.342   9.725   1.00 18.02 ? 39  ASN A OD1 1 
ATOM   306  N ND2 . ASN A 1 39  ? -9.934  1.580   8.917   1.00 15.84 ? 39  ASN A ND2 1 
ATOM   307  N N   . THR A 1 40  ? -5.078  2.530   8.151   1.00 14.00 ? 40  THR A N   1 
ATOM   308  C CA  . THR A 1 40  ? -3.990  1.585   8.444   1.00 18.17 ? 40  THR A CA  1 
ATOM   309  C C   . THR A 1 40  ? -4.509  0.274   9.020   1.00 15.60 ? 40  THR A C   1 
ATOM   310  O O   . THR A 1 40  ? -3.859  -0.765  8.881   1.00 15.54 ? 40  THR A O   1 
ATOM   311  C CB  . THR A 1 40  ? -2.896  2.212   9.404   1.00 17.38 ? 40  THR A CB  1 
ATOM   312  O OG1 . THR A 1 40  ? -3.502  2.348   10.719  1.00 13.72 ? 40  THR A OG1 1 
ATOM   313  C CG2 . THR A 1 40  ? -2.358  3.523   8.826   1.00 12.13 ? 40  THR A CG2 1 
ATOM   314  N N   . GLN A 1 41  ? -5.696  0.232   9.619   1.00 17.45 ? 41  GLN A N   1 
ATOM   315  C CA  . GLN A 1 41  ? -6.297  -0.939  10.223  1.00 13.17 ? 41  GLN A CA  1 
ATOM   316  C C   . GLN A 1 41  ? -7.198  -1.747  9.308   1.00 22.87 ? 41  GLN A C   1 
ATOM   317  O O   . GLN A 1 41  ? -7.864  -2.687  9.800   1.00 24.42 ? 41  GLN A O   1 
ATOM   318  C CB  . GLN A 1 41  ? -7.150  -0.545  11.463  1.00 12.53 ? 41  GLN A CB  1 
ATOM   319  C CG  . GLN A 1 41  ? -6.240  0.111   12.496  1.00 17.23 ? 41  GLN A CG  1 
ATOM   320  C CD  . GLN A 1 41  ? -6.791  0.131   13.912  1.00 13.61 ? 41  GLN A CD  1 
ATOM   321  O OE1 . GLN A 1 41  ? -7.293  1.159   14.376  1.00 22.26 ? 41  GLN A OE1 1 
ATOM   322  N NE2 . GLN A 1 41  ? -6.719  -1.036  14.540  1.00 16.79 ? 41  GLN A NE2 1 
ATOM   323  N N   . ALA A 1 42  ? -7.246  -1.372  8.053   1.00 14.34 ? 42  ALA A N   1 
ATOM   324  C CA  . ALA A 1 42  ? -8.117  -2.138  7.152   1.00 18.27 ? 42  ALA A CA  1 
ATOM   325  C C   . ALA A 1 42  ? -7.632  -3.571  6.933   1.00 22.28 ? 42  ALA A C   1 
ATOM   326  O O   . ALA A 1 42  ? -6.444  -3.845  6.724   1.00 15.13 ? 42  ALA A O   1 
ATOM   327  C CB  . ALA A 1 42  ? -8.242  -1.404  5.817   1.00 17.94 ? 42  ALA A CB  1 
ATOM   328  N N   . THR A 1 43  ? -8.575  -4.513  6.939   1.00 17.78 ? 43  THR A N   1 
ATOM   329  C CA  . THR A 1 43  ? -8.307  -5.931  6.650   1.00 26.75 ? 43  THR A CA  1 
ATOM   330  C C   . THR A 1 43  ? -9.439  -6.446  5.741   1.00 22.42 ? 43  THR A C   1 
ATOM   331  O O   . THR A 1 43  ? -10.586 -6.025  5.785   1.00 23.75 ? 43  THR A O   1 
ATOM   332  C CB  . THR A 1 43  ? -8.089  -6.876  7.889   1.00 25.09 ? 43  THR A CB  1 
ATOM   333  O OG1 . THR A 1 43  ? -9.331  -6.804  8.649   1.00 21.09 ? 43  THR A OG1 1 
ATOM   334  C CG2 . THR A 1 43  ? -6.864  -6.510  8.722   1.00 11.74 ? 43  THR A CG2 1 
ATOM   335  N N   . ASN A 1 44  ? -9.097  -7.332  4.846   1.00 15.73 ? 44  ASN A N   1 
ATOM   336  C CA  . ASN A 1 44  ? -10.024 -7.936  3.881   1.00 17.41 ? 44  ASN A CA  1 
ATOM   337  C C   . ASN A 1 44  ? -9.590  -9.374  3.612   1.00 22.79 ? 44  ASN A C   1 
ATOM   338  O O   . ASN A 1 44  ? -8.487  -9.629  3.102   1.00 19.97 ? 44  ASN A O   1 
ATOM   339  C CB  . ASN A 1 44  ? -10.104 -7.052  2.634   1.00 23.51 ? 44  ASN A CB  1 
ATOM   340  C CG  . ASN A 1 44  ? -10.994 -7.657  1.553   1.00 47.13 ? 44  ASN A CG  1 
ATOM   341  O OD1 . ASN A 1 44  ? -12.240 -7.562  1.633   1.00 53.30 ? 44  ASN A OD1 1 
ATOM   342  N ND2 . ASN A 1 44  ? -10.378 -8.302  0.551   1.00 46.80 ? 44  ASN A ND2 1 
ATOM   343  N N   . ARG A 1 45  ? -10.436 -10.314 3.975   1.00 18.97 ? 45  ARG A N   1 
ATOM   344  C CA  . ARG A 1 45  ? -10.141 -11.737 3.765   1.00 15.52 ? 45  ARG A CA  1 
ATOM   345  C C   . ARG A 1 45  ? -10.496 -12.167 2.358   1.00 26.35 ? 45  ARG A C   1 
ATOM   346  O O   . ARG A 1 45  ? -11.549 -11.749 1.836   1.00 28.65 ? 45  ARG A O   1 
ATOM   347  C CB  . ARG A 1 45  ? -10.893 -12.584 4.796   1.00 24.05 ? 45  ARG A CB  1 
ATOM   348  C CG  . ARG A 1 45  ? -10.526 -14.044 4.559   1.00 43.45 ? 45  ARG A CG  1 
ATOM   349  C CD  . ARG A 1 45  ? -9.563  -14.674 5.473   1.00 34.96 ? 45  ARG A CD  1 
ATOM   350  N NE  . ARG A 1 45  ? -10.278 -15.211 6.639   1.00 73.13 ? 45  ARG A NE  1 
ATOM   351  C CZ  . ARG A 1 45  ? -10.682 -14.379 7.618   1.00 79.93 ? 45  ARG A CZ  1 
ATOM   352  N NH1 . ARG A 1 45  ? -10.164 -13.145 7.720   1.00 58.80 ? 45  ARG A NH1 1 
ATOM   353  N NH2 . ARG A 1 45  ? -11.611 -14.838 8.455   1.00 53.52 ? 45  ARG A NH2 1 
ATOM   354  N N   . ASN A 1 46  ? -9.668  -12.985 1.741   1.00 28.72 ? 46  ASN A N   1 
ATOM   355  C CA  . ASN A 1 46  ? -9.960  -13.473 0.374   1.00 31.17 ? 46  ASN A CA  1 
ATOM   356  C C   . ASN A 1 46  ? -10.431 -14.931 0.426   1.00 34.85 ? 46  ASN A C   1 
ATOM   357  O O   . ASN A 1 46  ? -10.269 -15.630 1.441   1.00 30.02 ? 46  ASN A O   1 
ATOM   358  C CB  . ASN A 1 46  ? -8.749  -13.275 -0.518  1.00 20.09 ? 46  ASN A CB  1 
ATOM   359  C CG  . ASN A 1 46  ? -8.499  -11.790 -0.754  1.00 23.38 ? 46  ASN A CG  1 
ATOM   360  O OD1 . ASN A 1 46  ? -7.427  -11.308 -0.373  1.00 36.10 ? 46  ASN A OD1 1 
ATOM   361  N ND2 . ASN A 1 46  ? -9.404  -11.011 -1.317  1.00 33.99 ? 46  ASN A ND2 1 
ATOM   362  N N   . THR A 1 47  ? -10.981 -15.328 -0.701  1.00 36.86 ? 47  THR A N   1 
ATOM   363  C CA  . THR A 1 47  ? -11.526 -16.661 -0.975  1.00 37.27 ? 47  THR A CA  1 
ATOM   364  C C   . THR A 1 47  ? -10.513 -17.787 -0.830  1.00 33.48 ? 47  THR A C   1 
ATOM   365  O O   . THR A 1 47  ? -10.788 -18.905 -0.405  1.00 46.09 ? 47  THR A O   1 
ATOM   366  C CB  . THR A 1 47  ? -12.128 -16.799 -2.433  1.00 52.01 ? 47  THR A CB  1 
ATOM   367  O OG1 . THR A 1 47  ? -10.930 -16.832 -3.288  1.00 69.50 ? 47  THR A OG1 1 
ATOM   368  C CG2 . THR A 1 47  ? -13.128 -15.707 -2.786  1.00 39.44 ? 47  THR A CG2 1 
ATOM   369  N N   . ASP A 1 48  ? -9.310  -17.429 -1.215  1.00 29.16 ? 48  ASP A N   1 
ATOM   370  C CA  . ASP A 1 48  ? -8.106  -18.280 -1.169  1.00 29.86 ? 48  ASP A CA  1 
ATOM   371  C C   . ASP A 1 48  ? -7.451  -18.446 0.212   1.00 32.96 ? 48  ASP A C   1 
ATOM   372  O O   . ASP A 1 48  ? -6.379  -19.112 0.285   1.00 34.15 ? 48  ASP A O   1 
ATOM   373  C CB  . ASP A 1 48  ? -7.113  -17.715 -2.213  1.00 26.05 ? 48  ASP A CB  1 
ATOM   374  C CG  . ASP A 1 48  ? -6.409  -16.457 -1.738  1.00 47.30 ? 48  ASP A CG  1 
ATOM   375  O OD1 . ASP A 1 48  ? -6.725  -15.806 -0.720  1.00 32.41 ? 48  ASP A OD1 1 
ATOM   376  O OD2 . ASP A 1 48  ? -5.437  -16.149 -2.465  1.00 58.64 ? 48  ASP A OD2 1 
ATOM   377  N N   . GLY A 1 49  ? -8.005  -17.861 1.266   1.00 22.78 ? 49  GLY A N   1 
ATOM   378  C CA  . GLY A 1 49  ? -7.445  -18.016 2.612   1.00 30.15 ? 49  GLY A CA  1 
ATOM   379  C C   . GLY A 1 49  ? -6.496  -16.892 3.008   1.00 20.20 ? 49  GLY A C   1 
ATOM   380  O O   . GLY A 1 49  ? -6.115  -16.827 4.200   1.00 25.53 ? 49  GLY A O   1 
ATOM   381  N N   . SER A 1 50  ? -6.175  -16.074 2.024   1.00 21.62 ? 50  SER A N   1 
ATOM   382  C CA  . SER A 1 50  ? -5.266  -14.945 2.343   1.00 21.86 ? 50  SER A CA  1 
ATOM   383  C C   . SER A 1 50  ? -6.114  -13.733 2.777   1.00 19.00 ? 50  SER A C   1 
ATOM   384  O O   . SER A 1 50  ? -7.330  -13.667 2.635   1.00 19.44 ? 50  SER A O   1 
ATOM   385  C CB  . SER A 1 50  ? -4.337  -14.598 1.198   1.00 14.68 ? 50  SER A CB  1 
ATOM   386  O OG  . SER A 1 50  ? -5.135  -14.054 0.156   1.00 18.76 ? 50  SER A OG  1 
ATOM   387  N N   . THR A 1 51  ? -5.378  -12.787 3.364   1.00 19.33 ? 51  THR A N   1 
ATOM   388  C CA  . THR A 1 51  ? -5.931  -11.528 3.862   1.00 16.55 ? 51  THR A CA  1 
ATOM   389  C C   . THR A 1 51  ? -5.073  -10.366 3.394   1.00 16.93 ? 51  THR A C   1 
ATOM   390  O O   . THR A 1 51  ? -3.844  -10.575 3.349   1.00 15.79 ? 51  THR A O   1 
ATOM   391  C CB  . THR A 1 51  ? -6.105  -11.584 5.439   1.00 18.65 ? 51  THR A CB  1 
ATOM   392  O OG1 . THR A 1 51  ? -6.944  -12.772 5.665   1.00 22.61 ? 51  THR A OG1 1 
ATOM   393  C CG2 . THR A 1 51  ? -6.687  -10.331 6.121   1.00 11.90 ? 51  THR A CG2 1 
ATOM   394  N N   . ASP A 1 52  ? -5.720  -9.250  3.093   1.00 17.35 ? 52  ASP A N   1 
ATOM   395  C CA  . ASP A 1 52  ? -5.071  -7.988  2.699   1.00 20.57 ? 52  ASP A CA  1 
ATOM   396  C C   . ASP A 1 52  ? -5.008  -7.114  3.962   1.00 17.31 ? 52  ASP A C   1 
ATOM   397  O O   . ASP A 1 52  ? -5.969  -7.013  4.700   1.00 18.51 ? 52  ASP A O   1 
ATOM   398  C CB  . ASP A 1 52  ? -5.743  -7.279  1.532   1.00 17.67 ? 52  ASP A CB  1 
ATOM   399  C CG  . ASP A 1 52  ? -5.811  -8.200  0.305   1.00 25.71 ? 52  ASP A CG  1 
ATOM   400  O OD1 . ASP A 1 52  ? -4.886  -8.975  0.010   1.00 21.10 ? 52  ASP A OD1 1 
ATOM   401  O OD2 . ASP A 1 52  ? -6.836  -8.104  -0.372  1.00 25.65 ? 52  ASP A OD2 1 
ATOM   402  N N   . TYR A 1 53  ? -3.831  -6.508  4.189   1.00 12.97 ? 53  TYR A N   1 
ATOM   403  C CA  . TYR A 1 53  ? -3.518  -5.718  5.377   1.00 16.88 ? 53  TYR A CA  1 
ATOM   404  C C   . TYR A 1 53  ? -3.018  -4.298  5.199   1.00 15.87 ? 53  TYR A C   1 
ATOM   405  O O   . TYR A 1 53  ? -2.061  -4.058  4.447   1.00 15.49 ? 53  TYR A O   1 
ATOM   406  C CB  . TYR A 1 53  ? -2.389  -6.425  6.205   1.00 13.26 ? 53  TYR A CB  1 
ATOM   407  C CG  . TYR A 1 53  ? -2.825  -7.775  6.738   1.00 17.67 ? 53  TYR A CG  1 
ATOM   408  C CD1 . TYR A 1 53  ? -2.695  -8.952  5.997   1.00 13.92 ? 53  TYR A CD1 1 
ATOM   409  C CD2 . TYR A 1 53  ? -3.388  -7.852  8.019   1.00 24.83 ? 53  TYR A CD2 1 
ATOM   410  C CE1 . TYR A 1 53  ? -3.091  -10.179 6.515   1.00 10.61 ? 53  TYR A CE1 1 
ATOM   411  C CE2 . TYR A 1 53  ? -3.788  -9.072  8.564   1.00 21.03 ? 53  TYR A CE2 1 
ATOM   412  C CZ  . TYR A 1 53  ? -3.653  -10.241 7.779   1.00 21.61 ? 53  TYR A CZ  1 
ATOM   413  O OH  . TYR A 1 53  ? -4.074  -11.442 8.272   1.00 17.14 ? 53  TYR A OH  1 
ATOM   414  N N   . GLY A 1 54  ? -3.641  -3.418  5.982   1.00 11.91 ? 54  GLY A N   1 
ATOM   415  C CA  . GLY A 1 54  ? -3.231  -2.041  6.069   1.00 12.37 ? 54  GLY A CA  1 
ATOM   416  C C   . GLY A 1 54  ? -3.634  -1.082  4.992   1.00 18.38 ? 54  GLY A C   1 
ATOM   417  O O   . GLY A 1 54  ? -4.514  -1.363  4.185   1.00 12.89 ? 54  GLY A O   1 
ATOM   418  N N   . ILE A 1 55  ? -2.976  0.067   5.051   1.00 17.64 ? 55  ILE A N   1 
ATOM   419  C CA  . ILE A 1 55  ? -3.265  1.170   4.110   1.00 14.29 ? 55  ILE A CA  1 
ATOM   420  C C   . ILE A 1 55  ? -3.091  0.765   2.645   1.00 21.77 ? 55  ILE A C   1 
ATOM   421  O O   . ILE A 1 55  ? -3.811  1.278   1.797   1.00 18.01 ? 55  ILE A O   1 
ATOM   422  C CB  . ILE A 1 55  ? -2.428  2.448   4.556   1.00 13.85 ? 55  ILE A CB  1 
ATOM   423  C CG1 . ILE A 1 55  ? -3.246  3.683   4.124   1.00 14.21 ? 55  ILE A CG1 1 
ATOM   424  C CG2 . ILE A 1 55  ? -0.970  2.473   4.034   1.00 10.77 ? 55  ILE A CG2 1 
ATOM   425  C CD1 . ILE A 1 55  ? -2.901  5.002   4.902   1.00 15.40 ? 55  ILE A CD1 1 
ATOM   426  N N   . PHE A 1 56  ? -2.121  -0.069  2.328   1.00 14.78 ? 56  PHE A N   1 
ATOM   427  C CA  . PHE A 1 56  ? -1.776  -0.569  0.990   1.00 18.37 ? 56  PHE A CA  1 
ATOM   428  C C   . PHE A 1 56  ? -2.369  -1.960  0.707   1.00 21.80 ? 56  PHE A C   1 
ATOM   429  O O   . PHE A 1 56  ? -2.122  -2.536  -0.369  1.00 19.12 ? 56  PHE A O   1 
ATOM   430  C CB  . PHE A 1 56  ? -0.251  -0.642  0.756   1.00 12.10 ? 56  PHE A CB  1 
ATOM   431  C CG  . PHE A 1 56  ? 0.481   0.637   1.028   1.00 22.21 ? 56  PHE A CG  1 
ATOM   432  C CD1 . PHE A 1 56  ? 0.081   1.830   0.397   1.00 24.31 ? 56  PHE A CD1 1 
ATOM   433  C CD2 . PHE A 1 56  ? 1.538   0.625   1.920   1.00 15.11 ? 56  PHE A CD2 1 
ATOM   434  C CE1 . PHE A 1 56  ? 0.782   3.024   0.667   1.00 22.11 ? 56  PHE A CE1 1 
ATOM   435  C CE2 . PHE A 1 56  ? 2.246   1.810   2.201   1.00 18.01 ? 56  PHE A CE2 1 
ATOM   436  C CZ  . PHE A 1 56  ? 1.861   2.990   1.583   1.00 15.95 ? 56  PHE A CZ  1 
ATOM   437  N N   . GLN A 1 57  ? -3.102  -2.491  1.682   1.00 12.00 ? 57  GLN A N   1 
ATOM   438  C CA  . GLN A 1 57  ? -3.741  -3.796  1.533   1.00 18.97 ? 57  GLN A CA  1 
ATOM   439  C C   . GLN A 1 57  ? -2.760  -4.829  0.978   1.00 19.57 ? 57  GLN A C   1 
ATOM   440  O O   . GLN A 1 57  ? -3.049  -5.464  -0.050  1.00 18.20 ? 57  GLN A O   1 
ATOM   441  C CB  . GLN A 1 57  ? -5.025  -3.676  0.669   1.00 13.60 ? 57  GLN A CB  1 
ATOM   442  C CG  . GLN A 1 57  ? -6.102  -2.849  1.359   1.00 9.93  ? 57  GLN A CG  1 
ATOM   443  C CD  . GLN A 1 57  ? -6.754  -3.705  2.414   1.00 15.19 ? 57  GLN A CD  1 
ATOM   444  O OE1 . GLN A 1 57  ? -7.491  -4.602  2.107   1.00 15.17 ? 57  GLN A OE1 1 
ATOM   445  N NE2 . GLN A 1 57  ? -6.406  -3.452  3.665   1.00 17.43 ? 57  GLN A NE2 1 
ATOM   446  N N   . ILE A 1 58  ? -1.630  -4.966  1.668   1.00 13.37 ? 58  ILE A N   1 
ATOM   447  C CA  . ILE A 1 58  ? -0.644  -6.005  1.259   1.00 14.37 ? 58  ILE A CA  1 
ATOM   448  C C   . ILE A 1 58  ? -1.151  -7.404  1.601   1.00 14.99 ? 58  ILE A C   1 
ATOM   449  O O   . ILE A 1 58  ? -1.636  -7.725  2.696   1.00 12.78 ? 58  ILE A O   1 
ATOM   450  C CB  . ILE A 1 58  ? 0.734   -5.586  1.863   1.00 19.24 ? 58  ILE A CB  1 
ATOM   451  C CG1 . ILE A 1 58  ? 1.192   -4.332  1.051   1.00 22.89 ? 58  ILE A CG1 1 
ATOM   452  C CG2 . ILE A 1 58  ? 1.729   -6.778  1.889   1.00 13.90 ? 58  ILE A CG2 1 
ATOM   453  C CD1 . ILE A 1 58  ? 2.332   -3.537  1.709   1.00 23.01 ? 58  ILE A CD1 1 
ATOM   454  N N   . ASN A 1 59  ? -1.045  -8.338  0.653   1.00 17.25 ? 59  ASN A N   1 
ATOM   455  C CA  . ASN A 1 59  ? -1.538  -9.718  0.726   1.00 17.24 ? 59  ASN A CA  1 
ATOM   456  C C   . ASN A 1 59  ? -0.633  -10.694 1.457   1.00 14.54 ? 59  ASN A C   1 
ATOM   457  O O   . ASN A 1 59  ? 0.586   -10.729 1.251   1.00 16.35 ? 59  ASN A O   1 
ATOM   458  C CB  . ASN A 1 59  ? -1.805  -10.162 -0.721  1.00 22.14 ? 59  ASN A CB  1 
ATOM   459  C CG  . ASN A 1 59  ? -2.515  -11.514 -0.703  1.00 25.20 ? 59  ASN A CG  1 
ATOM   460  O OD1 . ASN A 1 59  ? -1.875  -12.584 -0.829  1.00 23.44 ? 59  ASN A OD1 1 
ATOM   461  N ND2 . ASN A 1 59  ? -3.829  -11.401 -0.524  1.00 16.47 ? 59  ASN A ND2 1 
ATOM   462  N N   . SER A 1 60  ? -1.249  -11.529 2.309   1.00 15.55 ? 60  SER A N   1 
ATOM   463  C CA  . SER A 1 60  ? -0.549  -12.510 3.164   1.00 16.24 ? 60  SER A CA  1 
ATOM   464  C C   . SER A 1 60  ? -0.068  -13.793 2.477   1.00 17.55 ? 60  SER A C   1 
ATOM   465  O O   . SER A 1 60  ? 0.653   -14.565 3.123   1.00 18.30 ? 60  SER A O   1 
ATOM   466  C CB  . SER A 1 60  ? -1.421  -12.941 4.344   1.00 12.14 ? 60  SER A CB  1 
ATOM   467  O OG  . SER A 1 60  ? -2.645  -13.542 3.984   1.00 15.60 ? 60  SER A OG  1 
ATOM   468  N N   . ARG A 1 61  ? -0.459  -13.995 1.224   1.00 25.85 ? 61  ARG A N   1 
ATOM   469  C CA  . ARG A 1 61  ? 0.040   -15.172 0.511   1.00 25.69 ? 61  ARG A CA  1 
ATOM   470  C C   . ARG A 1 61  ? 1.515   -15.055 0.129   1.00 22.93 ? 61  ARG A C   1 
ATOM   471  O O   . ARG A 1 61  ? 2.286   -16.032 0.104   1.00 24.66 ? 61  ARG A O   1 
ATOM   472  C CB  . ARG A 1 61  ? -0.749  -15.415 -0.767  1.00 27.65 ? 61  ARG A CB  1 
ATOM   473  C CG  . ARG A 1 61  ? -0.262  -16.812 -1.219  1.00 31.27 ? 61  ARG A CG  1 
ATOM   474  C CD  . ARG A 1 61  ? -1.520  -17.537 -1.588  1.00 49.54 ? 61  ARG A CD  1 
ATOM   475  N NE  . ARG A 1 61  ? -1.448  -17.821 -3.017  1.00 59.79 ? 61  ARG A NE  1 
ATOM   476  C CZ  . ARG A 1 61  ? -0.742  -18.861 -3.496  1.00 81.11 ? 61  ARG A CZ  1 
ATOM   477  N NH1 . ARG A 1 61  ? 0.395   -19.281 -2.935  1.00 76.32 ? 61  ARG A NH1 1 
ATOM   478  N NH2 . ARG A 1 61  ? -1.241  -19.485 -4.571  1.00 79.91 ? 61  ARG A NH2 1 
ATOM   479  N N   . TYR A 1 62  ? 1.925   -13.818 -0.191  1.00 22.63 ? 62  TYR A N   1 
ATOM   480  C CA  . TYR A 1 62  ? 3.321   -13.573 -0.564  1.00 24.66 ? 62  TYR A CA  1 
ATOM   481  C C   . TYR A 1 62  ? 4.176   -12.688 0.312   1.00 18.51 ? 62  TYR A C   1 
ATOM   482  O O   . TYR A 1 62  ? 5.417   -12.903 0.361   1.00 19.76 ? 62  TYR A O   1 
ATOM   483  C CB  . TYR A 1 62  ? 3.410   -12.866 -1.961  1.00 25.26 ? 62  TYR A CB  1 
ATOM   484  C CG  . TYR A 1 62  ? 2.769   -13.752 -3.005  1.00 34.67 ? 62  TYR A CG  1 
ATOM   485  C CD1 . TYR A 1 62  ? 3.417   -14.808 -3.634  1.00 40.78 ? 62  TYR A CD1 1 
ATOM   486  C CD2 . TYR A 1 62  ? 1.426   -13.486 -3.308  1.00 32.42 ? 62  TYR A CD2 1 
ATOM   487  C CE1 . TYR A 1 62  ? 2.738   -15.611 -4.562  1.00 40.18 ? 62  TYR A CE1 1 
ATOM   488  C CE2 . TYR A 1 62  ? 0.754   -14.284 -4.237  1.00 46.53 ? 62  TYR A CE2 1 
ATOM   489  C CZ  . TYR A 1 62  ? 1.407   -15.347 -4.874  1.00 41.63 ? 62  TYR A CZ  1 
ATOM   490  O OH  . TYR A 1 62  ? 0.701   -16.096 -5.801  1.00 72.23 ? 62  TYR A OH  1 
ATOM   491  N N   . TRP A 1 63  ? 3.545   -11.679 0.925   1.00 17.37 ? 63  TRP A N   1 
ATOM   492  C CA  . TRP A 1 63  ? 4.413   -10.681 1.596   1.00 14.97 ? 63  TRP A CA  1 
ATOM   493  C C   . TRP A 1 63  ? 4.542   -10.700 3.087   1.00 17.83 ? 63  TRP A C   1 
ATOM   494  O O   . TRP A 1 63  ? 5.603   -10.171 3.476   1.00 13.57 ? 63  TRP A O   1 
ATOM   495  C CB  . TRP A 1 63  ? 3.877   -9.276  1.114   1.00 12.63 ? 63  TRP A CB  1 
ATOM   496  C CG  . TRP A 1 63  ? 3.692   -9.201  -0.385  1.00 18.40 ? 63  TRP A CG  1 
ATOM   497  C CD1 . TRP A 1 63  ? 2.559   -9.197  -1.143  1.00 14.00 ? 63  TRP A CD1 1 
ATOM   498  C CD2 . TRP A 1 63  ? 4.800   -9.125  -1.308  1.00 13.65 ? 63  TRP A CD2 1 
ATOM   499  N NE1 . TRP A 1 63  ? 2.894   -9.128  -2.472  1.00 14.56 ? 63  TRP A NE1 1 
ATOM   500  C CE2 . TRP A 1 63  ? 4.257   -9.082  -2.601  1.00 14.69 ? 63  TRP A CE2 1 
ATOM   501  C CE3 . TRP A 1 63  ? 6.196   -9.115  -1.155  1.00 21.13 ? 63  TRP A CE3 1 
ATOM   502  C CZ2 . TRP A 1 63  ? 5.064   -9.019  -3.739  1.00 16.09 ? 63  TRP A CZ2 1 
ATOM   503  C CZ3 . TRP A 1 63  ? 6.983   -9.037  -2.285  1.00 20.95 ? 63  TRP A CZ3 1 
ATOM   504  C CH2 . TRP A 1 63  ? 6.435   -8.980  -3.567  1.00 13.33 ? 63  TRP A CH2 1 
ATOM   505  N N   . CYS A 1 64  ? 3.599   -11.169 3.866   1.00 17.33 ? 64  CYS A N   1 
ATOM   506  C CA  . CYS A 1 64  ? 3.767   -11.079 5.332   1.00 18.36 ? 64  CYS A CA  1 
ATOM   507  C C   . CYS A 1 64  ? 3.236   -12.367 5.940   1.00 15.69 ? 64  CYS A C   1 
ATOM   508  O O   . CYS A 1 64  ? 2.462   -13.068 5.260   1.00 17.52 ? 64  CYS A O   1 
ATOM   509  C CB  . CYS A 1 64  ? 3.073   -9.812  5.837   1.00 12.23 ? 64  CYS A CB  1 
ATOM   510  S SG  . CYS A 1 64  ? 1.259   -9.733  5.516   1.00 15.40 ? 64  CYS A SG  1 
ATOM   511  N N   . ASP A 1 65  ? 3.622   -12.631 7.174   1.00 13.86 ? 65  ASP A N   1 
ATOM   512  C CA  . ASP A 1 65  ? 3.104   -13.845 7.836   1.00 16.52 ? 65  ASP A CA  1 
ATOM   513  C C   . ASP A 1 65  ? 1.909   -13.590 8.734   1.00 14.55 ? 65  ASP A C   1 
ATOM   514  O O   . ASP A 1 65  ? 2.066   -12.773 9.670   1.00 16.81 ? 65  ASP A O   1 
ATOM   515  C CB  . ASP A 1 65  ? 4.324   -14.345 8.591   1.00 19.55 ? 65  ASP A CB  1 
ATOM   516  C CG  . ASP A 1 65  ? 3.894   -15.540 9.450   1.00 39.16 ? 65  ASP A CG  1 
ATOM   517  O OD1 . ASP A 1 65  ? 3.046   -16.333 8.965   1.00 33.03 ? 65  ASP A OD1 1 
ATOM   518  O OD2 . ASP A 1 65  ? 4.418   -15.614 10.572  1.00 43.60 ? 65  ASP A OD2 1 
ATOM   519  N N   . ASP A 1 66  ? 0.742   -14.147 8.538   1.00 14.68 ? 66  ASP A N   1 
ATOM   520  C CA  . ASP A 1 66  ? -0.398  -13.912 9.463   1.00 18.54 ? 66  ASP A CA  1 
ATOM   521  C C   . ASP A 1 66  ? -0.765  -15.242 10.178  1.00 21.82 ? 66  ASP A C   1 
ATOM   522  O O   . ASP A 1 66  ? -1.773  -15.262 10.895  1.00 21.01 ? 66  ASP A O   1 
ATOM   523  C CB  . ASP A 1 66  ? -1.592  -13.283 8.799   1.00 14.01 ? 66  ASP A CB  1 
ATOM   524  C CG  . ASP A 1 66  ? -2.347  -14.172 7.846   1.00 17.63 ? 66  ASP A CG  1 
ATOM   525  O OD1 . ASP A 1 66  ? -1.954  -15.330 7.614   1.00 18.50 ? 66  ASP A OD1 1 
ATOM   526  O OD2 . ASP A 1 66  ? -3.403  -13.697 7.304   1.00 21.35 ? 66  ASP A OD2 1 
ATOM   527  N N   . GLY A 1 67  ? 0.031   -16.261 9.978   1.00 19.91 ? 67  GLY A N   1 
ATOM   528  C CA  . GLY A 1 67  ? -0.098  -17.568 10.529  1.00 17.84 ? 67  GLY A CA  1 
ATOM   529  C C   . GLY A 1 67  ? -1.288  -18.411 10.163  1.00 21.63 ? 67  GLY A C   1 
ATOM   530  O O   . GLY A 1 67  ? -1.461  -19.489 10.769  1.00 25.31 ? 67  GLY A O   1 
ATOM   531  N N   . ARG A 1 68  ? -2.091  -18.021 9.210   1.00 18.98 ? 68  ARG A N   1 
ATOM   532  C CA  . ARG A 1 68  ? -3.270  -18.802 8.797   1.00 22.39 ? 68  ARG A CA  1 
ATOM   533  C C   . ARG A 1 68  ? -3.491  -18.853 7.286   1.00 26.40 ? 68  ARG A C   1 
ATOM   534  O O   . ARG A 1 68  ? -4.582  -19.199 6.761   1.00 29.50 ? 68  ARG A O   1 
ATOM   535  C CB  . ARG A 1 68  ? -4.515  -18.235 9.492   1.00 22.87 ? 68  ARG A CB  1 
ATOM   536  C CG  . ARG A 1 68  ? -4.815  -16.810 9.120   1.00 17.07 ? 68  ARG A CG  1 
ATOM   537  C CD  . ARG A 1 68  ? -6.238  -16.516 9.397   1.00 20.83 ? 68  ARG A CD  1 
ATOM   538  N NE  . ARG A 1 68  ? -6.677  -15.365 8.610   1.00 26.31 ? 68  ARG A NE  1 
ATOM   539  C CZ  . ARG A 1 68  ? -7.676  -14.567 9.006   1.00 49.80 ? 68  ARG A CZ  1 
ATOM   540  N NH1 . ARG A 1 68  ? -8.341  -14.833 10.139  1.00 26.63 ? 68  ARG A NH1 1 
ATOM   541  N NH2 . ARG A 1 68  ? -8.083  -13.496 8.303   1.00 21.96 ? 68  ARG A NH2 1 
ATOM   542  N N   . THR A 1 69  ? -2.393  -18.485 6.592   1.00 20.06 ? 69  THR A N   1 
ATOM   543  C CA  . THR A 1 69  ? -2.462  -18.492 5.137   1.00 22.37 ? 69  THR A CA  1 
ATOM   544  C C   . THR A 1 69  ? -1.677  -19.689 4.566   1.00 18.89 ? 69  THR A C   1 
ATOM   545  O O   . THR A 1 69  ? -0.474  -19.784 4.780   1.00 29.15 ? 69  THR A O   1 
ATOM   546  C CB  . THR A 1 69  ? -1.956  -17.194 4.388   1.00 23.00 ? 69  THR A CB  1 
ATOM   547  O OG1 . THR A 1 69  ? -2.655  -16.143 5.083   1.00 15.08 ? 69  THR A OG1 1 
ATOM   548  C CG2 . THR A 1 69  ? -2.220  -17.168 2.884   1.00 17.64 ? 69  THR A CG2 1 
ATOM   549  N N   . PRO A 1 70  ? -2.459  -20.478 3.824   1.00 38.62 ? 70  PRO A N   1 
ATOM   550  C CA  . PRO A 1 70  ? -1.934  -21.614 3.072   1.00 36.92 ? 70  PRO A CA  1 
ATOM   551  C C   . PRO A 1 70  ? -1.007  -21.176 1.934   1.00 21.03 ? 70  PRO A C   1 
ATOM   552  O O   . PRO A 1 70  ? -1.352  -20.315 1.076   1.00 38.15 ? 70  PRO A O   1 
ATOM   553  C CB  . PRO A 1 70  ? -3.176  -22.373 2.600   1.00 57.26 ? 70  PRO A CB  1 
ATOM   554  C CG  . PRO A 1 70  ? -4.299  -21.390 2.573   1.00 46.04 ? 70  PRO A CG  1 
ATOM   555  C CD  . PRO A 1 70  ? -3.905  -20.301 3.568   1.00 40.03 ? 70  PRO A CD  1 
ATOM   556  N N   . GLY A 1 71  ? 0.200   -21.733 1.946   1.00 26.51 ? 71  GLY A N   1 
ATOM   557  C CA  . GLY A 1 71  ? 1.241   -21.485 0.958   1.00 37.61 ? 71  GLY A CA  1 
ATOM   558  C C   . GLY A 1 71  ? 1.897   -20.119 0.982   1.00 31.96 ? 71  GLY A C   1 
ATOM   559  O O   . GLY A 1 71  ? 2.262   -19.616 -0.102  1.00 39.20 ? 71  GLY A O   1 
ATOM   560  N N   . ALA A 1 72  ? 2.060   -19.573 2.172   1.00 24.83 ? 72  ALA A N   1 
ATOM   561  C CA  . ALA A 1 72  ? 2.606   -18.241 2.358   1.00 31.81 ? 72  ALA A CA  1 
ATOM   562  C C   . ALA A 1 72  ? 4.124   -18.236 2.290   1.00 38.51 ? 72  ALA A C   1 
ATOM   563  O O   . ALA A 1 72  ? 4.754   -19.130 2.853   1.00 34.08 ? 72  ALA A O   1 
ATOM   564  C CB  . ALA A 1 72  ? 2.104   -17.699 3.689   1.00 27.44 ? 72  ALA A CB  1 
ATOM   565  N N   . LYS A 1 73  ? 4.611   -17.173 1.655   1.00 30.14 ? 73  LYS A N   1 
ATOM   566  C CA  . LYS A 1 73  ? 6.057   -16.990 1.470   1.00 26.24 ? 73  LYS A CA  1 
ATOM   567  C C   . LYS A 1 73  ? 6.684   -15.865 2.279   1.00 35.69 ? 73  LYS A C   1 
ATOM   568  O O   . LYS A 1 73  ? 7.947   -15.896 2.412   1.00 39.50 ? 73  LYS A O   1 
ATOM   569  C CB  . LYS A 1 73  ? 6.378   -16.741 -0.010  1.00 24.79 ? 73  LYS A CB  1 
ATOM   570  C CG  . LYS A 1 73  ? 5.530   -17.588 -0.957  1.00 41.30 ? 73  LYS A CG  1 
ATOM   571  C CD  . LYS A 1 73  ? 6.399   -18.349 -1.944  1.00 75.00 ? 73  LYS A CD  1 
ATOM   572  C CE  . LYS A 1 73  ? 6.928   -19.632 -1.332  1.00 73.38 ? 73  LYS A CE  1 
ATOM   573  N NZ  . LYS A 1 73  ? 5.990   -20.765 -1.563  1.00 70.15 ? 73  LYS A NZ  1 
ATOM   574  N N   . ASN A 1 74  ? 5.932   -14.946 2.821   1.00 15.91 ? 74  ASN A N   1 
ATOM   575  C CA  . ASN A 1 74  ? 6.594   -13.859 3.655   1.00 15.63 ? 74  ASN A CA  1 
ATOM   576  C C   . ASN A 1 74  ? 7.910   -13.262 3.143   1.00 17.55 ? 74  ASN A C   1 
ATOM   577  O O   . ASN A 1 74  ? 8.969   -13.301 3.786   1.00 18.43 ? 74  ASN A O   1 
ATOM   578  C CB  . ASN A 1 74  ? 6.810   -14.360 5.092   1.00 15.16 ? 74  ASN A CB  1 
ATOM   579  C CG  . ASN A 1 74  ? 7.011   -13.212 6.050   1.00 18.17 ? 74  ASN A CG  1 
ATOM   580  O OD1 . ASN A 1 74  ? 6.902   -12.011 5.699   1.00 18.06 ? 74  ASN A OD1 1 
ATOM   581  N ND2 . ASN A 1 74  ? 7.357   -13.614 7.275   1.00 23.58 ? 74  ASN A ND2 1 
ATOM   582  N N   . VAL A 1 75  ? 7.766   -12.647 1.977   1.00 21.60 ? 75  VAL A N   1 
ATOM   583  C CA  . VAL A 1 75  ? 8.902   -11.973 1.306   1.00 16.52 ? 75  VAL A CA  1 
ATOM   584  C C   . VAL A 1 75  ? 9.303   -10.720 2.073   1.00 20.44 ? 75  VAL A C   1 
ATOM   585  O O   . VAL A 1 75  ? 10.516  -10.425 2.120   1.00 22.78 ? 75  VAL A O   1 
ATOM   586  C CB  . VAL A 1 75  ? 8.500   -11.778 -0.166  1.00 19.29 ? 75  VAL A CB  1 
ATOM   587  C CG1 . VAL A 1 75  ? 9.375   -10.785 -0.894  1.00 29.00 ? 75  VAL A CG1 1 
ATOM   588  C CG2 . VAL A 1 75  ? 8.482   -13.122 -0.875  1.00 19.92 ? 75  VAL A CG2 1 
ATOM   589  N N   . CYS A 1 76  ? 8.413   -9.970  2.696   1.00 16.20 ? 76  CYS A N   1 
ATOM   590  C CA  . CYS A 1 76  ? 8.846   -8.778  3.447   1.00 12.00 ? 76  CYS A CA  1 
ATOM   591  C C   . CYS A 1 76  ? 9.425   -9.227  4.774   1.00 14.64 ? 76  CYS A C   1 
ATOM   592  O O   . CYS A 1 76  ? 10.015  -8.345  5.416   1.00 17.41 ? 76  CYS A O   1 
ATOM   593  C CB  . CYS A 1 76  ? 7.762   -7.743  3.711   1.00 9.87  ? 76  CYS A CB  1 
ATOM   594  S SG  . CYS A 1 76  ? 7.280   -6.963  2.108   1.00 18.35 ? 76  CYS A SG  1 
ATOM   595  N N   . GLY A 1 77  ? 9.236   -10.469 5.137   1.00 18.64 ? 77  GLY A N   1 
ATOM   596  C CA  . GLY A 1 77  ? 9.830   -10.947 6.409   1.00 18.26 ? 77  GLY A CA  1 
ATOM   597  C C   . GLY A 1 77  ? 9.214   -10.288 7.619   1.00 18.13 ? 77  GLY A C   1 
ATOM   598  O O   . GLY A 1 77  ? 9.961   -9.933  8.543   1.00 20.18 ? 77  GLY A O   1 
ATOM   599  N N   . ILE A 1 78  ? 7.894   -10.136 7.601   1.00 29.20 ? 78  ILE A N   1 
ATOM   600  C CA  . ILE A 1 78  ? 7.225   -9.470  8.715   1.00 21.25 ? 78  ILE A CA  1 
ATOM   601  C C   . ILE A 1 78  ? 5.957   -10.226 9.096   1.00 16.76 ? 78  ILE A C   1 
ATOM   602  O O   . ILE A 1 78  ? 5.508   -11.089 8.330   1.00 21.81 ? 78  ILE A O   1 
ATOM   603  C CB  . ILE A 1 78  ? 6.902   -7.966  8.360   1.00 15.20 ? 78  ILE A CB  1 
ATOM   604  C CG1 . ILE A 1 78  ? 6.166   -7.958  6.993   1.00 13.92 ? 78  ILE A CG1 1 
ATOM   605  C CG2 . ILE A 1 78  ? 8.139   -7.048  8.373   1.00 19.90 ? 78  ILE A CG2 1 
ATOM   606  C CD1 . ILE A 1 78  ? 5.499   -6.614  6.658   1.00 15.43 ? 78  ILE A CD1 1 
ATOM   607  N N   . ARG A 1 79  ? 5.450   -9.792  10.230  1.00 15.88 ? 79  ARG A N   1 
ATOM   608  C CA  . ARG A 1 79  ? 4.153   -10.287 10.704  1.00 18.00 ? 79  ARG A CA  1 
ATOM   609  C C   . ARG A 1 79  ? 3.147   -9.343  10.020  1.00 20.50 ? 79  ARG A C   1 
ATOM   610  O O   . ARG A 1 79  ? 3.511   -8.135  10.047  1.00 13.97 ? 79  ARG A O   1 
ATOM   611  C CB  . ARG A 1 79  ? 3.916   -10.266 12.184  1.00 21.11 ? 79  ARG A CB  1 
ATOM   612  C CG  . ARG A 1 79  ? 4.997   -11.010 12.982  1.00 21.94 ? 79  ARG A CG  1 
ATOM   613  C CD  . ARG A 1 79  ? 4.640   -12.458 12.876  1.00 30.78 ? 79  ARG A CD  1 
ATOM   614  N NE  . ARG A 1 79  ? 5.014   -13.093 14.149  1.00 60.65 ? 79  ARG A NE  1 
ATOM   615  C CZ  . ARG A 1 79  ? 5.110   -14.420 14.320  1.00 74.21 ? 79  ARG A CZ  1 
ATOM   616  N NH1 . ARG A 1 79  ? 4.407   -15.267 13.555  1.00 62.60 ? 79  ARG A NH1 1 
ATOM   617  N NH2 . ARG A 1 79  ? 5.928   -14.906 15.276  1.00 50.54 ? 79  ARG A NH2 1 
ATOM   618  N N   . CYS A 1 80  ? 2.009   -9.806  9.520   1.00 15.00 ? 80  CYS A N   1 
ATOM   619  C CA  . CYS A 1 80  ? 1.047   -8.898  8.885   1.00 9.53  ? 80  CYS A CA  1 
ATOM   620  C C   . CYS A 1 80  ? 0.518   -7.813  9.836   1.00 16.33 ? 80  CYS A C   1 
ATOM   621  O O   . CYS A 1 80  ? 0.122   -6.717  9.403   1.00 15.34 ? 80  CYS A O   1 
ATOM   622  C CB  . CYS A 1 80  ? -0.060  -9.741  8.311   1.00 10.23 ? 80  CYS A CB  1 
ATOM   623  S SG  . CYS A 1 80  ? 0.415   -10.847 6.983   1.00 16.76 ? 80  CYS A SG  1 
ATOM   624  N N   . SER A 1 81  ? 0.484   -8.104  11.115  1.00 17.11 ? 81  SER A N   1 
ATOM   625  C CA  . SER A 1 81  ? 0.088   -7.203  12.216  1.00 27.76 ? 81  SER A CA  1 
ATOM   626  C C   . SER A 1 81  ? 0.864   -5.877  12.232  1.00 19.17 ? 81  SER A C   1 
ATOM   627  O O   . SER A 1 81  ? 0.304   -4.814  12.603  1.00 15.68 ? 81  SER A O   1 
ATOM   628  C CB  . SER A 1 81  ? 0.222   -7.988  13.515  1.00 18.26 ? 81  SER A CB  1 
ATOM   629  O OG  . SER A 1 81  ? 1.534   -8.432  13.819  1.00 18.96 ? 81  SER A OG  1 
ATOM   630  N N   . GLN A 1 82  ? 2.140   -5.885  11.814  1.00 12.61 ? 82  GLN A N   1 
ATOM   631  C CA  . GLN A 1 82  ? 2.993   -4.708  11.695  1.00 14.47 ? 82  GLN A CA  1 
ATOM   632  C C   . GLN A 1 82  ? 2.551   -3.749  10.575  1.00 16.25 ? 82  GLN A C   1 
ATOM   633  O O   . GLN A 1 82  ? 3.028   -2.610  10.573  1.00 18.52 ? 82  GLN A O   1 
ATOM   634  C CB  . GLN A 1 82  ? 4.442   -5.073  11.415  1.00 18.12 ? 82  GLN A CB  1 
ATOM   635  C CG  . GLN A 1 82  ? 4.990   -5.986  12.506  1.00 21.03 ? 82  GLN A CG  1 
ATOM   636  C CD  . GLN A 1 82  ? 6.439   -6.353  12.234  1.00 33.40 ? 82  GLN A CD  1 
ATOM   637  O OE1 . GLN A 1 82  ? 6.788   -7.473  11.866  1.00 30.92 ? 82  GLN A OE1 1 
ATOM   638  N NE2 . GLN A 1 82  ? 7.311   -5.369  12.423  1.00 28.66 ? 82  GLN A NE2 1 
ATOM   639  N N   . LEU A 1 83  ? 1.693   -4.248  9.691   1.00 12.53 ? 83  LEU A N   1 
ATOM   640  C CA  . LEU A 1 83  ? 1.140   -3.481  8.604   1.00 17.44 ? 83  LEU A CA  1 
ATOM   641  C C   . LEU A 1 83  ? -0.100  -2.716  9.080   1.00 20.26 ? 83  LEU A C   1 
ATOM   642  O O   . LEU A 1 83  ? -0.654  -2.002  8.229   1.00 19.47 ? 83  LEU A O   1 
ATOM   643  C CB  . LEU A 1 83  ? 0.795   -4.382  7.384   1.00 11.30 ? 83  LEU A CB  1 
ATOM   644  C CG  . LEU A 1 83  ? 1.961   -5.118  6.756   1.00 13.36 ? 83  LEU A CG  1 
ATOM   645  C CD1 . LEU A 1 83  ? 1.500   -5.935  5.576   1.00 15.63 ? 83  LEU A CD1 1 
ATOM   646  C CD2 . LEU A 1 83  ? 2.999   -4.070  6.324   1.00 11.21 ? 83  LEU A CD2 1 
ATOM   647  N N   . LEU A 1 84  ? -0.517  -2.865  10.328  1.00 15.58 ? 84  LEU A N   1 
ATOM   648  C CA  . LEU A 1 84  ? -1.748  -2.191  10.767  1.00 18.37 ? 84  LEU A CA  1 
ATOM   649  C C   . LEU A 1 84  ? -1.527  -1.032  11.732  1.00 19.62 ? 84  LEU A C   1 
ATOM   650  O O   . LEU A 1 84  ? -2.521  -0.508  12.235  1.00 19.93 ? 84  LEU A O   1 
ATOM   651  C CB  . LEU A 1 84  ? -2.680  -3.245  11.410  1.00 15.48 ? 84  LEU A CB  1 
ATOM   652  C CG  . LEU A 1 84  ? -3.023  -4.434  10.529  1.00 25.14 ? 84  LEU A CG  1 
ATOM   653  C CD1 . LEU A 1 84  ? -3.850  -5.435  11.319  1.00 28.13 ? 84  LEU A CD1 1 
ATOM   654  C CD2 . LEU A 1 84  ? -3.852  -4.037  9.306   1.00 15.35 ? 84  LEU A CD2 1 
ATOM   655  N N   . THR A 1 85  ? -0.299  -0.699  11.988  1.00 19.69 ? 85  THR A N   1 
ATOM   656  C CA  . THR A 1 85  ? 0.065   0.374   12.928  1.00 13.86 ? 85  THR A CA  1 
ATOM   657  C C   . THR A 1 85  ? -0.147  1.763   12.335  1.00 26.75 ? 85  THR A C   1 
ATOM   658  O O   . THR A 1 85  ? -0.158  2.018   11.123  1.00 22.46 ? 85  THR A O   1 
ATOM   659  C CB  . THR A 1 85  ? 1.524   0.082   13.430  1.00 17.99 ? 85  THR A CB  1 
ATOM   660  O OG1 . THR A 1 85  ? 2.423   0.215   12.286  1.00 17.16 ? 85  THR A OG1 1 
ATOM   661  C CG2 . THR A 1 85  ? 1.748   -1.301  14.067  1.00 19.95 ? 85  THR A CG2 1 
ATOM   662  N N   . ASP A 1 86  ? -0.301  2.752   13.213  1.00 21.54 ? 86  ASP A N   1 
ATOM   663  C CA  . ASP A 1 86  ? -0.520  4.163   12.791  1.00 19.67 ? 86  ASP A CA  1 
ATOM   664  C C   . ASP A 1 86  ? 0.753   4.615   12.101  1.00 14.42 ? 86  ASP A C   1 
ATOM   665  O O   . ASP A 1 86  ? 0.729   5.388   11.151  1.00 19.13 ? 86  ASP A O   1 
ATOM   666  C CB  . ASP A 1 86  ? -1.013  4.937   13.996  1.00 21.50 ? 86  ASP A CB  1 
ATOM   667  C CG  . ASP A 1 86  ? -2.254  4.424   14.727  1.00 76.88 ? 86  ASP A CG  1 
ATOM   668  O OD1 . ASP A 1 86  ? -3.159  3.670   14.269  1.00 34.80 ? 86  ASP A OD1 1 
ATOM   669  O OD2 . ASP A 1 86  ? -2.415  4.814   15.919  1.00 37.31 ? 86  ASP A OD2 1 
ATOM   670  N N   . ASP A 1 87  ? 1.884   4.158   12.583  1.00 19.06 ? 87  ASP A N   1 
ATOM   671  C CA  . ASP A 1 87  ? 3.215   4.376   12.047  1.00 17.34 ? 87  ASP A CA  1 
ATOM   672  C C   . ASP A 1 87  ? 3.360   3.568   10.754  1.00 17.82 ? 87  ASP A C   1 
ATOM   673  O O   . ASP A 1 87  ? 3.186   2.310   10.786  1.00 17.69 ? 87  ASP A O   1 
ATOM   674  C CB  . ASP A 1 87  ? 4.248   3.939   13.062  1.00 15.32 ? 87  ASP A CB  1 
ATOM   675  C CG  . ASP A 1 87  ? 5.631   4.312   12.548  1.00 25.26 ? 87  ASP A CG  1 
ATOM   676  O OD1 . ASP A 1 87  ? 5.905   5.506   12.543  1.00 37.21 ? 87  ASP A OD1 1 
ATOM   677  O OD2 . ASP A 1 87  ? 6.402   3.462   12.146  1.00 33.96 ? 87  ASP A OD2 1 
ATOM   678  N N   . LEU A 1 88  ? 3.658   4.253   9.680   1.00 15.61 ? 88  LEU A N   1 
ATOM   679  C CA  . LEU A 1 88  ? 3.728   3.671   8.320   1.00 18.42 ? 88  LEU A CA  1 
ATOM   680  C C   . LEU A 1 88  ? 5.098   3.060   7.943   1.00 23.52 ? 88  LEU A C   1 
ATOM   681  O O   . LEU A 1 88  ? 5.258   2.489   6.863   1.00 17.99 ? 88  LEU A O   1 
ATOM   682  C CB  . LEU A 1 88  ? 3.527   4.757   7.255   1.00 20.15 ? 88  LEU A CB  1 
ATOM   683  C CG  . LEU A 1 88  ? 2.073   5.174   7.023   1.00 35.63 ? 88  LEU A CG  1 
ATOM   684  C CD1 . LEU A 1 88  ? 1.425   5.800   8.256   1.00 20.00 ? 88  LEU A CD1 1 
ATOM   685  C CD2 . LEU A 1 88  ? 1.928   6.220   5.906   1.00 20.00 ? 88  LEU A CD2 1 
ATOM   686  N N   . THR A 1 89  ? 6.143   3.212   8.847   1.00 17.61 ? 89  THR A N   1 
ATOM   687  C CA  . THR A 1 89  ? 7.468   2.717   8.481   1.00 14.12 ? 89  THR A CA  1 
ATOM   688  C C   . THR A 1 89  ? 7.554   1.316   7.878   1.00 17.75 ? 89  THR A C   1 
ATOM   689  O O   . THR A 1 89  ? 8.214   1.196   6.826   1.00 17.45 ? 89  THR A O   1 
ATOM   690  C CB  . THR A 1 89  ? 8.362   2.831   9.773   1.00 17.59 ? 89  THR A CB  1 
ATOM   691  O OG1 . THR A 1 89  ? 8.284   4.244   10.111  1.00 24.55 ? 89  THR A OG1 1 
ATOM   692  C CG2 . THR A 1 89  ? 9.759   2.269   9.508   1.00 21.48 ? 89  THR A CG2 1 
ATOM   693  N N   . VAL A 1 90  ? 6.990   0.307   8.523   1.00 18.21 ? 90  VAL A N   1 
ATOM   694  C CA  . VAL A 1 90  ? 7.089   -1.072  8.077   1.00 17.12 ? 90  VAL A CA  1 
ATOM   695  C C   . VAL A 1 90  ? 6.241   -1.242  6.812   1.00 16.76 ? 90  VAL A C   1 
ATOM   696  O O   . VAL A 1 90  ? 6.737   -1.934  5.912   1.00 17.90 ? 90  VAL A O   1 
ATOM   697  C CB  . VAL A 1 90  ? 6.704   -2.080  9.169   1.00 14.60 ? 90  VAL A CB  1 
ATOM   698  C CG1 . VAL A 1 90  ? 6.550   -3.513  8.688   1.00 14.54 ? 90  VAL A CG1 1 
ATOM   699  C CG2 . VAL A 1 90  ? 7.727   -2.015  10.266  1.00 19.10 ? 90  VAL A CG2 1 
ATOM   700  N N   . ALA A 1 91  ? 5.069   -0.649  6.776   1.00 10.75 ? 91  ALA A N   1 
ATOM   701  C CA  . ALA A 1 91  ? 4.197   -0.749  5.586   1.00 12.26 ? 91  ALA A CA  1 
ATOM   702  C C   . ALA A 1 91  ? 4.934   -0.180  4.384   1.00 16.95 ? 91  ALA A C   1 
ATOM   703  O O   . ALA A 1 91  ? 4.904   -0.818  3.327   1.00 16.20 ? 91  ALA A O   1 
ATOM   704  C CB  . ALA A 1 91  ? 2.864   -0.047  5.803   1.00 9.95  ? 91  ALA A CB  1 
ATOM   705  N N   . ILE A 1 92  ? 5.549   0.983   4.573   1.00 14.01 ? 92  ILE A N   1 
ATOM   706  C CA  . ILE A 1 92  ? 6.285   1.619   3.451   1.00 20.50 ? 92  ILE A CA  1 
ATOM   707  C C   . ILE A 1 92  ? 7.460   0.732   3.000   1.00 17.47 ? 92  ILE A C   1 
ATOM   708  O O   . ILE A 1 92  ? 7.671   0.552   1.789   1.00 15.67 ? 92  ILE A O   1 
ATOM   709  C CB  . ILE A 1 92  ? 6.703   3.090   3.791   1.00 20.56 ? 92  ILE A CB  1 
ATOM   710  C CG1 . ILE A 1 92  ? 5.408   3.965   3.778   1.00 14.53 ? 92  ILE A CG1 1 
ATOM   711  C CG2 . ILE A 1 92  ? 7.802   3.661   2.863   1.00 12.81 ? 92  ILE A CG2 1 
ATOM   712  C CD1 . ILE A 1 92  ? 5.765   5.314   4.467   1.00 16.95 ? 92  ILE A CD1 1 
ATOM   713  N N   . ARG A 1 93  ? 8.244   0.221   3.941   1.00 14.49 ? 93  ARG A N   1 
ATOM   714  C CA  . ARG A 1 93  ? 9.387   -0.612  3.574   1.00 18.76 ? 93  ARG A CA  1 
ATOM   715  C C   . ARG A 1 93  ? 8.893   -1.839  2.819   1.00 17.16 ? 93  ARG A C   1 
ATOM   716  O O   . ARG A 1 93  ? 9.492   -2.250  1.821   1.00 16.42 ? 93  ARG A O   1 
ATOM   717  C CB  . ARG A 1 93  ? 10.152  -0.900  4.849   1.00 17.75 ? 93  ARG A CB  1 
ATOM   718  C CG  . ARG A 1 93  ? 11.426  -1.693  4.613   1.00 35.41 ? 93  ARG A CG  1 
ATOM   719  C CD  . ARG A 1 93  ? 11.911  -2.175  5.948   1.00 45.93 ? 93  ARG A CD  1 
ATOM   720  N NE  . ARG A 1 93  ? 12.027  -0.961  6.758   1.00 46.10 ? 93  ARG A NE  1 
ATOM   721  C CZ  . ARG A 1 93  ? 11.864  -0.944  8.079   1.00 76.63 ? 93  ARG A CZ  1 
ATOM   722  N NH1 . ARG A 1 93  ? 11.318  -1.956  8.747   1.00 54.12 ? 93  ARG A NH1 1 
ATOM   723  N NH2 . ARG A 1 93  ? 12.290  0.144   8.728   1.00 62.87 ? 93  ARG A NH2 1 
ATOM   724  N N   . CYS A 1 94  ? 7.783   -2.427  3.203   1.00 15.49 ? 94  CYS A N   1 
ATOM   725  C CA  . CYS A 1 94  ? 7.242   -3.618  2.490   1.00 20.88 ? 94  CYS A CA  1 
ATOM   726  C C   . CYS A 1 94  ? 6.642   -3.162  1.138   1.00 17.36 ? 94  CYS A C   1 
ATOM   727  O O   . CYS A 1 94  ? 6.941   -3.891  0.154   1.00 18.30 ? 94  CYS A O   1 
ATOM   728  C CB  . CYS A 1 94  ? 6.319   -4.424  3.421   1.00 13.87 ? 94  CYS A CB  1 
ATOM   729  S SG  . CYS A 1 94  ? 5.649   -5.887  2.603   1.00 15.28 ? 94  CYS A SG  1 
ATOM   730  N N   . ALA A 1 95  ? 5.883   -2.069  1.010   1.00 15.48 ? 95  ALA A N   1 
ATOM   731  C CA  . ALA A 1 95  ? 5.372   -1.636  -0.307  1.00 17.66 ? 95  ALA A CA  1 
ATOM   732  C C   . ALA A 1 95  ? 6.528   -1.364  -1.279  1.00 20.76 ? 95  ALA A C   1 
ATOM   733  O O   . ALA A 1 95  ? 6.488   -1.597  -2.488  1.00 14.72 ? 95  ALA A O   1 
ATOM   734  C CB  . ALA A 1 95  ? 4.473   -0.429  -0.165  1.00 12.91 ? 95  ALA A CB  1 
ATOM   735  N N   . LYS A 1 96  ? 7.657   -0.822  -0.804  1.00 14.30 ? 96  LYS A N   1 
ATOM   736  C CA  . LYS A 1 96  ? 8.860   -0.586  -1.607  1.00 17.13 ? 96  LYS A CA  1 
ATOM   737  C C   . LYS A 1 96  ? 9.378   -1.935  -2.147  1.00 17.20 ? 96  LYS A C   1 
ATOM   738  O O   . LYS A 1 96  ? 9.868   -1.981  -3.295  1.00 17.01 ? 96  LYS A O   1 
ATOM   739  C CB  . LYS A 1 96  ? 9.982   0.119   -0.859  1.00 8.06  ? 96  LYS A CB  1 
ATOM   740  C CG  . LYS A 1 96  ? 9.589   1.576   -0.683  1.00 18.44 ? 96  LYS A CG  1 
ATOM   741  C CD  . LYS A 1 96  ? 10.728  2.304   0.032   1.00 21.53 ? 96  LYS A CD  1 
ATOM   742  C CE  . LYS A 1 96  ? 10.403  3.777   0.258   1.00 24.84 ? 96  LYS A CE  1 
ATOM   743  N NZ  . LYS A 1 96  ? 11.439  4.335   1.173   1.00 20.54 ? 96  LYS A NZ  1 
ATOM   744  N N   . ARG A 1 97  ? 9.326   -2.982  -1.332  1.00 13.83 ? 97  ARG A N   1 
ATOM   745  C CA  . ARG A 1 97  ? 9.757   -4.315  -1.754  1.00 17.41 ? 97  ARG A CA  1 
ATOM   746  C C   . ARG A 1 97  ? 8.775   -4.885  -2.816  1.00 19.69 ? 97  ARG A C   1 
ATOM   747  O O   . ARG A 1 97  ? 9.166   -5.440  -3.875  1.00 15.34 ? 97  ARG A O   1 
ATOM   748  C CB  . ARG A 1 97  ? 9.900   -5.274  -0.580  1.00 16.69 ? 97  ARG A CB  1 
ATOM   749  C CG  . ARG A 1 97  ? 10.071  -6.735  -0.998  1.00 17.78 ? 97  ARG A CG  1 
ATOM   750  C CD  . ARG A 1 97  ? 11.290  -6.929  -1.827  1.00 25.17 ? 97  ARG A CD  1 
ATOM   751  N NE  . ARG A 1 97  ? 11.462  -8.227  -2.429  1.00 18.76 ? 97  ARG A NE  1 
ATOM   752  C CZ  . ARG A 1 97  ? 10.951  -8.614  -3.587  1.00 13.49 ? 97  ARG A CZ  1 
ATOM   753  N NH1 . ARG A 1 97  ? 10.243  -7.857  -4.403  1.00 12.96 ? 97  ARG A NH1 1 
ATOM   754  N NH2 . ARG A 1 97  ? 11.219  -9.859  -3.945  1.00 19.37 ? 97  ARG A NH2 1 
ATOM   755  N N   . VAL A 1 98  ? 7.481   -4.780  -2.587  1.00 15.71 ? 98  VAL A N   1 
ATOM   756  C CA  . VAL A 1 98  ? 6.448   -5.235  -3.501  1.00 18.30 ? 98  VAL A CA  1 
ATOM   757  C C   . VAL A 1 98  ? 6.664   -4.603  -4.892  1.00 17.21 ? 98  VAL A C   1 
ATOM   758  O O   . VAL A 1 98  ? 6.561   -5.422  -5.841  1.00 17.38 ? 98  VAL A O   1 
ATOM   759  C CB  . VAL A 1 98  ? 5.024   -4.934  -2.979  1.00 16.56 ? 98  VAL A CB  1 
ATOM   760  C CG1 . VAL A 1 98  ? 3.975   -5.283  -4.041  1.00 14.33 ? 98  VAL A CG1 1 
ATOM   761  C CG2 . VAL A 1 98  ? 4.700   -5.584  -1.644  1.00 10.64 ? 98  VAL A CG2 1 
ATOM   762  N N   . VAL A 1 99  ? 6.885   -3.296  -5.020  1.00 13.39 ? 99  VAL A N   1 
ATOM   763  C CA  . VAL A 1 99  ? 7.012   -2.676  -6.331  1.00 14.82 ? 99  VAL A CA  1 
ATOM   764  C C   . VAL A 1 99  ? 8.267   -3.057  -7.149  1.00 17.40 ? 99  VAL A C   1 
ATOM   765  O O   . VAL A 1 99  ? 8.290   -2.718  -8.356  1.00 17.99 ? 99  VAL A O   1 
ATOM   766  C CB  . VAL A 1 99  ? 7.046   -1.106  -6.425  1.00 24.56 ? 99  VAL A CB  1 
ATOM   767  C CG1 . VAL A 1 99  ? 5.594   -0.731  -6.627  1.00 23.77 ? 99  VAL A CG1 1 
ATOM   768  C CG2 . VAL A 1 99  ? 7.825   -0.455  -5.330  1.00 15.81 ? 99  VAL A CG2 1 
ATOM   769  N N   . LEU A 1 100 ? 9.208   -3.672  -6.484  1.00 17.67 ? 100 LEU A N   1 
ATOM   770  C CA  . LEU A 1 100 ? 10.429  -4.092  -7.180  1.00 21.97 ? 100 LEU A CA  1 
ATOM   771  C C   . LEU A 1 100 ? 10.153  -5.373  -7.976  1.00 20.83 ? 100 LEU A C   1 
ATOM   772  O O   . LEU A 1 100 ? 11.046  -5.621  -8.788  1.00 26.62 ? 100 LEU A O   1 
ATOM   773  C CB  . LEU A 1 100 ? 11.571  -4.229  -6.176  1.00 15.25 ? 100 LEU A CB  1 
ATOM   774  C CG  . LEU A 1 100 ? 11.961  -2.972  -5.448  1.00 17.44 ? 100 LEU A CG  1 
ATOM   775  C CD1 . LEU A 1 100 ? 13.076  -3.334  -4.462  1.00 31.28 ? 100 LEU A CD1 1 
ATOM   776  C CD2 . LEU A 1 100 ? 12.429  -1.912  -6.435  1.00 17.72 ? 100 LEU A CD2 1 
ATOM   777  N N   . ASP A 1 101 ? 9.084   -6.102  -7.717  1.00 13.05 ? 101 ASP A N   1 
ATOM   778  C CA  . ASP A 1 101 ? 8.858   -7.292  -8.516  1.00 16.95 ? 101 ASP A CA  1 
ATOM   779  C C   . ASP A 1 101 ? 8.453   -6.793  -9.913  1.00 22.07 ? 101 ASP A C   1 
ATOM   780  O O   . ASP A 1 101 ? 8.083   -5.635  -10.102 1.00 21.47 ? 101 ASP A O   1 
ATOM   781  C CB  . ASP A 1 101 ? 7.826   -8.267  -7.943  1.00 18.53 ? 101 ASP A CB  1 
ATOM   782  C CG  . ASP A 1 101 ? 8.468   -9.353  -7.098  1.00 17.30 ? 101 ASP A CG  1 
ATOM   783  O OD1 . ASP A 1 101 ? 9.675   -9.262  -6.783  1.00 26.27 ? 101 ASP A OD1 1 
ATOM   784  O OD2 . ASP A 1 101 ? 7.718   -10.272 -6.736  1.00 22.85 ? 101 ASP A OD2 1 
ATOM   785  N N   . PRO A 1 102 ? 8.548   -7.735  -10.839 1.00 21.39 ? 102 PRO A N   1 
ATOM   786  C CA  . PRO A 1 102 ? 8.220   -7.549  -12.247 1.00 25.90 ? 102 PRO A CA  1 
ATOM   787  C C   . PRO A 1 102 ? 6.954   -6.785  -12.570 1.00 18.82 ? 102 PRO A C   1 
ATOM   788  O O   . PRO A 1 102 ? 7.043   -5.878  -13.428 1.00 24.76 ? 102 PRO A O   1 
ATOM   789  C CB  . PRO A 1 102 ? 8.137   -9.002  -12.750 1.00 29.27 ? 102 PRO A CB  1 
ATOM   790  C CG  . PRO A 1 102 ? 9.307   -9.611  -11.991 1.00 24.89 ? 102 PRO A CG  1 
ATOM   791  C CD  . PRO A 1 102 ? 8.995   -9.129  -10.588 1.00 23.84 ? 102 PRO A CD  1 
ATOM   792  N N   . ASN A 1 103 ? 5.900   -7.065  -11.832 1.00 23.60 ? 103 ASN A N   1 
ATOM   793  C CA  . ASN A 1 103 ? 4.602   -6.418  -12.102 1.00 19.04 ? 103 ASN A CA  1 
ATOM   794  C C   . ASN A 1 103 ? 4.545   -4.948  -11.620 1.00 26.12 ? 103 ASN A C   1 
ATOM   795  O O   . ASN A 1 103 ? 3.596   -4.215  -11.919 1.00 20.00 ? 103 ASN A O   1 
ATOM   796  C CB  . ASN A 1 103 ? 3.476   -7.205  -11.441 1.00 20.77 ? 103 ASN A CB  1 
ATOM   797  C CG  . ASN A 1 103 ? 3.112   -8.465  -12.227 1.00 33.46 ? 103 ASN A CG  1 
ATOM   798  O OD1 . ASN A 1 103 ? 3.663   -8.695  -13.305 1.00 30.23 ? 103 ASN A OD1 1 
ATOM   799  N ND2 . ASN A 1 103 ? 2.214   -9.306  -11.751 1.00 20.00 ? 103 ASN A ND2 1 
ATOM   800  N N   . GLY A 1 104 ? 5.571   -4.478  -10.854 1.00 17.55 ? 104 GLY A N   1 
ATOM   801  C CA  . GLY A 1 104 ? 5.584   -3.106  -10.367 1.00 18.44 ? 104 GLY A CA  1 
ATOM   802  C C   . GLY A 1 104 ? 4.289   -2.810  -9.608  1.00 15.00 ? 104 GLY A C   1 
ATOM   803  O O   . GLY A 1 104 ? 3.739   -3.655  -8.889  1.00 16.48 ? 104 GLY A O   1 
ATOM   804  N N   . ILE A 1 105 ? 3.822   -1.600  -9.786  1.00 16.97 ? 105 ILE A N   1 
ATOM   805  C CA  . ILE A 1 105 ? 2.619   -1.115  -9.076  1.00 21.90 ? 105 ILE A CA  1 
ATOM   806  C C   . ILE A 1 105 ? 1.354   -1.808  -9.548  1.00 16.33 ? 105 ILE A C   1 
ATOM   807  O O   . ILE A 1 105 ? 0.338   -1.641  -8.843  1.00 17.78 ? 105 ILE A O   1 
ATOM   808  C CB  . ILE A 1 105 ? 2.656   0.465   -9.158  1.00 20.57 ? 105 ILE A CB  1 
ATOM   809  C CG1 . ILE A 1 105 ? 1.832   1.084   -8.006  1.00 13.63 ? 105 ILE A CG1 1 
ATOM   810  C CG2 . ILE A 1 105 ? 2.244   0.895   -10.583 1.00 20.85 ? 105 ILE A CG2 1 
ATOM   811  C CD1 . ILE A 1 105 ? 1.975   2.602   -7.893  1.00 14.68 ? 105 ILE A CD1 1 
ATOM   812  N N   . GLY A 1 106 ? 1.493   -2.581  -10.609 1.00 15.13 ? 106 GLY A N   1 
ATOM   813  C CA  . GLY A 1 106 ? 0.343   -3.342  -11.138 1.00 12.14 ? 106 GLY A CA  1 
ATOM   814  C C   . GLY A 1 106 ? 0.000   -4.466  -10.184 1.00 19.51 ? 106 GLY A C   1 
ATOM   815  O O   . GLY A 1 106 ? -0.956  -5.195  -10.381 1.00 19.10 ? 106 GLY A O   1 
ATOM   816  N N   . ALA A 1 107 ? 0.752   -4.668  -9.117  1.00 17.59 ? 107 ALA A N   1 
ATOM   817  C CA  . ALA A 1 107 ? 0.541   -5.666  -8.061  1.00 15.03 ? 107 ALA A CA  1 
ATOM   818  C C   . ALA A 1 107 ? -0.755  -5.351  -7.307  1.00 15.02 ? 107 ALA A C   1 
ATOM   819  O O   . ALA A 1 107 ? -1.435  -6.188  -6.713  1.00 18.31 ? 107 ALA A O   1 
ATOM   820  C CB  . ALA A 1 107 ? 1.663   -5.733  -7.045  1.00 18.12 ? 107 ALA A CB  1 
ATOM   821  N N   . TRP A 1 108 ? -1.081  -4.069  -7.291  1.00 16.04 ? 108 TRP A N   1 
ATOM   822  C CA  . TRP A 1 108 ? -2.275  -3.574  -6.617  1.00 16.09 ? 108 TRP A CA  1 
ATOM   823  C C   . TRP A 1 108 ? -3.500  -3.546  -7.535  1.00 19.70 ? 108 TRP A C   1 
ATOM   824  O O   . TRP A 1 108 ? -3.516  -2.739  -8.487  1.00 19.09 ? 108 TRP A O   1 
ATOM   825  C CB  . TRP A 1 108 ? -2.000  -2.161  -6.047  1.00 17.83 ? 108 TRP A CB  1 
ATOM   826  C CG  . TRP A 1 108 ? -1.223  -2.211  -4.769  1.00 13.49 ? 108 TRP A CG  1 
ATOM   827  C CD1 . TRP A 1 108 ? -1.707  -2.414  -3.499  1.00 14.20 ? 108 TRP A CD1 1 
ATOM   828  C CD2 . TRP A 1 108 ? 0.203   -2.103  -4.652  1.00 12.99 ? 108 TRP A CD2 1 
ATOM   829  N NE1 . TRP A 1 108 ? -0.639  -2.424  -2.622  1.00 15.50 ? 108 TRP A NE1 1 
ATOM   830  C CE2 . TRP A 1 108 ? 0.545   -2.220  -3.271  1.00 11.62 ? 108 TRP A CE2 1 
ATOM   831  C CE3 . TRP A 1 108 ? 1.222   -1.884  -5.575  1.00 14.87 ? 108 TRP A CE3 1 
ATOM   832  C CZ2 . TRP A 1 108 ? 1.851   -2.134  -2.788  1.00 12.52 ? 108 TRP A CZ2 1 
ATOM   833  C CZ3 . TRP A 1 108 ? 2.536   -1.790  -5.100  1.00 14.43 ? 108 TRP A CZ3 1 
ATOM   834  C CH2 . TRP A 1 108 ? 2.852   -1.920  -3.732  1.00 15.49 ? 108 TRP A CH2 1 
ATOM   835  N N   . VAL A 1 109 ? -4.501  -4.339  -7.240  1.00 15.29 ? 109 VAL A N   1 
ATOM   836  C CA  . VAL A 1 109 ? -5.728  -4.344  -8.045  1.00 21.54 ? 109 VAL A CA  1 
ATOM   837  C C   . VAL A 1 109 ? -6.325  -2.931  -8.123  1.00 23.06 ? 109 VAL A C   1 
ATOM   838  O O   . VAL A 1 109 ? -6.709  -2.509  -9.241  1.00 19.01 ? 109 VAL A O   1 
ATOM   839  C CB  . VAL A 1 109 ? -6.747  -5.387  -7.514  1.00 20.10 ? 109 VAL A CB  1 
ATOM   840  C CG1 . VAL A 1 109 ? -7.953  -5.472  -8.476  1.00 22.23 ? 109 VAL A CG1 1 
ATOM   841  C CG2 . VAL A 1 109 ? -6.130  -6.724  -7.241  1.00 27.58 ? 109 VAL A CG2 1 
ATOM   842  N N   . ALA A 1 110 ? -6.453  -2.210  -7.017  1.00 20.17 ? 110 ALA A N   1 
ATOM   843  C CA  . ALA A 1 110 ? -7.076  -0.879  -7.003  1.00 19.37 ? 110 ALA A CA  1 
ATOM   844  C C   . ALA A 1 110 ? -6.289  0.088   -7.875  1.00 17.18 ? 110 ALA A C   1 
ATOM   845  O O   . ALA A 1 110 ? -7.037  0.922   -8.442  1.00 18.73 ? 110 ALA A O   1 
ATOM   846  C CB  . ALA A 1 110 ? -7.248  -0.283  -5.605  1.00 20.58 ? 110 ALA A CB  1 
ATOM   847  N N   . TRP A 1 111 ? -4.965  -0.030  -7.947  1.00 16.19 ? 111 TRP A N   1 
ATOM   848  C CA  . TRP A 1 111 ? -4.237  0.903   -8.834  1.00 12.35 ? 111 TRP A CA  1 
ATOM   849  C C   . TRP A 1 111 ? -4.651  0.629   -10.311 1.00 19.29 ? 111 TRP A C   1 
ATOM   850  O O   . TRP A 1 111 ? -4.910  1.559   -11.096 1.00 18.58 ? 111 TRP A O   1 
ATOM   851  C CB  . TRP A 1 111 ? -2.726  0.843   -8.599  1.00 13.53 ? 111 TRP A CB  1 
ATOM   852  C CG  . TRP A 1 111 ? -1.965  1.785   -9.486  1.00 14.55 ? 111 TRP A CG  1 
ATOM   853  C CD1 . TRP A 1 111 ? -1.611  3.097   -9.233  1.00 14.98 ? 111 TRP A CD1 1 
ATOM   854  C CD2 . TRP A 1 111 ? -1.459  1.462   -10.799 1.00 15.96 ? 111 TRP A CD2 1 
ATOM   855  N NE1 . TRP A 1 111 ? -0.924  3.591   -10.299 1.00 14.19 ? 111 TRP A NE1 1 
ATOM   856  C CE2 . TRP A 1 111 ? -0.830  2.631   -11.280 1.00 20.11 ? 111 TRP A CE2 1 
ATOM   857  C CE3 . TRP A 1 111 ? -1.509  0.297   -11.573 1.00 16.50 ? 111 TRP A CE3 1 
ATOM   858  C CZ2 . TRP A 1 111 ? -0.255  2.701   -12.554 1.00 15.26 ? 111 TRP A CZ2 1 
ATOM   859  C CZ3 . TRP A 1 111 ? -0.905  0.353   -12.821 1.00 18.55 ? 111 TRP A CZ3 1 
ATOM   860  C CH2 . TRP A 1 111 ? -0.283  1.511   -13.288 1.00 18.44 ? 111 TRP A CH2 1 
ATOM   861  N N   . ARG A 1 112 ? -4.635  -0.629  -10.720 1.00 16.92 ? 112 ARG A N   1 
ATOM   862  C CA  . ARG A 1 112 ? -4.977  -1.082  -12.080 1.00 20.82 ? 112 ARG A CA  1 
ATOM   863  C C   . ARG A 1 112 ? -6.332  -0.559  -12.511 1.00 20.44 ? 112 ARG A C   1 
ATOM   864  O O   . ARG A 1 112 ? -6.518  -0.024  -13.605 1.00 17.20 ? 112 ARG A O   1 
ATOM   865  C CB  . ARG A 1 112 ? -4.962  -2.633  -12.220 1.00 12.95 ? 112 ARG A CB  1 
ATOM   866  C CG  . ARG A 1 112 ? -3.485  -3.080  -12.158 1.00 14.66 ? 112 ARG A CG  1 
ATOM   867  C CD  . ARG A 1 112 ? -3.192  -4.350  -12.893 1.00 18.96 ? 112 ARG A CD  1 
ATOM   868  N NE  . ARG A 1 112 ? -4.198  -5.350  -12.686 1.00 26.26 ? 112 ARG A NE  1 
ATOM   869  C CZ  . ARG A 1 112 ? -4.377  -6.185  -11.685 1.00 31.02 ? 112 ARG A CZ  1 
ATOM   870  N NH1 . ARG A 1 112 ? -3.493  -6.287  -10.694 1.00 21.48 ? 112 ARG A NH1 1 
ATOM   871  N NH2 . ARG A 1 112 ? -5.423  -6.985  -11.610 1.00 23.55 ? 112 ARG A NH2 1 
ATOM   872  N N   . LEU A 1 113 ? -7.221  -0.657  -11.527 1.00 18.45 ? 113 LEU A N   1 
ATOM   873  C CA  . LEU A 1 113 ? -8.615  -0.323  -11.728 1.00 25.99 ? 113 LEU A CA  1 
ATOM   874  C C   . LEU A 1 113 ? -8.913  1.191   -11.715 1.00 31.44 ? 113 LEU A C   1 
ATOM   875  O O   . LEU A 1 113 ? -9.533  1.720   -12.646 1.00 23.75 ? 113 LEU A O   1 
ATOM   876  C CB  . LEU A 1 113 ? -9.468  -0.995  -10.669 1.00 19.39 ? 113 LEU A CB  1 
ATOM   877  C CG  . LEU A 1 113 ? -10.727 -1.577  -11.288 1.00 47.96 ? 113 LEU A CG  1 
ATOM   878  C CD1 . LEU A 1 113 ? -10.436 -2.505  -12.472 1.00 20.00 ? 113 LEU A CD1 1 
ATOM   879  C CD2 . LEU A 1 113 ? -11.559 -2.392  -10.310 1.00 20.00 ? 113 LEU A CD2 1 
ATOM   880  N N   . HIS A 1 114 ? -8.590  1.913   -10.652 1.00 22.13 ? 114 HIS A N   1 
ATOM   881  C CA  . HIS A 1 114 ? -8.862  3.345   -10.534 1.00 19.41 ? 114 HIS A CA  1 
ATOM   882  C C   . HIS A 1 114 ? -7.765  4.378   -10.753 1.00 17.65 ? 114 HIS A C   1 
ATOM   883  O O   . HIS A 1 114 ? -8.169  5.557   -10.786 1.00 27.42 ? 114 HIS A O   1 
ATOM   884  C CB  . HIS A 1 114 ? -9.336  3.641   -9.085  1.00 15.20 ? 114 HIS A CB  1 
ATOM   885  C CG  . HIS A 1 114 ? -10.516 2.784   -8.797  1.00 20.23 ? 114 HIS A CG  1 
ATOM   886  N ND1 . HIS A 1 114 ? -10.358 1.672   -7.986  1.00 31.86 ? 114 HIS A ND1 1 
ATOM   887  C CD2 . HIS A 1 114 ? -11.822 2.890   -9.146  1.00 21.43 ? 114 HIS A CD2 1 
ATOM   888  C CE1 . HIS A 1 114 ? -11.533 1.084   -7.847  1.00 21.45 ? 114 HIS A CE1 1 
ATOM   889  N NE2 . HIS A 1 114 ? -12.406 1.822   -8.521  1.00 25.18 ? 114 HIS A NE2 1 
ATOM   890  N N   . CYS A 1 115 ? -6.522  4.007   -10.912 1.00 20.67 ? 115 CYS A N   1 
ATOM   891  C CA  . CYS A 1 115 ? -5.475  4.980   -11.062 1.00 19.68 ? 115 CYS A CA  1 
ATOM   892  C C   . CYS A 1 115 ? -4.707  4.901   -12.354 1.00 15.99 ? 115 CYS A C   1 
ATOM   893  O O   . CYS A 1 115 ? -4.250  5.985   -12.773 1.00 21.86 ? 115 CYS A O   1 
ATOM   894  C CB  . CYS A 1 115 ? -4.439  4.798   -9.913  1.00 18.67 ? 115 CYS A CB  1 
ATOM   895  S SG  . CYS A 1 115 ? -5.247  4.657   -8.273  1.00 19.60 ? 115 CYS A SG  1 
ATOM   896  N N   . GLN A 1 116 ? -4.503  3.691   -12.843 1.00 15.01 ? 116 GLN A N   1 
ATOM   897  C CA  . GLN A 1 116 ? -3.723  3.529   -14.087 1.00 23.86 ? 116 GLN A CA  1 
ATOM   898  C C   . GLN A 1 116 ? -4.308  4.367   -15.232 1.00 27.48 ? 116 GLN A C   1 
ATOM   899  O O   . GLN A 1 116 ? -5.543  4.356   -15.420 1.00 24.50 ? 116 GLN A O   1 
ATOM   900  C CB  . GLN A 1 116 ? -3.711  2.071   -14.474 1.00 13.47 ? 116 GLN A CB  1 
ATOM   901  C CG  . GLN A 1 116 ? -3.047  1.801   -15.801 1.00 16.62 ? 116 GLN A CG  1 
ATOM   902  C CD  . GLN A 1 116 ? -2.758  0.333   -16.010 1.00 22.39 ? 116 GLN A CD  1 
ATOM   903  O OE1 . GLN A 1 116 ? -1.751  -0.002  -16.631 1.00 29.30 ? 116 GLN A OE1 1 
ATOM   904  N NE2 . GLN A 1 116 ? -3.594  -0.586  -15.519 1.00 16.00 ? 116 GLN A NE2 1 
ATOM   905  N N   . ASN A 1 117 ? -3.468  5.093   -15.955 1.00 28.23 ? 117 ASN A N   1 
ATOM   906  C CA  . ASN A 1 117 ? -3.965  5.913   -17.090 1.00 42.50 ? 117 ASN A CA  1 
ATOM   907  C C   . ASN A 1 117 ? -4.913  7.062   -16.738 1.00 61.43 ? 117 ASN A C   1 
ATOM   908  O O   . ASN A 1 117 ? -5.557  7.646   -17.641 1.00 42.87 ? 117 ASN A O   1 
ATOM   909  C CB  . ASN A 1 117 ? -4.669  4.998   -18.123 1.00 33.32 ? 117 ASN A CB  1 
ATOM   910  C CG  . ASN A 1 117 ? -3.799  3.942   -18.774 1.00 31.33 ? 117 ASN A CG  1 
ATOM   911  O OD1 . ASN A 1 117 ? -2.582  4.122   -19.013 1.00 37.02 ? 117 ASN A OD1 1 
ATOM   912  N ND2 . ASN A 1 117 ? -4.419  2.789   -19.062 1.00 33.22 ? 117 ASN A ND2 1 
ATOM   913  N N   . GLN A 1 118 ? -5.072  7.425   -15.491 1.00 35.07 ? 118 GLN A N   1 
ATOM   914  C CA  . GLN A 1 118 ? -5.928  8.496   -14.998 1.00 29.48 ? 118 GLN A CA  1 
ATOM   915  C C   . GLN A 1 118 ? -5.180  9.799   -14.703 1.00 33.01 ? 118 GLN A C   1 
ATOM   916  O O   . GLN A 1 118 ? -3.946  9.806   -14.603 1.00 27.85 ? 118 GLN A O   1 
ATOM   917  C CB  . GLN A 1 118 ? -6.631  8.191   -13.651 1.00 30.27 ? 118 GLN A CB  1 
ATOM   918  C CG  . GLN A 1 118 ? -7.511  6.967   -13.901 1.00 36.63 ? 118 GLN A CG  1 
ATOM   919  C CD  . GLN A 1 118 ? -8.797  7.447   -14.538 1.00 75.43 ? 118 GLN A CD  1 
ATOM   920  O OE1 . GLN A 1 118 ? -8.894  8.574   -15.026 1.00 76.43 ? 118 GLN A OE1 1 
ATOM   921  N NE2 . GLN A 1 118 ? -9.728  6.505   -14.441 1.00 73.90 ? 118 GLN A NE2 1 
ATOM   922  N N   . ASP A 1 119 ? -6.016  10.819  -14.516 1.00 33.91 ? 119 ASP A N   1 
ATOM   923  C CA  . ASP A 1 119 ? -5.359  12.112  -14.147 1.00 39.09 ? 119 ASP A CA  1 
ATOM   924  C C   . ASP A 1 119 ? -5.373  12.053  -12.606 1.00 21.68 ? 119 ASP A C   1 
ATOM   925  O O   . ASP A 1 119 ? -6.425  12.012  -11.927 1.00 31.47 ? 119 ASP A O   1 
ATOM   926  C CB  . ASP A 1 119 ? -5.990  13.309  -14.846 1.00 44.22 ? 119 ASP A CB  1 
ATOM   927  C CG  . ASP A 1 119 ? -5.082  14.531  -14.633 1.00 81.11 ? 119 ASP A CG  1 
ATOM   928  O OD1 . ASP A 1 119 ? -4.099  14.750  -15.378 1.00 69.69 ? 119 ASP A OD1 1 
ATOM   929  O OD2 . ASP A 1 119 ? -5.343  15.276  -13.672 1.00 71.31 ? 119 ASP A OD2 1 
ATOM   930  N N   . LEU A 1 120 ? -4.167  11.979  -12.049 1.00 30.47 ? 120 LEU A N   1 
ATOM   931  C CA  . LEU A 1 120 ? -4.058  11.857  -10.565 1.00 24.47 ? 120 LEU A CA  1 
ATOM   932  C C   . LEU A 1 120 ? -3.729  13.145  -9.827  1.00 35.50 ? 120 LEU A C   1 
ATOM   933  O O   . LEU A 1 120 ? -3.425  13.142  -8.614  1.00 23.43 ? 120 LEU A O   1 
ATOM   934  C CB  . LEU A 1 120 ? -3.027  10.734  -10.385 1.00 19.87 ? 120 LEU A CB  1 
ATOM   935  C CG  . LEU A 1 120 ? -3.245  9.380   -11.009 1.00 18.37 ? 120 LEU A CG  1 
ATOM   936  C CD1 . LEU A 1 120 ? -2.238  8.371   -10.473 1.00 23.47 ? 120 LEU A CD1 1 
ATOM   937  C CD2 . LEU A 1 120 ? -4.619  8.819   -10.670 1.00 16.15 ? 120 LEU A CD2 1 
ATOM   938  N N   . ARG A 1 121 ? -3.802  14.262  -10.538 1.00 26.13 ? 121 ARG A N   1 
ATOM   939  C CA  . ARG A 1 121 ? -3.494  15.597  -10.006 1.00 43.70 ? 121 ARG A CA  1 
ATOM   940  C C   . ARG A 1 121 ? -4.273  15.888  -8.729  1.00 36.20 ? 121 ARG A C   1 
ATOM   941  O O   . ARG A 1 121 ? -3.752  16.441  -7.741  1.00 31.75 ? 121 ARG A O   1 
ATOM   942  C CB  . ARG A 1 121 ? -3.753  16.695  -11.056 1.00 35.99 ? 121 ARG A CB  1 
ATOM   943  C CG  . ARG A 1 121 ? -2.440  17.255  -11.616 1.00 63.53 ? 121 ARG A CG  1 
ATOM   944  C CD  . ARG A 1 121 ? -1.508  17.771  -10.561 1.00 76.01 ? 121 ARG A CD  1 
ATOM   945  N NE  . ARG A 1 121 ? -0.558  18.814  -10.909 1.00 81.11 ? 121 ARG A NE  1 
ATOM   946  C CZ  . ARG A 1 121 ? -0.667  20.123  -11.138 1.00 81.11 ? 121 ARG A CZ  1 
ATOM   947  N NH1 . ARG A 1 121 ? -1.804  20.793  -11.370 1.00 76.93 ? 121 ARG A NH1 1 
ATOM   948  N NH2 . ARG A 1 121 ? 0.457   20.861  -11.142 1.00 78.66 ? 121 ARG A NH2 1 
ATOM   949  N N   . SER A 1 122 ? -5.536  15.514  -8.796  1.00 19.19 ? 122 SER A N   1 
ATOM   950  C CA  . SER A 1 122 ? -6.419  15.710  -7.665  1.00 22.31 ? 122 SER A CA  1 
ATOM   951  C C   . SER A 1 122 ? -5.968  15.026  -6.375  1.00 38.34 ? 122 SER A C   1 
ATOM   952  O O   . SER A 1 122 ? -6.386  15.526  -5.298  1.00 25.91 ? 122 SER A O   1 
ATOM   953  C CB  . SER A 1 122 ? -7.801  15.175  -8.023  1.00 33.09 ? 122 SER A CB  1 
ATOM   954  O OG  . SER A 1 122 ? -7.652  13.846  -8.505  1.00 60.31 ? 122 SER A OG  1 
ATOM   955  N N   . TYR A 1 123 ? -5.227  13.933  -6.445  1.00 33.97 ? 123 TYR A N   1 
ATOM   956  C CA  . TYR A 1 123 ? -4.845  13.244  -5.189  1.00 26.12 ? 123 TYR A CA  1 
ATOM   957  C C   . TYR A 1 123 ? -3.866  14.061  -4.353  1.00 14.78 ? 123 TYR A C   1 
ATOM   958  O O   . TYR A 1 123 ? -3.880  13.791  -3.139  1.00 22.61 ? 123 TYR A O   1 
ATOM   959  C CB  . TYR A 1 123 ? -4.311  11.812  -5.461  1.00 17.69 ? 123 TYR A CB  1 
ATOM   960  C CG  . TYR A 1 123 ? -5.483  10.984  -5.950  1.00 20.04 ? 123 TYR A CG  1 
ATOM   961  C CD1 . TYR A 1 123 ? -6.367  10.390  -5.069  1.00 15.21 ? 123 TYR A CD1 1 
ATOM   962  C CD2 . TYR A 1 123 ? -5.731  10.846  -7.320  1.00 25.16 ? 123 TYR A CD2 1 
ATOM   963  C CE1 . TYR A 1 123 ? -7.460  9.635   -5.526  1.00 15.03 ? 123 TYR A CE1 1 
ATOM   964  C CE2 . TYR A 1 123 ? -6.786  10.082  -7.781  1.00 17.95 ? 123 TYR A CE2 1 
ATOM   965  C CZ  . TYR A 1 123 ? -7.671  9.481   -6.889  1.00 16.94 ? 123 TYR A CZ  1 
ATOM   966  O OH  . TYR A 1 123 ? -8.749  8.723   -7.295  1.00 19.62 ? 123 TYR A OH  1 
ATOM   967  N N   . VAL A 1 124 ? -3.110  14.955  -4.936  1.00 18.45 ? 124 VAL A N   1 
ATOM   968  C CA  . VAL A 1 124 ? -2.140  15.760  -4.131  1.00 21.35 ? 124 VAL A CA  1 
ATOM   969  C C   . VAL A 1 124 ? -2.444  17.261  -4.136  1.00 20.96 ? 124 VAL A C   1 
ATOM   970  O O   . VAL A 1 124 ? -1.760  18.053  -3.508  1.00 22.36 ? 124 VAL A O   1 
ATOM   971  C CB  . VAL A 1 124 ? -0.733  15.417  -4.621  1.00 23.47 ? 124 VAL A CB  1 
ATOM   972  C CG1 . VAL A 1 124 ? -0.471  13.964  -4.268  1.00 26.40 ? 124 VAL A CG1 1 
ATOM   973  C CG2 . VAL A 1 124 ? -0.545  15.710  -6.095  1.00 30.60 ? 124 VAL A CG2 1 
ATOM   974  N N   . ALA A 1 125 ? -3.525  17.658  -4.773  1.00 25.88 ? 125 ALA A N   1 
ATOM   975  C CA  . ALA A 1 125 ? -3.994  19.024  -4.860  1.00 32.41 ? 125 ALA A CA  1 
ATOM   976  C C   . ALA A 1 125 ? -4.279  19.552  -3.450  1.00 21.27 ? 125 ALA A C   1 
ATOM   977  O O   . ALA A 1 125 ? -4.988  18.960  -2.627  1.00 27.19 ? 125 ALA A O   1 
ATOM   978  C CB  . ALA A 1 125 ? -5.260  19.160  -5.683  1.00 38.08 ? 125 ALA A CB  1 
ATOM   979  N N   . GLY A 1 126 ? -3.668  20.713  -3.273  1.00 29.73 ? 126 GLY A N   1 
ATOM   980  C CA  . GLY A 1 126 ? -3.769  21.461  -2.013  1.00 16.76 ? 126 GLY A CA  1 
ATOM   981  C C   . GLY A 1 126 ? -2.833  20.931  -0.915  1.00 18.63 ? 126 GLY A C   1 
ATOM   982  O O   . GLY A 1 126 ? -3.060  21.445  0.190   1.00 24.95 ? 126 GLY A O   1 
ATOM   983  N N   . CYS A 1 127 ? -1.927  20.000  -1.175  1.00 23.65 ? 127 CYS A N   1 
ATOM   984  C CA  . CYS A 1 127 ? -1.138  19.420  -0.079  1.00 15.47 ? 127 CYS A CA  1 
ATOM   985  C C   . CYS A 1 127 ? 0.148   20.181  0.182   1.00 15.28 ? 127 CYS A C   1 
ATOM   986  O O   . CYS A 1 127 ? 0.724   19.966  1.249   1.00 23.63 ? 127 CYS A O   1 
ATOM   987  C CB  . CYS A 1 127 ? -0.893  17.927  -0.389  1.00 19.93 ? 127 CYS A CB  1 
ATOM   988  S SG  . CYS A 1 127 ? -2.425  16.957  -0.418  1.00 22.03 ? 127 CYS A SG  1 
ATOM   989  N N   . GLY A 1 128 ? 0.501   20.961  -0.813  1.00 23.38 ? 128 GLY A N   1 
ATOM   990  C CA  . GLY A 1 128 ? 1.713   21.785  -0.804  1.00 18.57 ? 128 GLY A CA  1 
ATOM   991  C C   . GLY A 1 128 ? 2.976   20.951  -0.805  1.00 22.84 ? 128 GLY A C   1 
ATOM   992  O O   . GLY A 1 128 ? 3.955   21.316  -0.161  1.00 28.45 ? 128 GLY A O   1 
ATOM   993  N N   . VAL A 1 129 ? 3.058   19.822  -1.444  1.00 25.27 ? 129 VAL A N   1 
ATOM   994  C CA  . VAL A 1 129 ? 4.162   18.869  -1.582  1.00 23.88 ? 129 VAL A CA  1 
ATOM   995  C C   . VAL A 1 129 ? 4.141   18.459  -3.093  1.00 37.06 ? 129 VAL A C   1 
ATOM   996  O O   . VAL A 1 129 ? 5.303   18.498  -3.569  1.00 43.88 ? 129 VAL A O   1 
ATOM   997  C CB  . VAL A 1 129 ? 4.131   17.660  -0.638  1.00 30.64 ? 129 VAL A CB  1 
ATOM   998  C CG1 . VAL A 1 129 ? 4.039   17.993  0.841   1.00 34.41 ? 129 VAL A CG1 1 
ATOM   999  C CG2 . VAL A 1 129 ? 2.988   16.683  -0.957  1.00 30.19 ? 129 VAL A CG2 1 
HETATM 1000 C C1  . NDG B 2 .   ? -6.894  -8.192  -3.095  1.00 29.15 ? 1   NDG B C1  1 
HETATM 1001 C C2  . NDG B 2 .   ? -6.597  -8.649  -4.536  1.00 28.47 ? 1   NDG B C2  1 
HETATM 1002 C C3  . NDG B 2 .   ? -5.186  -9.235  -4.629  1.00 33.80 ? 1   NDG B C3  1 
HETATM 1003 C C4  . NDG B 2 .   ? -4.082  -8.310  -4.096  1.00 33.06 ? 1   NDG B C4  1 
HETATM 1004 C C5  . NDG B 2 .   ? -4.413  -7.470  -2.842  1.00 33.05 ? 1   NDG B C5  1 
HETATM 1005 C C6  . NDG B 2 .   ? -3.909  -6.084  -3.151  1.00 28.22 ? 1   NDG B C6  1 
HETATM 1006 C C7  . NDG B 2 .   ? -8.031  -10.298 -5.537  1.00 34.25 ? 1   NDG B C7  1 
HETATM 1007 C C8  . NDG B 2 .   ? -8.087  -9.444  -6.842  1.00 34.25 ? 1   NDG B C8  1 
HETATM 1008 O O5  . NDG B 2 .   ? -5.846  -7.257  -2.656  1.00 34.25 ? 1   NDG B O5  1 
HETATM 1009 O O3  . NDG B 2 .   ? -4.847  -9.824  -5.916  1.00 32.94 ? 1   NDG B O3  1 
HETATM 1010 O O4  . NDG B 2 .   ? -2.929  -9.127  -3.738  1.00 26.50 ? 1   NDG B O4  1 
HETATM 1011 O O6  . NDG B 2 .   ? -4.342  -5.558  -4.441  1.00 25.99 ? 1   NDG B O6  1 
HETATM 1012 O O7  . NDG B 2 .   ? -8.906  -11.269 -5.532  1.00 34.25 ? 1   NDG B O7  1 
HETATM 1013 N N2  . NDG B 2 .   ? -7.180  -10.081 -4.465  1.00 34.25 ? 1   NDG B N2  1 
HETATM 1014 O O1  . NDG B 2 .   ? -6.916  -9.187  -2.464  1.00 20.00 ? 1   NDG B O1  1 
HETATM 1015 C C1  . NAG B 2 .   ? -2.344  -9.157  -5.019  1.00 24.56 ? 2   NAG B C1  1 
HETATM 1016 C C2  . NAG B 2 .   ? -0.864  -8.772  -4.606  1.00 30.33 ? 2   NAG B C2  1 
HETATM 1017 C C3  . NAG B 2 .   ? 0.102   -9.350  -5.636  1.00 13.79 ? 2   NAG B C3  1 
HETATM 1018 C C4  . NAG B 2 .   ? -0.182  -10.872 -6.063  1.00 16.75 ? 2   NAG B C4  1 
HETATM 1019 C C5  . NAG B 2 .   ? -1.674  -11.087 -6.292  1.00 32.65 ? 2   NAG B C5  1 
HETATM 1020 C C6  . NAG B 2 .   ? -2.045  -12.517 -6.381  1.00 38.78 ? 2   NAG B C6  1 
HETATM 1021 C C7  . NAG B 2 .   ? -0.318  -7.323  -2.945  1.00 12.52 ? 2   NAG B C7  1 
HETATM 1022 C C8  . NAG B 2 .   ? -0.335  -5.794  -3.054  1.00 12.39 ? 2   NAG B C8  1 
HETATM 1023 N N2  . NAG B 2 .   ? -0.620  -7.756  -4.187  1.00 17.85 ? 2   NAG B N2  1 
HETATM 1024 O O3  . NAG B 2 .   ? 1.466   -9.429  -5.209  1.00 15.77 ? 2   NAG B O3  1 
HETATM 1025 O O4  . NAG B 2 .   ? 0.585   -11.066 -7.274  1.00 17.85 ? 2   NAG B O4  1 
HETATM 1026 O O5  . NAG B 2 .   ? -2.395  -10.629 -5.121  1.00 20.51 ? 2   NAG B O5  1 
HETATM 1027 O O6  . NAG B 2 .   ? -1.519  -13.364 -5.388  1.00 56.49 ? 2   NAG B O6  1 
HETATM 1028 O O7  . NAG B 2 .   ? -0.097  -7.752  -1.795  1.00 16.98 ? 2   NAG B O7  1 
HETATM 1029 C C1  . NAG B 2 .   ? 1.472   -12.137 -7.228  1.00 16.35 ? 3   NAG B C1  1 
HETATM 1030 C C2  . NAG B 2 .   ? 1.716   -12.744 -8.651  1.00 49.86 ? 3   NAG B C2  1 
HETATM 1031 C C3  . NAG B 2 .   ? 3.002   -13.585 -8.717  1.00 29.37 ? 3   NAG B C3  1 
HETATM 1032 C C4  . NAG B 2 .   ? 4.266   -12.887 -8.028  1.00 20.77 ? 3   NAG B C4  1 
HETATM 1033 C C5  . NAG B 2 .   ? 3.837   -12.392 -6.645  1.00 22.06 ? 3   NAG B C5  1 
HETATM 1034 C C6  . NAG B 2 .   ? 4.828   -11.526 -6.018  1.00 18.57 ? 3   NAG B C6  1 
HETATM 1035 C C7  . NAG B 2 .   ? 0.169   -12.601 -10.080 1.00 25.62 ? 3   NAG B C7  1 
HETATM 1036 C C8  . NAG B 2 .   ? -0.807  -13.693 -10.560 1.00 42.60 ? 3   NAG B C8  1 
HETATM 1037 N N2  . NAG B 2 .   ? 0.750   -13.258 -9.060  1.00 42.79 ? 3   NAG B N2  1 
HETATM 1038 O O3  . NAG B 2 .   ? 3.533   -13.663 -10.081 1.00 46.30 ? 3   NAG B O3  1 
HETATM 1039 O O4  . NAG B 2 .   ? 5.423   -13.732 -8.099  1.00 26.43 ? 3   NAG B O4  1 
HETATM 1040 O O5  . NAG B 2 .   ? 2.660   -11.568 -6.684  1.00 20.34 ? 3   NAG B O5  1 
HETATM 1041 O O6  . NAG B 2 .   ? 5.337   -10.537 -6.843  1.00 21.58 ? 3   NAG B O6  1 
HETATM 1042 O O7  . NAG B 2 .   ? 0.242   -11.504 -10.685 1.00 58.35 ? 3   NAG B O7  1 
HETATM 1043 O O   . HOH C 3 .   ? 9.631   5.667   6.992   1.00 44.26 ? 133 HOH A O   1 
HETATM 1044 O O   . HOH C 3 .   ? -9.018  10.553  -11.531 1.00 44.45 ? 134 HOH A O   1 
HETATM 1045 O O   . HOH C 3 .   ? -8.825  8.049   -10.266 1.00 42.75 ? 135 HOH A O   1 
HETATM 1046 O O   . HOH C 3 .   ? 4.660   7.788   -12.422 1.00 30.11 ? 136 HOH A O   1 
HETATM 1047 O O   . HOH C 3 .   ? -11.540 7.938   0.939   1.00 46.64 ? 137 HOH A O   1 
HETATM 1048 O O   . HOH C 3 .   ? -9.296  10.506  5.288   1.00 30.46 ? 138 HOH A O   1 
HETATM 1049 O O   . HOH C 3 .   ? -11.098 7.940   4.634   1.00 36.19 ? 139 HOH A O   1 
HETATM 1050 O O   . HOH C 3 .   ? -0.560  1.976   16.686  1.00 37.55 ? 140 HOH A O   1 
HETATM 1051 O O   . HOH C 3 .   ? 2.174   3.031   15.659  1.00 29.57 ? 141 HOH A O   1 
HETATM 1052 O O   . HOH C 3 .   ? -8.181  -5.796  -0.505  1.00 35.20 ? 142 HOH A O   1 
HETATM 1053 O O   . HOH C 3 .   ? -10.980 -9.026  8.084   1.00 35.88 ? 143 HOH A O   1 
HETATM 1054 O O   . HOH C 3 .   ? -0.647  0.154   6.734   1.00 18.60 ? 144 HOH A O   1 
HETATM 1055 O O   . HOH C 3 .   ? 0.931   0.990   8.767   1.00 18.50 ? 145 HOH A O   1 
HETATM 1056 O O   . HOH C 3 .   ? 3.487   -0.026  9.373   1.00 18.21 ? 146 HOH A O   1 
HETATM 1057 O O   . HOH C 3 .   ? 6.062   0.660   11.468  1.00 26.37 ? 147 HOH A O   1 
HETATM 1058 O O   . HOH C 3 .   ? 4.689   -1.419  12.576  1.00 24.59 ? 148 HOH A O   1 
HETATM 1059 O O   . HOH C 3 .   ? -6.474  -12.595 -3.279  1.00 38.25 ? 149 HOH A O   1 
HETATM 1060 O O   . HOH C 3 .   ? -3.371  -14.039 -2.848  1.00 30.84 ? 150 HOH A O   1 
HETATM 1061 O O   . HOH C 3 .   ? 1.414   -8.933  -9.304  1.00 28.50 ? 151 HOH A O   1 
HETATM 1062 O O   . HOH C 3 .   ? 3.871   -8.686  -7.723  1.00 23.29 ? 152 HOH A O   1 
HETATM 1063 O O   . HOH C 3 .   ? 5.710   -9.438  -10.195 1.00 19.80 ? 153 HOH A O   1 
HETATM 1064 O O   . HOH C 3 .   ? 4.886   -6.279  -7.986  1.00 17.44 ? 154 HOH A O   1 
HETATM 1065 O O   . HOH C 3 .   ? -3.470  -19.053 -0.240  1.00 42.57 ? 155 HOH A O   1 
HETATM 1066 O O   . HOH C 3 .   ? 0.541   -18.150 7.017   1.00 26.40 ? 156 HOH A O   1 
HETATM 1067 O O   . HOH C 3 .   ? 0.800   -15.709 6.041   1.00 25.04 ? 157 HOH A O   1 
HETATM 1068 O O   . HOH C 3 .   ? -7.998  -17.330 7.023   1.00 34.74 ? 158 HOH A O   1 
HETATM 1069 O O   . HOH C 3 .   ? -8.717  -17.125 11.939  1.00 59.34 ? 159 HOH A O   1 
HETATM 1070 O O   . HOH C 3 .   ? -5.997  -11.795 10.189  1.00 18.96 ? 160 HOH A O   1 
HETATM 1071 O O   . HOH C 3 .   ? -5.409  -14.799 6.251   1.00 16.49 ? 161 HOH A O   1 
HETATM 1072 O O   . HOH C 3 .   ? 0.132   19.565  3.487   1.00 32.01 ? 162 HOH A O   1 
HETATM 1073 O O   . HOH C 3 .   ? 1.801   16.314  -9.754  1.00 73.43 ? 163 HOH A O   1 
HETATM 1074 O O   . HOH C 3 .   ? -10.078 -20.671 -3.516  1.00 60.64 ? 164 HOH A O   1 
HETATM 1075 O O   . HOH C 3 .   ? -0.245  -1.743  4.194   1.00 14.52 ? 165 HOH A O   1 
HETATM 1076 O O   . HOH C 3 .   ? 0.617   -15.293 13.870  1.00 16.68 ? 166 HOH A O   1 
HETATM 1077 O O   . HOH C 3 .   ? 1.695   -10.553 15.541  1.00 20.31 ? 167 HOH A O   1 
HETATM 1078 O O   . HOH C 3 .   ? 8.192   -12.652 10.315  1.00 37.46 ? 168 HOH A O   1 
HETATM 1079 O O   . HOH C 3 .   ? 3.221   -6.656  15.664  1.00 38.87 ? 169 HOH A O   1 
HETATM 1080 O O   . HOH C 3 .   ? -0.952  -5.018  15.559  1.00 42.71 ? 170 HOH A O   1 
HETATM 1081 O O   . HOH C 3 .   ? 10.397  -5.234  4.798   1.00 36.48 ? 171 HOH A O   1 
HETATM 1082 O O   . HOH C 3 .   ? 8.934   -3.838  6.265   1.00 34.07 ? 172 HOH A O   1 
HETATM 1083 O O   . HOH C 3 .   ? 12.155  -2.249  1.111   1.00 35.29 ? 173 HOH A O   1 
HETATM 1084 O O   . HOH C 3 .   ? 13.447  -1.604  -1.222  1.00 45.08 ? 174 HOH A O   1 
HETATM 1085 O O   . HOH C 3 .   ? 3.902   -18.321 15.202  1.00 30.77 ? 175 HOH A O   1 
HETATM 1086 O O   . HOH C 3 .   ? 2.253   -16.933 12.551  1.00 27.69 ? 176 HOH A O   1 
HETATM 1087 O O   . HOH C 3 .   ? 9.920   3.128   5.810   1.00 25.68 ? 177 HOH A O   1 
HETATM 1088 O O   . HOH C 3 .   ? 11.497  2.720   3.488   1.00 33.30 ? 178 HOH A O   1 
HETATM 1089 O O   . HOH C 3 .   ? 6.877   6.481   8.338   1.00 48.60 ? 179 HOH A O   1 
HETATM 1090 O O   . HOH C 3 .   ? 1.141   12.461  10.001  1.00 57.62 ? 180 HOH A O   1 
HETATM 1091 O O   . HOH C 3 .   ? 3.929   18.810  8.189   1.00 31.19 ? 181 HOH A O   1 
HETATM 1092 O O   . HOH C 3 .   ? 6.566   8.657   6.678   1.00 45.01 ? 182 HOH A O   1 
HETATM 1093 O O   . HOH C 3 .   ? 4.236   7.078   9.808   1.00 32.36 ? 183 HOH A O   1 
HETATM 1094 O O   . HOH C 3 .   ? 10.676  -4.306  8.037   1.00 42.21 ? 184 HOH A O   1 
HETATM 1095 O O   . HOH C 3 .   ? 10.370  -5.019  10.812  1.00 45.76 ? 185 HOH A O   1 
HETATM 1096 O O   . HOH C 3 .   ? 5.861   0.328   -11.279 1.00 26.08 ? 186 HOH A O   1 
HETATM 1097 O O   . HOH C 3 .   ? 13.367  -6.251  -12.228 1.00 31.43 ? 187 HOH A O   1 
HETATM 1098 O O   . HOH C 3 .   ? 8.578   -0.316  -11.207 1.00 37.20 ? 188 HOH A O   1 
HETATM 1099 O O   . HOH C 3 .   ? 11.066  -4.906  -12.163 1.00 61.06 ? 189 HOH A O   1 
HETATM 1100 O O   . HOH C 3 .   ? -0.598  -7.198  -12.376 1.00 51.70 ? 190 HOH A O   1 
HETATM 1101 O O   . HOH C 3 .   ? -0.675  4.742   -15.562 1.00 43.76 ? 191 HOH A O   1 
HETATM 1102 O O   . HOH C 3 .   ? -1.150  6.651   -13.293 1.00 41.14 ? 192 HOH A O   1 
HETATM 1103 O O   . HOH C 3 .   ? -2.318  1.005   -21.641 1.00 59.55 ? 193 HOH A O   1 
HETATM 1104 O O   . HOH C 3 .   ? 0.285   -3.183  -14.269 1.00 37.82 ? 194 HOH A O   1 
HETATM 1105 O O   . HOH C 3 .   ? -12.577 1.984   -15.933 1.00 51.27 ? 195 HOH A O   1 
HETATM 1106 O O   . HOH C 3 .   ? -6.867  8.595   -19.717 1.00 43.07 ? 196 HOH A O   1 
HETATM 1107 O O   . HOH C 3 .   ? -0.921  22.259  -4.049  1.00 49.70 ? 197 HOH A O   1 
HETATM 1108 O O   . HOH C 3 .   ? -0.034  24.618  -0.095  1.00 45.69 ? 198 HOH A O   1 
HETATM 1109 O O   . HOH C 3 .   ? -1.547  23.449  1.474   1.00 52.26 ? 199 HOH A O   1 
HETATM 1110 O O   . HOH C 3 .   ? -5.069  19.507  3.405   1.00 70.41 ? 200 HOH A O   1 
HETATM 1111 O O   . HOH C 3 .   ? -10.083 15.970  0.396   1.00 52.05 ? 201 HOH A O   1 
HETATM 1112 O O   . HOH C 3 .   ? 0.463   19.274  -3.758  1.00 50.90 ? 202 HOH A O   1 
HETATM 1113 O O   . HOH C 3 .   ? 0.549   2.139   -17.078 1.00 50.94 ? 203 HOH A O   1 
HETATM 1114 O O   . HOH C 3 .   ? -8.677  16.496  -4.517  1.00 55.90 ? 204 HOH A O   1 
HETATM 1115 O O   . HOH C 3 .   ? -5.912  11.200  11.954  1.00 55.54 ? 205 HOH A O   1 
HETATM 1116 O O   . HOH C 3 .   ? -3.332  13.775  13.402  1.00 67.16 ? 206 HOH A O   1 
HETATM 1117 O O   . HOH C 3 .   ? -13.050 7.701   8.883   1.00 57.98 ? 207 HOH A O   1 
HETATM 1118 O O   . HOH C 3 .   ? -12.548 -9.465  5.811   1.00 52.46 ? 208 HOH A O   1 
HETATM 1119 O O   . HOH C 3 .   ? -3.923  -20.516 12.838  1.00 43.30 ? 209 HOH A O   1 
HETATM 1120 O O   . HOH C 3 .   ? -12.371 -21.306 -1.688  1.00 54.13 ? 210 HOH A O   1 
HETATM 1121 O O   . HOH C 3 .   ? 8.325   -11.000 13.102  1.00 63.54 ? 211 HOH A O   1 
HETATM 1122 O O   . HOH C 3 .   ? 12.744  -9.786  -8.322  1.00 41.22 ? 212 HOH A O   1 
HETATM 1123 O O   . HOH C 3 .   ? -11.937 5.886   -10.193 1.00 48.32 ? 213 HOH A O   1 
HETATM 1124 O O   . HOH C 3 .   ? -15.377 -3.957  -13.480 1.00 73.45 ? 214 HOH A O   1 
HETATM 1125 O O   . HOH C 3 .   ? 6.234   -3.103  13.640  1.00 40.20 ? 215 HOH A O   1 
HETATM 1126 O O   . HOH C 3 .   ? -6.806  9.230   -22.639 1.00 44.94 ? 216 HOH A O   1 
HETATM 1127 O O   . HOH C 3 .   ? -12.913 5.913   0.545   1.00 51.62 ? 217 HOH A O   1 
HETATM 1128 O O   . HOH C 3 .   ? -0.003  -21.893 8.379   1.00 52.74 ? 218 HOH A O   1 
HETATM 1129 O O   . HOH C 3 .   ? 5.057   15.143  -6.370  1.00 63.43 ? 219 HOH A O   1 
HETATM 1130 O O   . HOH C 3 .   ? 7.097   -14.767 11.257  1.00 43.37 ? 220 HOH A O   1 
HETATM 1131 O O   . HOH C 3 .   ? 14.835  -5.039  -0.622  1.00 54.29 ? 221 HOH A O   1 
HETATM 1132 O O   . HOH C 3 .   ? -3.612  17.907  6.120   1.00 44.60 ? 222 HOH A O   1 
HETATM 1133 O O   . HOH C 3 .   ? -12.063 -5.564  2.997   1.00 38.89 ? 223 HOH A O   1 
HETATM 1134 O O   . HOH C 3 .   ? 3.858   -17.242 5.941   1.00 44.91 ? 224 HOH A O   1 
HETATM 1135 O O   . HOH C 3 .   ? 3.458   -14.805 3.238   1.00 40.70 ? 225 HOH A O   1 
HETATM 1136 O O   . HOH C 3 .   ? 12.951  1.973   7.068   1.00 49.23 ? 226 HOH A O   1 
HETATM 1137 O O   . HOH C 3 .   ? 7.184   -16.597 8.354   1.00 46.21 ? 227 HOH A O   1 
HETATM 1138 O O   . HOH C 3 .   ? 15.064  1.413   5.238   1.00 63.16 ? 228 HOH A O   1 
HETATM 1139 O O   . HOH C 3 .   ? 5.020   12.760  7.952   1.00 26.02 ? 229 HOH A O   1 
HETATM 1140 O O   . HOH C 3 .   ? 2.176   -0.451  -14.914 1.00 56.77 ? 230 HOH A O   1 
HETATM 1141 O O   . HOH C 3 .   ? -12.063 2.359   -1.170  1.00 58.72 ? 231 HOH A O   1 
HETATM 1142 O O   . HOH C 3 .   ? -2.348  12.220  -17.409 1.00 74.45 ? 232 HOH A O   1 
HETATM 1143 O O   . HOH C 3 .   ? -11.116 1.102   5.997   1.00 38.97 ? 233 HOH A O   1 
HETATM 1144 O O   . HOH C 3 .   ? -15.163 2.388   6.145   1.00 68.81 ? 234 HOH A O   1 
HETATM 1145 O O   . HOH C 3 .   ? -7.210  8.564   14.908  1.00 49.94 ? 235 HOH A O   1 
HETATM 1146 O O   . HOH C 3 .   ? -8.794  12.976  3.478   1.00 28.38 ? 236 HOH A O   1 
HETATM 1147 O O   . HOH C 3 .   ? -6.437  16.815  3.094   1.00 38.28 ? 237 HOH A O   1 
HETATM 1148 O O   . HOH C 3 .   ? 9.539   11.185  -1.791  1.00 17.78 ? 238 HOH A O   1 
HETATM 1149 O O   . HOH C 3 .   ? 2.659   -4.205  15.785  1.00 33.75 ? 239 HOH A O   1 
HETATM 1150 O O   . HOH C 3 .   ? 3.515   9.812   9.582   1.00 70.01 ? 240 HOH A O   1 
HETATM 1151 O O   . HOH C 3 .   ? -11.324 2.143   -19.308 1.00 29.81 ? 241 HOH A O   1 
HETATM 1152 O O   . HOH C 3 .   ? 7.403   -13.604 -9.450  1.00 46.20 ? 242 HOH A O   1 
HETATM 1153 O O   . HOH C 3 .   ? -10.061 -3.799  0.054   1.00 72.71 ? 243 HOH A O   1 
HETATM 1154 O O   . HOH C 3 .   ? -7.289  -4.687  -3.128  1.00 62.02 ? 244 HOH A O   1 
HETATM 1155 O O   . HOH C 3 .   ? 7.369   -14.675 -6.259  1.00 44.04 ? 245 HOH A O   1 
HETATM 1156 O O   . HOH C 3 .   ? 8.543   -12.863 -4.602  1.00 40.52 ? 246 HOH A O   1 
HETATM 1157 O O   . HOH C 3 .   ? 6.880   -15.663 -4.228  1.00 74.76 ? 247 HOH A O   1 
HETATM 1158 O O   . HOH C 3 .   ? 10.341  -16.780 -1.573  1.00 70.07 ? 248 HOH A O   1 
HETATM 1159 O O   . HOH C 3 .   ? -8.483  -6.177  -4.436  1.00 34.09 ? 249 HOH A O   1 
# 
